data_6K12
#
_entry.id   6K12
#
_cell.length_a   255.604
_cell.length_b   147.677
_cell.length_c   65.266
_cell.angle_alpha   90.000
_cell.angle_beta   90.010
_cell.angle_gamma   90.000
#
_symmetry.space_group_name_H-M   'C 1 2 1'
#
_entity_poly.entity_id   1
_entity_poly.type   'polypeptide(L)'
_entity_poly.pdbx_seq_one_letter_code
;MHSLKEEFLIRLTNEDLNASNKITVIGVGAVGMACAFSILNKELADELVLIDVVEDKLKGEMMDLQQGSLFLKTPNIIAG
KDYELTANSKLVVVTAGARQQEGESRLNLVQRNVNIFKFIIPNVVKYSPDCILLIVSNPVDILTYVAWKLSGFPLNRVIG
SGCNLDSARFRYLVSEMIGIHPSNFHGCILGEHGDSSVPILSGLNIAGMSIKNLHTDIDTVFIKDMCKDVHKKVTESAYE
IIKLKGYTSWAIGLSVGDLSCSLIKNLRKVHPVSTLVKGQFGIDNEVFLSVPCVLGRNGISEVFKPKLTVEEEQQLKNSA
ETIWNTQKDIQL
;
_entity_poly.pdbx_strand_id   A,B,C,D,E,F
#
# COMPACT_ATOMS: atom_id res chain seq x y z
N ASN A 21 8.09 -40.06 -50.02
CA ASN A 21 9.05 -39.57 -49.04
C ASN A 21 10.34 -39.12 -49.73
N LYS A 22 10.20 -38.29 -50.77
CA LYS A 22 11.34 -37.77 -51.51
C LYS A 22 11.84 -36.49 -50.87
N ILE A 23 13.17 -36.30 -50.88
CA ILE A 23 13.81 -35.10 -50.39
C ILE A 23 14.68 -34.53 -51.49
N THR A 24 14.60 -33.22 -51.68
CA THR A 24 15.41 -32.51 -52.66
C THR A 24 16.31 -31.53 -51.94
N VAL A 25 17.53 -31.38 -52.45
CA VAL A 25 18.52 -30.45 -51.91
C VAL A 25 19.02 -29.59 -53.07
N ILE A 26 18.63 -28.32 -53.07
CA ILE A 26 19.00 -27.41 -54.15
C ILE A 26 20.33 -26.75 -53.80
N GLY A 27 21.32 -26.98 -54.65
CA GLY A 27 22.67 -26.48 -54.42
C GLY A 27 23.59 -27.57 -53.94
N VAL A 28 24.51 -28.02 -54.80
CA VAL A 28 25.44 -29.08 -54.44
C VAL A 28 26.81 -28.50 -54.14
N GLY A 29 26.83 -27.44 -53.34
CA GLY A 29 28.07 -26.92 -52.78
C GLY A 29 28.33 -27.52 -51.42
N ALA A 30 29.31 -26.94 -50.73
CA ALA A 30 29.74 -27.49 -49.45
C ALA A 30 28.58 -27.61 -48.47
N VAL A 31 27.67 -26.64 -48.47
CA VAL A 31 26.51 -26.73 -47.58
C VAL A 31 25.60 -27.87 -48.01
N GLY A 32 25.15 -27.83 -49.27
CA GLY A 32 24.22 -28.86 -49.74
C GLY A 32 24.75 -30.26 -49.57
N MET A 33 26.00 -30.49 -49.96
CA MET A 33 26.59 -31.81 -49.80
C MET A 33 26.63 -32.22 -48.34
N ALA A 34 27.01 -31.30 -47.45
CA ALA A 34 27.01 -31.61 -46.03
C ALA A 34 25.59 -31.78 -45.50
N CYS A 35 24.63 -31.02 -46.03
CA CYS A 35 23.23 -31.28 -45.74
C CYS A 35 22.84 -32.67 -46.23
N ALA A 36 23.17 -32.98 -47.48
CA ALA A 36 22.74 -34.24 -48.08
C ALA A 36 23.42 -35.43 -47.42
N PHE A 37 24.70 -35.28 -47.04
CA PHE A 37 25.39 -36.36 -46.34
C PHE A 37 24.74 -36.64 -44.99
N SER A 38 24.27 -35.58 -44.31
CA SER A 38 23.60 -35.76 -43.03
C SER A 38 22.18 -36.28 -43.19
N ILE A 39 21.51 -35.94 -44.29
CA ILE A 39 20.20 -36.52 -44.56
C ILE A 39 20.34 -38.00 -44.91
N LEU A 40 21.45 -38.38 -45.55
CA LEU A 40 21.64 -39.78 -45.94
C LEU A 40 22.03 -40.64 -44.74
N ASN A 41 22.83 -40.11 -43.83
CA ASN A 41 23.26 -40.87 -42.66
C ASN A 41 22.16 -40.95 -41.61
N LYS A 42 20.89 -40.97 -42.06
CA LYS A 42 19.78 -40.87 -41.10
C LYS A 42 18.52 -41.62 -41.56
N GLU A 43 18.61 -42.52 -42.54
CA GLU A 43 17.47 -43.33 -42.96
C GLU A 43 16.40 -42.51 -43.68
N LEU A 44 16.54 -41.19 -43.68
CA LEU A 44 15.37 -40.32 -43.86
C LEU A 44 14.81 -40.37 -45.29
N ALA A 45 15.65 -40.64 -46.28
CA ALA A 45 15.26 -40.44 -47.68
C ALA A 45 14.97 -41.76 -48.37
N ASP A 46 13.81 -41.84 -49.02
CA ASP A 46 13.61 -42.84 -50.07
C ASP A 46 14.36 -42.44 -51.33
N GLU A 47 13.98 -41.29 -51.90
CA GLU A 47 14.69 -40.64 -52.98
C GLU A 47 15.41 -39.42 -52.45
N LEU A 48 16.56 -39.12 -53.05
CA LEU A 48 17.28 -37.89 -52.77
C LEU A 48 17.70 -37.26 -54.09
N VAL A 49 17.28 -36.02 -54.31
CA VAL A 49 17.58 -35.29 -55.54
C VAL A 49 18.53 -34.15 -55.19
N LEU A 50 19.60 -34.03 -55.97
CA LEU A 50 20.56 -32.94 -55.85
C LEU A 50 20.46 -32.06 -57.09
N ILE A 51 20.54 -30.75 -56.92
CA ILE A 51 20.30 -29.82 -58.02
C ILE A 51 21.27 -28.65 -57.94
N ASP A 52 21.74 -28.22 -59.12
CA ASP A 52 22.58 -27.04 -59.28
C ASP A 52 22.71 -26.76 -60.76
N VAL A 53 23.88 -26.32 -61.24
CA VAL A 53 24.00 -25.86 -62.61
C VAL A 53 25.21 -26.47 -63.32
N VAL A 54 26.26 -26.81 -62.58
CA VAL A 54 27.45 -27.41 -63.18
C VAL A 54 27.20 -28.91 -63.28
N GLU A 55 26.87 -29.38 -64.48
CA GLU A 55 26.55 -30.79 -64.68
C GLU A 55 27.70 -31.69 -64.27
N ASP A 56 28.93 -31.38 -64.72
CA ASP A 56 30.09 -32.19 -64.39
C ASP A 56 30.21 -32.44 -62.90
N LYS A 57 29.70 -31.52 -62.07
CA LYS A 57 29.82 -31.65 -60.62
C LYS A 57 28.65 -32.41 -60.02
N LEU A 58 27.42 -32.10 -60.46
CA LEU A 58 26.25 -32.82 -59.98
C LEU A 58 26.45 -34.33 -60.09
N LYS A 59 26.87 -34.80 -61.27
CA LYS A 59 27.07 -36.23 -61.47
C LYS A 59 28.18 -36.76 -60.58
N GLY A 60 29.34 -36.09 -60.60
CA GLY A 60 30.45 -36.52 -59.76
C GLY A 60 30.08 -36.62 -58.29
N GLU A 61 29.16 -35.77 -57.84
CA GLU A 61 28.74 -35.83 -56.44
C GLU A 61 27.77 -36.97 -56.18
N MET A 62 26.85 -37.22 -57.11
CA MET A 62 25.94 -38.35 -56.92
C MET A 62 26.66 -39.67 -57.08
N MET A 63 27.69 -39.73 -57.94
CA MET A 63 28.44 -40.96 -58.13
C MET A 63 29.32 -41.26 -56.93
N ASP A 64 29.83 -40.23 -56.25
CA ASP A 64 30.60 -40.45 -55.03
C ASP A 64 29.71 -40.93 -53.89
N LEU A 65 28.46 -40.45 -53.83
CA LEU A 65 27.55 -40.88 -52.78
C LEU A 65 27.08 -42.31 -53.00
N GLN A 66 26.86 -42.71 -54.25
CA GLN A 66 26.34 -44.04 -54.53
C GLN A 66 27.45 -45.07 -54.71
N GLN A 67 28.72 -44.67 -54.69
CA GLN A 67 29.81 -45.62 -54.57
C GLN A 67 29.95 -46.15 -53.15
N GLY A 68 29.39 -45.45 -52.16
CA GLY A 68 29.42 -45.90 -50.78
C GLY A 68 28.03 -46.22 -50.26
N SER A 69 27.16 -46.71 -51.14
CA SER A 69 25.77 -46.93 -50.75
C SER A 69 25.62 -48.01 -49.69
N LEU A 70 26.50 -49.02 -49.69
CA LEU A 70 26.39 -50.08 -48.71
C LEU A 70 26.45 -49.52 -47.29
N PHE A 71 27.23 -48.46 -47.08
CA PHE A 71 27.33 -47.83 -45.78
C PHE A 71 26.25 -46.79 -45.52
N LEU A 72 25.53 -46.37 -46.56
CA LEU A 72 24.38 -45.49 -46.40
C LEU A 72 23.10 -46.29 -46.56
N LYS A 73 22.03 -45.63 -47.00
CA LYS A 73 20.72 -46.25 -47.17
C LYS A 73 19.81 -45.48 -48.16
N THR A 74 20.11 -45.33 -49.48
CA THR A 74 19.22 -44.51 -50.30
C THR A 74 19.51 -44.54 -51.81
N ILE A 77 19.59 -42.17 -55.14
CA ILE A 77 20.19 -40.84 -55.29
C ILE A 77 20.08 -40.37 -56.73
N ILE A 78 19.72 -39.10 -56.90
CA ILE A 78 19.58 -38.43 -58.20
C ILE A 78 20.35 -37.11 -58.15
N ALA A 79 20.73 -36.65 -59.35
CA ALA A 79 21.38 -35.36 -59.53
C ALA A 79 21.12 -34.85 -60.93
N GLY A 80 21.08 -33.52 -61.08
CA GLY A 80 20.85 -32.93 -62.38
C GLY A 80 20.52 -31.45 -62.27
N LYS A 81 20.10 -30.89 -63.41
CA LYS A 81 19.81 -29.47 -63.52
C LYS A 81 18.33 -29.14 -63.68
N ASP A 82 17.57 -30.00 -64.35
CA ASP A 82 16.15 -29.73 -64.57
C ASP A 82 15.35 -30.05 -63.31
N TYR A 83 14.38 -29.21 -63.00
CA TYR A 83 13.64 -29.30 -61.75
C TYR A 83 12.54 -30.35 -61.78
N GLU A 84 12.20 -30.90 -62.95
CA GLU A 84 11.22 -31.99 -62.99
C GLU A 84 11.70 -33.17 -62.17
N LEU A 85 13.02 -33.32 -61.99
CA LEU A 85 13.56 -34.34 -61.10
C LEU A 85 12.96 -34.25 -59.69
N THR A 86 12.56 -33.05 -59.27
CA THR A 86 12.13 -32.81 -57.90
C THR A 86 10.64 -33.10 -57.68
N ALA A 87 9.93 -33.52 -58.72
CA ALA A 87 8.47 -33.60 -58.64
C ALA A 87 8.02 -34.33 -57.39
N ASN A 88 7.15 -33.67 -56.61
CA ASN A 88 6.49 -34.27 -55.47
C ASN A 88 7.46 -34.55 -54.32
N SER A 89 8.50 -33.72 -54.18
CA SER A 89 9.37 -33.82 -53.01
C SER A 89 8.56 -33.52 -51.76
N LYS A 90 8.75 -34.35 -50.73
CA LYS A 90 8.12 -34.11 -49.44
C LYS A 90 8.81 -32.99 -48.70
N LEU A 91 10.09 -32.77 -48.96
CA LEU A 91 10.88 -31.73 -48.32
C LEU A 91 11.92 -31.24 -49.30
N VAL A 92 12.01 -29.92 -49.46
CA VAL A 92 12.99 -29.30 -50.36
C VAL A 92 13.87 -28.41 -49.51
N VAL A 93 15.13 -28.81 -49.34
CA VAL A 93 16.11 -28.01 -48.61
C VAL A 93 16.80 -27.09 -49.61
N VAL A 94 16.85 -25.80 -49.28
CA VAL A 94 17.43 -24.78 -50.15
C VAL A 94 18.69 -24.25 -49.48
N THR A 95 19.85 -24.51 -50.10
CA THR A 95 21.13 -24.07 -49.61
C THR A 95 21.84 -23.08 -50.54
N ALA A 96 21.36 -22.94 -51.78
CA ALA A 96 22.09 -22.15 -52.77
C ALA A 96 22.26 -20.72 -52.30
N GLY A 97 23.51 -20.25 -52.30
CA GLY A 97 23.82 -18.87 -52.00
C GLY A 97 24.58 -18.22 -53.15
N ALA A 98 25.20 -17.07 -52.87
CA ALA A 98 25.96 -16.35 -53.88
C ALA A 98 27.39 -16.15 -53.40
N ARG A 99 28.34 -16.16 -54.34
CA ARG A 99 29.73 -15.89 -53.98
C ARG A 99 29.83 -14.48 -53.44
N GLN A 100 30.13 -14.34 -52.16
CA GLN A 100 30.16 -13.01 -51.55
C GLN A 100 31.46 -12.30 -51.94
N GLN A 101 31.31 -11.09 -52.45
CA GLN A 101 32.45 -10.25 -52.79
C GLN A 101 32.90 -9.48 -51.54
N GLU A 102 34.14 -9.02 -51.58
CA GLU A 102 34.66 -8.13 -50.54
C GLU A 102 34.39 -6.69 -50.93
N GLY A 103 34.05 -5.87 -49.93
CA GLY A 103 33.55 -4.53 -50.17
C GLY A 103 32.08 -4.46 -50.47
N GLU A 104 31.48 -5.55 -50.96
CA GLU A 104 30.04 -5.63 -51.11
C GLU A 104 29.37 -5.49 -49.74
N SER A 105 28.24 -4.80 -49.72
CA SER A 105 27.53 -4.58 -48.47
C SER A 105 26.55 -5.71 -48.20
N ARG A 106 26.12 -5.81 -46.94
CA ARG A 106 25.13 -6.80 -46.55
C ARG A 106 23.93 -6.76 -47.50
N LEU A 107 23.56 -5.59 -48.01
CA LEU A 107 22.33 -5.44 -48.78
C LEU A 107 22.48 -6.01 -50.19
N ASN A 108 23.47 -5.51 -50.95
CA ASN A 108 23.70 -6.06 -52.29
C ASN A 108 23.89 -7.57 -52.24
N LEU A 109 24.41 -8.08 -51.12
CA LEU A 109 24.50 -9.52 -50.92
C LEU A 109 23.12 -10.15 -50.85
N VAL A 110 22.30 -9.68 -49.91
CA VAL A 110 20.94 -10.21 -49.75
C VAL A 110 20.22 -10.21 -51.08
N GLN A 111 20.31 -9.11 -51.83
CA GLN A 111 19.51 -8.95 -53.03
C GLN A 111 19.90 -9.96 -54.10
N ARG A 112 21.20 -10.24 -54.25
CA ARG A 112 21.62 -11.28 -55.19
C ARG A 112 21.02 -12.62 -54.80
N ASN A 113 20.90 -12.89 -53.50
CA ASN A 113 20.26 -14.11 -53.02
C ASN A 113 18.74 -14.05 -53.14
N VAL A 114 18.16 -12.87 -53.31
CA VAL A 114 16.73 -12.77 -53.55
C VAL A 114 16.42 -13.09 -55.02
N ASN A 115 17.26 -12.61 -55.93
CA ASN A 115 17.05 -12.90 -57.36
C ASN A 115 17.32 -14.36 -57.67
N ILE A 116 18.33 -14.96 -57.02
CA ILE A 116 18.54 -16.39 -57.13
C ILE A 116 17.28 -17.13 -56.71
N PHE A 117 16.64 -16.69 -55.62
CA PHE A 117 15.39 -17.29 -55.19
C PHE A 117 14.26 -17.02 -56.19
N LYS A 118 14.33 -15.89 -56.91
CA LYS A 118 13.33 -15.62 -57.94
C LYS A 118 13.39 -16.64 -59.07
N PHE A 119 14.48 -17.40 -59.15
CA PHE A 119 14.59 -18.52 -60.09
C PHE A 119 14.29 -19.86 -59.46
N ILE A 120 14.65 -20.04 -58.18
CA ILE A 120 14.52 -21.35 -57.53
C ILE A 120 13.06 -21.62 -57.15
N ILE A 121 12.48 -20.75 -56.33
CA ILE A 121 11.20 -21.08 -55.70
C ILE A 121 10.11 -21.32 -56.73
N PRO A 122 10.02 -20.57 -57.83
CA PRO A 122 9.04 -20.92 -58.86
C PRO A 122 9.16 -22.37 -59.32
N ASN A 123 10.38 -22.81 -59.65
CA ASN A 123 10.57 -24.17 -60.14
C ASN A 123 10.41 -25.21 -59.05
N VAL A 124 10.43 -24.80 -57.78
CA VAL A 124 10.13 -25.74 -56.69
C VAL A 124 8.64 -25.93 -56.55
N VAL A 125 7.90 -24.84 -56.38
CA VAL A 125 6.44 -24.90 -56.33
C VAL A 125 5.91 -25.50 -57.63
N LYS A 126 6.56 -25.17 -58.75
CA LYS A 126 6.07 -25.61 -60.06
C LYS A 126 5.89 -27.12 -60.11
N TYR A 127 6.84 -27.88 -59.56
CA TYR A 127 6.79 -29.33 -59.61
C TYR A 127 6.44 -29.98 -58.27
N SER A 128 6.45 -29.23 -57.17
CA SER A 128 6.12 -29.77 -55.84
C SER A 128 5.32 -28.74 -55.07
N PRO A 129 4.06 -28.51 -55.48
CA PRO A 129 3.24 -27.49 -54.80
C PRO A 129 2.93 -27.80 -53.34
N ASP A 130 3.18 -29.01 -52.86
CA ASP A 130 2.83 -29.40 -51.50
C ASP A 130 4.05 -29.62 -50.61
N CYS A 131 5.27 -29.46 -51.12
CA CYS A 131 6.46 -29.78 -50.36
C CYS A 131 6.60 -28.87 -49.15
N ILE A 132 7.52 -29.24 -48.26
CA ILE A 132 7.97 -28.40 -47.16
C ILE A 132 9.24 -27.69 -47.59
N LEU A 133 9.32 -26.40 -47.38
CA LEU A 133 10.48 -25.65 -47.75
C LEU A 133 11.35 -25.42 -46.59
N LEU A 134 12.60 -25.75 -46.68
CA LEU A 134 13.50 -25.50 -45.61
C LEU A 134 14.57 -24.63 -46.16
N ILE A 135 14.67 -23.42 -45.68
CA ILE A 135 15.61 -22.48 -46.17
C ILE A 135 16.80 -22.43 -45.31
N VAL A 136 17.95 -22.74 -45.85
CA VAL A 136 19.19 -22.76 -45.12
C VAL A 136 20.09 -21.59 -45.50
N SER A 137 20.08 -21.21 -46.78
CA SER A 137 20.96 -20.16 -47.27
C SER A 137 20.72 -18.86 -46.50
N ASN A 138 21.71 -17.96 -46.57
CA ASN A 138 21.74 -16.80 -45.70
C ASN A 138 21.59 -15.50 -46.48
N PRO A 139 21.05 -14.43 -45.85
CA PRO A 139 20.53 -14.46 -44.49
C PRO A 139 19.22 -15.24 -44.41
N VAL A 140 19.16 -16.22 -43.52
CA VAL A 140 18.09 -17.22 -43.59
C VAL A 140 16.76 -16.61 -43.21
N ASP A 141 16.75 -15.68 -42.26
CA ASP A 141 15.50 -15.06 -41.83
C ASP A 141 14.85 -14.30 -42.98
N ILE A 142 15.59 -13.32 -43.54
CA ILE A 142 15.07 -12.56 -44.67
C ILE A 142 14.67 -13.50 -45.80
N LEU A 143 15.51 -14.51 -46.08
CA LEU A 143 15.27 -15.36 -47.24
C LEU A 143 14.11 -16.33 -47.01
N THR A 144 13.83 -16.69 -45.76
CA THR A 144 12.63 -17.48 -45.49
C THR A 144 11.38 -16.65 -45.74
N TYR A 145 11.45 -15.34 -45.52
CA TYR A 145 10.34 -14.44 -45.89
C TYR A 145 10.19 -14.38 -47.41
N VAL A 146 11.30 -14.28 -48.13
CA VAL A 146 11.24 -14.24 -49.59
C VAL A 146 10.61 -15.53 -50.13
N ALA A 147 10.97 -16.67 -49.54
CA ALA A 147 10.40 -17.94 -49.95
C ALA A 147 8.89 -17.96 -49.74
N TRP A 148 8.45 -17.57 -48.54
CA TRP A 148 7.02 -17.48 -48.26
C TRP A 148 6.28 -16.62 -49.29
N LYS A 149 6.86 -15.48 -49.66
CA LYS A 149 6.18 -14.56 -50.57
C LYS A 149 6.25 -15.05 -52.01
N LEU A 150 7.38 -15.61 -52.43
CA LEU A 150 7.48 -16.13 -53.79
C LEU A 150 6.65 -17.39 -53.98
N SER A 151 6.56 -18.23 -52.95
CA SER A 151 5.85 -19.50 -53.08
C SER A 151 4.35 -19.35 -52.91
N GLY A 152 3.92 -18.43 -52.05
CA GLY A 152 2.53 -18.40 -51.63
C GLY A 152 2.14 -19.57 -50.76
N PHE A 153 3.06 -20.47 -50.44
CA PHE A 153 2.75 -21.56 -49.54
C PHE A 153 2.25 -21.02 -48.21
N PRO A 154 1.46 -21.81 -47.47
CA PRO A 154 1.08 -21.41 -46.10
C PRO A 154 2.29 -21.26 -45.19
N LEU A 155 2.07 -20.82 -43.96
CA LEU A 155 3.19 -20.58 -43.05
C LEU A 155 3.83 -21.88 -42.58
N ASN A 156 3.06 -22.98 -42.53
CA ASN A 156 3.60 -24.21 -41.96
C ASN A 156 4.63 -24.86 -42.89
N ARG A 157 4.50 -24.67 -44.21
CA ARG A 157 5.39 -25.32 -45.17
C ARG A 157 6.52 -24.39 -45.61
N VAL A 158 6.87 -23.39 -44.82
CA VAL A 158 8.03 -22.56 -45.11
C VAL A 158 8.81 -22.35 -43.82
N ILE A 159 9.95 -23.03 -43.69
CA ILE A 159 10.73 -23.05 -42.48
C ILE A 159 12.15 -22.61 -42.80
N GLY A 160 12.84 -22.10 -41.80
CA GLY A 160 14.23 -21.70 -41.95
C GLY A 160 15.09 -22.32 -40.88
N SER A 161 16.30 -22.73 -41.28
CA SER A 161 17.23 -23.32 -40.33
C SER A 161 17.34 -22.48 -39.07
N GLY A 162 17.34 -21.16 -39.23
CA GLY A 162 17.21 -20.27 -38.09
C GLY A 162 18.28 -20.48 -37.04
N CYS A 163 17.85 -20.72 -35.81
CA CYS A 163 18.72 -20.78 -34.64
C CYS A 163 18.87 -22.19 -34.10
N ASN A 164 18.43 -23.21 -34.84
CA ASN A 164 18.51 -24.58 -34.34
C ASN A 164 19.95 -24.96 -34.01
N LEU A 165 20.90 -24.63 -34.90
CA LEU A 165 22.30 -24.88 -34.61
C LEU A 165 22.80 -23.96 -33.49
N ASP A 166 22.42 -22.68 -33.54
CA ASP A 166 22.83 -21.74 -32.50
C ASP A 166 22.50 -22.26 -31.12
N SER A 167 21.22 -22.60 -30.90
CA SER A 167 20.80 -23.10 -29.59
C SER A 167 21.54 -24.39 -29.23
N ALA A 168 21.65 -25.30 -30.19
CA ALA A 168 22.38 -26.54 -29.95
C ALA A 168 23.80 -26.26 -29.47
N ARG A 169 24.52 -25.37 -30.17
CA ARG A 169 25.87 -25.03 -29.77
C ARG A 169 25.87 -24.35 -28.40
N PHE A 170 24.92 -23.45 -28.17
CA PHE A 170 24.76 -22.82 -26.87
C PHE A 170 24.63 -23.86 -25.77
N ARG A 171 23.65 -24.77 -25.92
CA ARG A 171 23.43 -25.79 -24.90
C ARG A 171 24.69 -26.59 -24.63
N TYR A 172 25.43 -26.95 -25.68
CA TYR A 172 26.61 -27.79 -25.49
C TYR A 172 27.67 -27.06 -24.67
N LEU A 173 27.97 -25.81 -25.02
CA LEU A 173 29.04 -25.09 -24.36
C LEU A 173 28.72 -24.85 -22.88
N VAL A 174 27.47 -24.49 -22.57
CA VAL A 174 27.09 -24.31 -21.17
C VAL A 174 27.17 -25.63 -20.41
N SER A 175 26.67 -26.71 -21.02
CA SER A 175 26.72 -28.01 -20.37
C SER A 175 28.16 -28.41 -20.08
N GLU A 176 29.10 -27.96 -20.91
CA GLU A 176 30.52 -28.25 -20.72
C GLU A 176 31.12 -27.42 -19.58
N MET A 177 30.59 -26.22 -19.34
CA MET A 177 31.01 -25.44 -18.18
C MET A 177 30.51 -26.07 -16.89
N ILE A 178 29.28 -26.56 -16.90
CA ILE A 178 28.77 -27.45 -15.85
C ILE A 178 29.36 -28.82 -16.15
N GLY A 179 29.26 -29.75 -15.21
CA GLY A 179 29.76 -31.09 -15.45
C GLY A 179 28.67 -32.07 -15.85
N ILE A 180 27.82 -31.71 -16.82
CA ILE A 180 26.68 -32.54 -17.19
C ILE A 180 26.64 -32.75 -18.70
N HIS A 181 25.84 -33.73 -19.10
CA HIS A 181 25.61 -34.11 -20.49
C HIS A 181 24.66 -33.11 -21.15
N PRO A 182 24.87 -32.78 -22.42
CA PRO A 182 24.02 -31.75 -23.05
C PRO A 182 22.55 -32.13 -23.16
N SER A 183 22.20 -33.41 -23.14
CA SER A 183 20.80 -33.81 -23.17
C SER A 183 20.05 -33.42 -21.91
N ASN A 184 20.75 -33.00 -20.86
CA ASN A 184 20.14 -32.59 -19.60
C ASN A 184 20.28 -31.10 -19.33
N PHE A 185 20.72 -30.33 -20.32
CA PHE A 185 20.70 -28.87 -20.24
C PHE A 185 19.81 -28.34 -21.35
N HIS A 186 18.99 -27.36 -21.02
CA HIS A 186 17.97 -26.87 -21.95
C HIS A 186 17.90 -25.36 -21.88
N GLY A 187 18.41 -24.72 -22.94
CA GLY A 187 18.21 -23.30 -23.18
C GLY A 187 18.12 -23.13 -24.67
N CYS A 188 17.71 -21.94 -25.10
CA CYS A 188 17.57 -21.68 -26.52
C CYS A 188 17.97 -20.25 -26.84
N ILE A 189 18.20 -20.01 -28.13
CA ILE A 189 18.54 -18.71 -28.67
C ILE A 189 17.52 -18.37 -29.74
N LEU A 190 16.91 -17.20 -29.63
CA LEU A 190 15.85 -16.77 -30.54
C LEU A 190 16.23 -15.43 -31.15
N GLY A 191 15.49 -15.04 -32.17
CA GLY A 191 15.74 -13.82 -32.89
C GLY A 191 16.39 -14.06 -34.23
N GLU A 192 17.01 -13.01 -34.75
CA GLU A 192 17.84 -13.15 -35.95
C GLU A 192 18.87 -14.25 -35.74
N HIS A 193 19.09 -15.05 -36.79
CA HIS A 193 20.26 -15.91 -36.80
C HIS A 193 21.45 -15.03 -37.19
N GLY A 194 22.10 -14.47 -36.18
CA GLY A 194 23.17 -13.52 -36.43
C GLY A 194 23.61 -12.85 -35.15
N ASP A 195 24.11 -11.61 -35.30
CA ASP A 195 24.69 -10.90 -34.16
C ASP A 195 23.62 -10.42 -33.18
N SER A 196 22.41 -10.17 -33.64
CA SER A 196 21.36 -9.63 -32.78
C SER A 196 20.51 -10.71 -32.13
N SER A 197 20.94 -11.97 -32.18
CA SER A 197 20.18 -13.04 -31.55
C SER A 197 20.11 -12.82 -30.04
N VAL A 198 19.24 -13.59 -29.39
CA VAL A 198 18.88 -13.33 -28.00
C VAL A 198 18.88 -14.62 -27.19
N PRO A 199 19.77 -14.78 -26.20
CA PRO A 199 19.67 -15.93 -25.29
C PRO A 199 18.55 -15.71 -24.29
N ILE A 200 17.61 -16.65 -24.24
CA ILE A 200 16.49 -16.58 -23.30
C ILE A 200 16.96 -17.24 -22.02
N LEU A 201 17.47 -16.43 -21.09
CA LEU A 201 18.04 -16.94 -19.85
C LEU A 201 16.97 -17.31 -18.82
N SER A 202 15.72 -16.90 -19.02
CA SER A 202 14.65 -17.23 -18.09
C SER A 202 14.18 -18.68 -18.24
N GLY A 203 14.56 -19.36 -19.31
CA GLY A 203 14.11 -20.72 -19.56
C GLY A 203 15.20 -21.76 -19.37
N LEU A 204 16.40 -21.33 -19.00
CA LEU A 204 17.47 -22.28 -18.72
C LEU A 204 17.01 -23.30 -17.70
N ASN A 205 17.39 -24.55 -17.91
CA ASN A 205 16.90 -25.64 -17.08
C ASN A 205 17.90 -26.78 -17.07
N ILE A 206 17.87 -27.54 -15.97
CA ILE A 206 18.69 -28.75 -15.86
C ILE A 206 17.84 -29.88 -15.30
N ALA A 207 17.29 -30.70 -16.22
CA ALA A 207 16.59 -31.93 -15.82
C ALA A 207 15.44 -31.64 -14.88
N GLY A 208 14.57 -30.72 -15.28
CA GLY A 208 13.39 -30.38 -14.50
C GLY A 208 13.60 -29.30 -13.47
N MET A 209 14.79 -28.71 -13.39
CA MET A 209 15.10 -27.66 -12.44
C MET A 209 15.46 -26.38 -13.19
N SER A 210 14.68 -25.33 -12.98
CA SER A 210 15.07 -24.02 -13.48
C SER A 210 16.35 -23.56 -12.78
N ILE A 211 17.22 -22.88 -13.53
CA ILE A 211 18.50 -22.45 -12.97
C ILE A 211 18.28 -21.63 -11.70
N LYS A 212 17.27 -20.76 -11.71
CA LYS A 212 16.97 -19.90 -10.58
C LYS A 212 16.36 -20.74 -9.46
N ASN A 213 17.08 -21.78 -9.03
CA ASN A 213 16.62 -22.68 -7.99
C ASN A 213 17.80 -23.22 -7.19
N CYS A 227 27.43 -16.52 -18.58
CA CYS A 227 26.52 -17.35 -19.36
C CYS A 227 26.02 -16.59 -20.58
N LYS A 228 25.86 -15.27 -20.44
CA LYS A 228 25.70 -14.43 -21.61
C LYS A 228 26.97 -14.36 -22.43
N ASP A 229 28.10 -14.87 -21.89
CA ASP A 229 29.34 -14.96 -22.64
C ASP A 229 29.32 -16.13 -23.62
N VAL A 230 28.80 -17.29 -23.19
CA VAL A 230 28.66 -18.43 -24.10
C VAL A 230 27.94 -17.97 -25.36
N HIS A 231 26.91 -17.15 -25.21
CA HIS A 231 26.14 -16.70 -26.36
C HIS A 231 27.02 -15.90 -27.32
N LYS A 232 27.90 -15.05 -26.79
CA LYS A 232 28.78 -14.28 -27.65
C LYS A 232 29.80 -15.18 -28.33
N LYS A 233 30.26 -16.22 -27.61
CA LYS A 233 31.19 -17.18 -28.22
C LYS A 233 30.56 -17.88 -29.43
N VAL A 234 29.26 -18.13 -29.40
CA VAL A 234 28.60 -18.86 -30.47
C VAL A 234 28.50 -17.99 -31.72
N THR A 235 27.90 -16.80 -31.59
CA THR A 235 27.76 -15.92 -32.74
C THR A 235 29.13 -15.49 -33.27
N GLU A 236 30.12 -15.35 -32.39
CA GLU A 236 31.48 -15.04 -32.83
C GLU A 236 32.11 -16.25 -33.52
N SER A 237 32.12 -17.40 -32.84
CA SER A 237 32.66 -18.61 -33.44
C SER A 237 32.06 -18.85 -34.82
N ALA A 238 30.78 -18.53 -34.98
CA ALA A 238 30.13 -18.67 -36.28
C ALA A 238 30.68 -17.67 -37.30
N TYR A 239 31.32 -16.60 -36.86
CA TYR A 239 31.86 -15.59 -37.75
C TYR A 239 33.31 -15.91 -38.14
N GLU A 240 34.12 -16.35 -37.19
CA GLU A 240 35.48 -16.76 -37.51
C GLU A 240 35.49 -17.89 -38.54
N ILE A 241 34.52 -18.81 -38.45
CA ILE A 241 34.42 -19.91 -39.40
C ILE A 241 34.26 -19.37 -40.82
N ILE A 242 33.23 -18.55 -41.04
CA ILE A 242 33.00 -17.98 -42.37
C ILE A 242 34.23 -17.24 -42.86
N LYS A 243 35.03 -16.68 -41.94
CA LYS A 243 36.21 -15.94 -42.34
C LYS A 243 37.36 -16.88 -42.70
N LEU A 244 37.58 -17.93 -41.90
CA LEU A 244 38.69 -18.84 -42.14
C LEU A 244 38.42 -19.78 -43.31
N LYS A 245 37.16 -20.16 -43.51
CA LYS A 245 36.80 -21.23 -44.44
C LYS A 245 35.83 -20.77 -45.52
N GLY A 246 35.23 -19.59 -45.39
CA GLY A 246 34.30 -19.08 -46.38
C GLY A 246 32.86 -19.30 -46.00
N TYR A 247 32.56 -20.45 -45.40
CA TYR A 247 31.19 -20.84 -45.13
C TYR A 247 31.17 -21.81 -43.95
N THR A 248 29.96 -22.11 -43.48
CA THR A 248 29.71 -23.24 -42.60
C THR A 248 29.16 -24.37 -43.45
N SER A 249 29.59 -25.60 -43.16
CA SER A 249 29.12 -26.76 -43.92
C SER A 249 28.79 -27.91 -43.00
N TRP A 250 29.77 -28.37 -42.22
CA TRP A 250 29.56 -29.54 -41.37
C TRP A 250 28.49 -29.25 -40.31
N ALA A 251 28.63 -28.13 -39.59
CA ALA A 251 27.69 -27.84 -38.50
C ALA A 251 26.28 -27.62 -39.03
N ILE A 252 26.13 -26.77 -40.03
CA ILE A 252 24.79 -26.52 -40.57
C ILE A 252 24.22 -27.76 -41.25
N GLY A 253 25.08 -28.67 -41.70
CA GLY A 253 24.58 -29.91 -42.28
C GLY A 253 23.99 -30.83 -41.22
N LEU A 254 24.63 -30.91 -40.06
CA LEU A 254 24.05 -31.68 -38.95
C LEU A 254 22.73 -31.08 -38.49
N SER A 255 22.66 -29.74 -38.41
CA SER A 255 21.47 -29.11 -37.87
C SER A 255 20.27 -29.34 -38.78
N VAL A 256 20.46 -29.19 -40.09
CA VAL A 256 19.38 -29.52 -41.02
C VAL A 256 19.03 -30.98 -40.93
N GLY A 257 20.00 -31.83 -40.59
CA GLY A 257 19.70 -33.22 -40.30
C GLY A 257 18.78 -33.35 -39.10
N ASP A 258 19.09 -32.63 -38.02
CA ASP A 258 18.21 -32.58 -36.86
C ASP A 258 16.81 -32.14 -37.25
N LEU A 259 16.70 -31.19 -38.18
CA LEU A 259 15.39 -30.66 -38.56
C LEU A 259 14.66 -31.59 -39.51
N SER A 260 15.31 -31.98 -40.61
CA SER A 260 14.66 -32.88 -41.57
C SER A 260 14.21 -34.17 -40.90
N CYS A 261 14.86 -34.56 -39.80
CA CYS A 261 14.46 -35.75 -39.07
C CYS A 261 13.07 -35.58 -38.45
N SER A 262 12.83 -34.43 -37.82
CA SER A 262 11.53 -34.20 -37.18
C SER A 262 10.42 -34.10 -38.20
N LEU A 263 10.66 -33.42 -39.31
CA LEU A 263 9.61 -33.22 -40.31
C LEU A 263 9.27 -34.54 -41.00
N ILE A 264 10.26 -35.18 -41.63
CA ILE A 264 10.02 -36.44 -42.34
C ILE A 264 9.39 -37.46 -41.40
N LYS A 265 10.08 -37.78 -40.31
CA LYS A 265 9.58 -38.79 -39.38
C LYS A 265 8.48 -38.27 -38.47
N ASN A 266 8.15 -36.98 -38.55
CA ASN A 266 6.99 -36.44 -37.85
C ASN A 266 7.09 -36.68 -36.34
N LEU A 267 8.17 -36.18 -35.75
CA LEU A 267 8.39 -36.38 -34.34
C LEU A 267 7.65 -35.37 -33.47
N ARG A 268 7.08 -34.31 -34.06
CA ARG A 268 6.47 -33.23 -33.29
C ARG A 268 7.47 -32.63 -32.31
N LYS A 269 8.72 -32.54 -32.73
CA LYS A 269 9.77 -32.00 -31.89
C LYS A 269 9.81 -30.48 -32.00
N VAL A 270 10.53 -29.85 -31.06
CA VAL A 270 10.55 -28.41 -30.91
C VAL A 270 11.93 -27.89 -31.30
N HIS A 271 11.97 -26.91 -32.20
CA HIS A 271 13.21 -26.30 -32.66
C HIS A 271 12.98 -24.81 -32.85
N PRO A 272 13.96 -23.96 -32.50
CA PRO A 272 13.87 -22.54 -32.84
C PRO A 272 14.20 -22.33 -34.31
N VAL A 273 13.18 -21.96 -35.09
CA VAL A 273 13.28 -21.89 -36.53
C VAL A 273 12.51 -20.68 -37.04
N SER A 274 12.96 -20.16 -38.19
CA SER A 274 12.41 -18.92 -38.73
C SER A 274 10.98 -19.14 -39.22
N THR A 275 10.02 -18.54 -38.52
CA THR A 275 8.66 -18.38 -39.03
C THR A 275 8.21 -16.95 -38.74
N LEU A 276 7.07 -16.59 -39.31
CA LEU A 276 6.57 -15.22 -39.15
C LEU A 276 6.15 -14.96 -37.72
N VAL A 277 6.58 -13.82 -37.17
CA VAL A 277 6.28 -13.42 -35.82
C VAL A 277 5.54 -12.09 -35.75
N LYS A 278 5.09 -11.56 -36.89
CA LYS A 278 4.27 -10.36 -36.90
C LYS A 278 3.09 -10.54 -35.96
N GLY A 279 3.06 -9.76 -34.89
CA GLY A 279 2.05 -9.90 -33.86
C GLY A 279 2.59 -10.37 -32.52
N GLN A 280 3.90 -10.55 -32.40
CA GLN A 280 4.53 -10.90 -31.14
C GLN A 280 5.56 -9.85 -30.76
N PHE A 281 5.76 -9.69 -29.46
CA PHE A 281 6.79 -8.79 -28.93
C PHE A 281 6.68 -7.40 -29.55
N GLY A 282 5.44 -6.97 -29.81
CA GLY A 282 5.18 -5.64 -30.34
C GLY A 282 5.41 -5.48 -31.82
N ILE A 283 6.10 -6.42 -32.47
CA ILE A 283 6.48 -6.24 -33.86
C ILE A 283 5.24 -6.03 -34.72
N ASP A 284 5.37 -5.15 -35.72
CA ASP A 284 4.27 -4.81 -36.60
C ASP A 284 4.53 -5.13 -38.07
N ASN A 285 5.78 -5.31 -38.47
CA ASN A 285 6.11 -5.70 -39.83
C ASN A 285 6.05 -7.22 -39.97
N GLU A 286 6.10 -7.68 -41.23
CA GLU A 286 6.05 -9.12 -41.53
C GLU A 286 7.46 -9.70 -41.49
N VAL A 287 8.01 -9.73 -40.27
CA VAL A 287 9.37 -10.16 -40.03
C VAL A 287 9.38 -11.62 -39.63
N PHE A 288 10.24 -12.41 -40.26
CA PHE A 288 10.55 -13.76 -39.83
C PHE A 288 11.73 -13.75 -38.87
N LEU A 289 11.69 -14.63 -37.88
CA LEU A 289 12.85 -14.94 -37.07
C LEU A 289 12.50 -16.12 -36.17
N SER A 290 13.52 -16.68 -35.53
CA SER A 290 13.39 -17.98 -34.88
C SER A 290 12.62 -17.87 -33.58
N VAL A 291 11.54 -18.65 -33.48
CA VAL A 291 10.80 -18.88 -32.25
C VAL A 291 10.46 -20.35 -32.15
N PRO A 292 10.44 -20.91 -30.94
CA PRO A 292 10.28 -22.38 -30.84
C PRO A 292 9.01 -22.85 -31.53
N CYS A 293 9.19 -23.73 -32.52
CA CYS A 293 8.10 -24.29 -33.30
C CYS A 293 8.10 -25.82 -33.17
N VAL A 294 6.92 -26.41 -33.34
CA VAL A 294 6.76 -27.86 -33.31
C VAL A 294 6.69 -28.37 -34.74
N LEU A 295 7.55 -29.33 -35.08
CA LEU A 295 7.76 -29.75 -36.45
C LEU A 295 7.30 -31.19 -36.66
N GLY A 296 6.59 -31.41 -37.76
CA GLY A 296 6.11 -32.73 -38.11
C GLY A 296 5.80 -32.86 -39.59
N ARG A 297 5.01 -33.88 -39.94
CA ARG A 297 4.65 -34.18 -41.32
C ARG A 297 4.27 -32.91 -42.09
N ASN A 298 3.53 -32.03 -41.46
CA ASN A 298 2.96 -30.86 -42.13
C ASN A 298 3.81 -29.62 -42.00
N GLY A 299 5.05 -29.74 -41.54
CA GLY A 299 5.87 -28.57 -41.28
C GLY A 299 5.68 -28.10 -39.86
N ILE A 300 5.43 -26.81 -39.69
CA ILE A 300 5.18 -26.23 -38.37
C ILE A 300 3.73 -26.54 -37.98
N SER A 301 3.56 -27.30 -36.90
CA SER A 301 2.20 -27.60 -36.42
C SER A 301 1.65 -26.46 -35.57
N GLU A 302 2.50 -25.85 -34.75
CA GLU A 302 2.13 -24.62 -34.05
C GLU A 302 3.38 -23.82 -33.74
N VAL A 303 3.19 -22.52 -33.52
CA VAL A 303 4.24 -21.59 -33.14
C VAL A 303 4.05 -21.27 -31.66
N PHE A 304 5.08 -21.50 -30.85
CA PHE A 304 5.03 -21.06 -29.47
C PHE A 304 4.92 -19.54 -29.40
N LYS A 305 4.25 -19.05 -28.35
CA LYS A 305 4.13 -17.62 -28.07
C LYS A 305 4.83 -17.37 -26.74
N PRO A 306 6.15 -17.15 -26.75
CA PRO A 306 6.89 -17.11 -25.49
C PRO A 306 6.49 -15.94 -24.61
N LYS A 307 6.52 -16.19 -23.30
CA LYS A 307 6.35 -15.15 -22.29
C LYS A 307 7.75 -14.85 -21.75
N LEU A 308 8.34 -13.76 -22.21
CA LEU A 308 9.72 -13.43 -21.93
C LEU A 308 9.81 -12.29 -20.92
N THR A 309 10.97 -12.18 -20.31
CA THR A 309 11.24 -11.09 -19.43
C THR A 309 11.25 -9.82 -20.23
N VAL A 310 11.22 -8.73 -19.53
CA VAL A 310 11.14 -7.43 -20.11
C VAL A 310 12.28 -7.23 -20.99
N GLU A 311 13.44 -7.38 -20.46
CA GLU A 311 14.62 -7.28 -21.25
C GLU A 311 14.57 -8.17 -22.44
N GLU A 312 14.30 -9.45 -22.25
CA GLU A 312 14.29 -10.39 -23.36
C GLU A 312 13.35 -9.93 -24.46
N GLU A 313 12.11 -9.56 -24.09
CA GLU A 313 11.16 -9.09 -25.08
C GLU A 313 11.68 -7.86 -25.82
N GLN A 314 12.50 -7.04 -25.17
CA GLN A 314 13.06 -5.87 -25.84
C GLN A 314 14.10 -6.27 -26.89
N GLN A 315 15.00 -7.18 -26.51
CA GLN A 315 16.06 -7.59 -27.43
C GLN A 315 15.49 -8.25 -28.68
N LEU A 316 14.46 -9.08 -28.52
CA LEU A 316 13.81 -9.67 -29.68
C LEU A 316 13.17 -8.60 -30.56
N LYS A 317 12.61 -7.56 -29.95
CA LYS A 317 12.07 -6.44 -30.72
C LYS A 317 13.20 -5.70 -31.45
N ASN A 318 14.34 -5.52 -30.78
CA ASN A 318 15.51 -4.94 -31.46
C ASN A 318 16.02 -5.88 -32.54
N SER A 319 16.01 -7.19 -32.27
CA SER A 319 16.47 -8.15 -33.27
C SER A 319 15.65 -8.05 -34.54
N ALA A 320 14.32 -7.89 -34.42
CA ALA A 320 13.49 -7.71 -35.59
C ALA A 320 13.69 -6.32 -36.21
N GLU A 321 13.93 -5.31 -35.38
CA GLU A 321 14.31 -4.00 -35.92
C GLU A 321 15.55 -4.11 -36.80
N THR A 322 16.52 -4.93 -36.39
CA THR A 322 17.72 -5.12 -37.20
C THR A 322 17.38 -5.82 -38.51
N ILE A 323 16.70 -6.97 -38.44
CA ILE A 323 16.31 -7.69 -39.65
C ILE A 323 15.54 -6.76 -40.58
N TRP A 324 14.52 -6.08 -40.04
CA TRP A 324 13.64 -5.28 -40.88
C TRP A 324 14.37 -4.09 -41.48
N ASN A 325 15.31 -3.50 -40.75
CA ASN A 325 16.12 -2.41 -41.30
C ASN A 325 16.86 -2.83 -42.57
N THR A 326 16.88 -4.12 -42.90
CA THR A 326 17.42 -4.62 -44.15
C THR A 326 16.35 -5.23 -45.05
N GLN A 327 15.41 -5.97 -44.48
CA GLN A 327 14.32 -6.55 -45.27
C GLN A 327 13.51 -5.47 -45.96
N LYS A 328 13.35 -4.31 -45.32
CA LYS A 328 12.55 -3.23 -45.89
C LYS A 328 13.06 -2.80 -47.25
N ASP A 329 14.36 -2.98 -47.52
CA ASP A 329 14.99 -2.40 -48.69
C ASP A 329 15.19 -3.39 -49.84
N ILE A 330 14.60 -4.58 -49.77
CA ILE A 330 14.77 -5.58 -50.83
C ILE A 330 13.63 -5.44 -51.81
N GLN A 331 13.93 -5.69 -53.09
CA GLN A 331 12.95 -5.67 -54.17
C GLN A 331 12.68 -7.12 -54.57
N LEU A 332 11.50 -7.61 -54.21
CA LEU A 332 11.12 -8.99 -54.53
C LEU A 332 10.63 -9.09 -55.97
N ASN B 21 -17.03 10.22 -4.24
CA ASN B 21 -15.80 10.22 -3.45
C ASN B 21 -15.57 8.84 -2.84
N LYS B 22 -15.54 7.83 -3.69
CA LYS B 22 -15.40 6.44 -3.27
C LYS B 22 -13.94 6.03 -3.22
N ILE B 23 -13.59 5.24 -2.21
CA ILE B 23 -12.23 4.74 -2.03
C ILE B 23 -12.28 3.22 -1.90
N THR B 24 -11.35 2.55 -2.56
CA THR B 24 -11.21 1.11 -2.45
C THR B 24 -9.82 0.79 -1.91
N VAL B 25 -9.77 -0.10 -0.92
CA VAL B 25 -8.52 -0.68 -0.43
C VAL B 25 -8.55 -2.16 -0.72
N ILE B 26 -7.51 -2.65 -1.40
CA ILE B 26 -7.43 -4.03 -1.83
C ILE B 26 -6.50 -4.77 -0.88
N GLY B 27 -7.04 -5.75 -0.15
CA GLY B 27 -6.25 -6.51 0.79
C GLY B 27 -6.45 -6.02 2.21
N VAL B 28 -7.03 -6.86 3.07
CA VAL B 28 -7.35 -6.46 4.43
C VAL B 28 -6.37 -7.07 5.42
N GLY B 29 -5.07 -6.94 5.12
CA GLY B 29 -4.04 -7.29 6.06
C GLY B 29 -3.64 -6.10 6.91
N ALA B 30 -2.63 -6.33 7.75
CA ALA B 30 -2.18 -5.29 8.66
C ALA B 30 -1.93 -3.97 7.92
N VAL B 31 -1.37 -4.05 6.71
CA VAL B 31 -1.15 -2.85 5.91
C VAL B 31 -2.49 -2.25 5.49
N GLY B 32 -3.34 -3.06 4.85
CA GLY B 32 -4.58 -2.54 4.32
C GLY B 32 -5.50 -1.97 5.39
N MET B 33 -5.50 -2.57 6.57
CA MET B 33 -6.34 -2.06 7.65
C MET B 33 -5.75 -0.81 8.28
N ALA B 34 -4.42 -0.69 8.31
CA ALA B 34 -3.81 0.55 8.75
C ALA B 34 -4.02 1.67 7.72
N CYS B 35 -4.00 1.32 6.43
CA CYS B 35 -4.37 2.28 5.40
C CYS B 35 -5.84 2.68 5.53
N ALA B 36 -6.72 1.68 5.63
CA ALA B 36 -8.15 1.97 5.73
C ALA B 36 -8.47 2.74 7.00
N PHE B 37 -7.87 2.35 8.13
CA PHE B 37 -8.15 3.04 9.38
C PHE B 37 -7.61 4.46 9.36
N SER B 38 -6.48 4.69 8.68
CA SER B 38 -5.92 6.02 8.57
C SER B 38 -6.67 6.89 7.57
N ILE B 39 -7.35 6.28 6.59
CA ILE B 39 -8.14 7.05 5.63
C ILE B 39 -9.47 7.45 6.24
N LEU B 40 -10.01 6.65 7.15
CA LEU B 40 -11.24 7.04 7.85
C LEU B 40 -10.97 8.08 8.92
N ASN B 41 -9.82 7.98 9.60
CA ASN B 41 -9.45 8.98 10.58
C ASN B 41 -9.27 10.36 9.96
N LYS B 42 -9.09 10.43 8.64
CA LYS B 42 -9.01 11.69 7.93
C LYS B 42 -10.32 12.03 7.21
N GLU B 43 -11.37 11.24 7.41
CA GLU B 43 -12.69 11.54 6.89
C GLU B 43 -12.64 11.96 5.43
N LEU B 44 -12.00 11.11 4.62
CA LEU B 44 -11.85 11.35 3.19
C LEU B 44 -12.87 10.58 2.34
N ALA B 45 -13.51 9.56 2.91
CA ALA B 45 -14.25 8.59 2.13
C ALA B 45 -15.75 8.77 2.35
N ASP B 46 -16.49 9.00 1.25
CA ASP B 46 -17.92 8.80 1.28
C ASP B 46 -18.26 7.32 1.41
N GLU B 47 -17.51 6.47 0.72
CA GLU B 47 -17.76 5.04 0.67
C GLU B 47 -16.43 4.32 0.59
N LEU B 48 -16.14 3.48 1.59
CA LEU B 48 -14.88 2.75 1.66
C LEU B 48 -15.14 1.28 1.39
N VAL B 49 -14.42 0.72 0.42
CA VAL B 49 -14.53 -0.69 0.06
C VAL B 49 -13.24 -1.39 0.45
N LEU B 50 -13.37 -2.57 1.06
CA LEU B 50 -12.25 -3.43 1.37
C LEU B 50 -12.39 -4.75 0.62
N ILE B 51 -11.26 -5.35 0.28
CA ILE B 51 -11.28 -6.55 -0.56
C ILE B 51 -10.17 -7.52 -0.14
N VAL B 53 -9.82 -11.88 0.07
CA VAL B 53 -10.22 -13.19 -0.43
C VAL B 53 -10.86 -14.02 0.68
N VAL B 54 -10.34 -13.88 1.89
CA VAL B 54 -10.85 -14.64 3.04
C VAL B 54 -12.12 -13.95 3.52
N GLU B 55 -13.27 -14.60 3.30
CA GLU B 55 -14.55 -13.94 3.56
C GLU B 55 -14.82 -13.78 5.05
N ASP B 56 -14.35 -14.71 5.89
CA ASP B 56 -14.54 -14.59 7.32
C ASP B 56 -13.90 -13.33 7.87
N LYS B 57 -12.80 -12.87 7.27
CA LYS B 57 -12.06 -11.74 7.79
C LYS B 57 -12.61 -10.41 7.28
N LEU B 58 -12.78 -10.30 5.96
CA LEU B 58 -13.40 -9.11 5.37
C LEU B 58 -14.58 -8.64 6.20
N LYS B 59 -15.51 -9.55 6.48
CA LYS B 59 -16.69 -9.20 7.27
C LYS B 59 -16.29 -8.76 8.67
N GLY B 60 -15.53 -9.60 9.38
CA GLY B 60 -15.09 -9.25 10.72
C GLY B 60 -14.45 -7.87 10.77
N GLU B 61 -13.66 -7.53 9.76
CA GLU B 61 -13.04 -6.21 9.72
C GLU B 61 -14.04 -5.14 9.32
N MET B 62 -14.97 -5.47 8.43
CA MET B 62 -16.03 -4.52 8.08
C MET B 62 -16.88 -4.18 9.30
N MET B 63 -17.07 -5.14 10.21
CA MET B 63 -17.92 -4.93 11.37
C MET B 63 -17.20 -4.27 12.53
N ASP B 64 -15.89 -4.49 12.66
CA ASP B 64 -15.14 -3.83 13.72
C ASP B 64 -15.03 -2.33 13.43
N LEU B 65 -14.89 -1.95 12.17
CA LEU B 65 -14.89 -0.53 11.81
C LEU B 65 -16.26 0.09 11.96
N GLN B 66 -17.32 -0.69 11.70
CA GLN B 66 -18.68 -0.17 11.79
C GLN B 66 -19.16 -0.06 13.23
N GLN B 67 -18.67 -0.91 14.12
CA GLN B 67 -19.10 -0.87 15.52
C GLN B 67 -18.63 0.39 16.23
N GLY B 68 -17.61 1.07 15.70
CA GLY B 68 -17.12 2.29 16.30
C GLY B 68 -17.25 3.48 15.37
N SER B 69 -18.27 3.45 14.52
CA SER B 69 -18.39 4.46 13.48
C SER B 69 -18.80 5.83 14.01
N LEU B 70 -19.40 5.91 15.21
CA LEU B 70 -19.72 7.21 15.78
C LEU B 70 -18.47 8.06 15.94
N PHE B 71 -17.32 7.43 16.19
CA PHE B 71 -16.06 8.15 16.36
C PHE B 71 -15.32 8.38 15.06
N LEU B 72 -15.83 7.86 13.94
CA LEU B 72 -15.23 8.09 12.63
C LEU B 72 -16.07 9.09 11.82
N ILE B 77 -18.97 1.87 4.61
CA ILE B 77 -18.00 0.79 4.76
C ILE B 77 -18.56 -0.52 4.23
N ILE B 78 -17.77 -1.22 3.42
CA ILE B 78 -18.19 -2.44 2.75
C ILE B 78 -16.95 -3.32 2.59
N ALA B 79 -17.18 -4.63 2.41
CA ALA B 79 -16.09 -5.55 2.15
C ALA B 79 -16.63 -6.73 1.33
N GLY B 80 -15.73 -7.40 0.64
CA GLY B 80 -16.09 -8.54 -0.17
C GLY B 80 -15.01 -8.92 -1.15
N LYS B 81 -15.30 -9.98 -1.90
CA LYS B 81 -14.43 -10.46 -2.98
C LYS B 81 -14.79 -9.84 -4.32
N ASP B 82 -16.07 -9.85 -4.67
CA ASP B 82 -16.52 -9.38 -5.97
C ASP B 82 -16.06 -7.95 -6.20
N TYR B 83 -15.33 -7.75 -7.29
CA TYR B 83 -14.71 -6.46 -7.59
C TYR B 83 -15.71 -5.42 -8.09
N GLU B 84 -16.98 -5.76 -8.27
CA GLU B 84 -17.96 -4.74 -8.65
C GLU B 84 -18.35 -3.87 -7.47
N LEU B 85 -18.06 -4.29 -6.24
CA LEU B 85 -18.17 -3.38 -5.10
C LEU B 85 -17.30 -2.14 -5.30
N THR B 86 -16.24 -2.25 -6.10
CA THR B 86 -15.32 -1.14 -6.34
C THR B 86 -15.79 -0.21 -7.44
N ALA B 87 -16.80 -0.60 -8.21
CA ALA B 87 -17.19 0.13 -9.41
C ALA B 87 -17.18 1.64 -9.19
N ASN B 88 -16.33 2.32 -9.96
CA ASN B 88 -16.28 3.79 -10.01
C ASN B 88 -15.59 4.37 -8.77
N SER B 89 -14.60 3.66 -8.24
CA SER B 89 -13.77 4.24 -7.20
C SER B 89 -13.01 5.44 -7.75
N LYS B 90 -12.91 6.48 -6.93
CA LYS B 90 -12.10 7.65 -7.28
C LYS B 90 -10.62 7.41 -6.96
N LEU B 91 -10.34 6.56 -5.98
CA LEU B 91 -8.99 6.18 -5.60
C LEU B 91 -9.01 4.72 -5.19
N VAL B 92 -8.09 3.93 -5.71
CA VAL B 92 -7.96 2.52 -5.37
C VAL B 92 -6.54 2.30 -4.85
N VAL B 93 -6.43 1.88 -3.59
CA VAL B 93 -5.15 1.66 -2.94
C VAL B 93 -4.87 0.17 -2.96
N VAL B 94 -3.71 -0.21 -3.50
CA VAL B 94 -3.31 -1.61 -3.60
C VAL B 94 -2.29 -1.88 -2.51
N THR B 95 -2.66 -2.73 -1.56
CA THR B 95 -1.75 -3.17 -0.51
C THR B 95 -1.39 -4.66 -0.62
N ALA B 96 -2.05 -5.39 -1.50
CA ALA B 96 -1.90 -6.84 -1.55
C ALA B 96 -0.45 -7.24 -1.83
N GLY B 97 0.08 -8.10 -0.97
CA GLY B 97 1.39 -8.69 -1.18
C GLY B 97 1.33 -10.21 -1.16
N VAL B 110 9.13 -11.58 -5.49
CA VAL B 110 9.03 -10.34 -6.24
C VAL B 110 8.13 -10.53 -7.44
N GLN B 111 8.30 -11.66 -8.13
CA GLN B 111 7.48 -11.98 -9.29
C GLN B 111 6.09 -12.47 -8.89
N ARG B 112 5.98 -13.15 -7.74
CA ARG B 112 4.66 -13.51 -7.24
C ARG B 112 3.76 -12.28 -7.17
N ASN B 113 4.29 -11.17 -6.64
CA ASN B 113 3.52 -9.94 -6.56
C ASN B 113 3.17 -9.41 -7.95
N VAL B 114 4.05 -9.61 -8.93
CA VAL B 114 3.71 -9.25 -10.31
C VAL B 114 2.50 -10.07 -10.77
N ASN B 115 2.51 -11.38 -10.50
CA ASN B 115 1.42 -12.24 -10.93
C ASN B 115 0.17 -12.00 -10.11
N ILE B 116 0.31 -11.67 -8.83
CA ILE B 116 -0.85 -11.24 -8.04
C ILE B 116 -1.47 -9.99 -8.67
N PHE B 117 -0.64 -9.04 -9.07
CA PHE B 117 -1.13 -7.87 -9.79
C PHE B 117 -1.78 -8.27 -11.11
N LYS B 118 -1.31 -9.34 -11.74
CA LYS B 118 -1.89 -9.78 -13.01
C LYS B 118 -3.36 -10.12 -12.85
N PHE B 119 -3.81 -10.43 -11.64
CA PHE B 119 -5.22 -10.66 -11.36
C PHE B 119 -5.93 -9.43 -10.81
N ILE B 120 -5.23 -8.56 -10.09
CA ILE B 120 -5.86 -7.45 -9.41
C ILE B 120 -6.22 -6.33 -10.38
N ILE B 121 -5.20 -5.76 -11.03
CA ILE B 121 -5.33 -4.51 -11.78
C ILE B 121 -6.39 -4.66 -12.86
N PRO B 122 -6.44 -5.77 -13.59
CA PRO B 122 -7.48 -5.89 -14.63
C PRO B 122 -8.89 -5.74 -14.09
N ASN B 123 -9.16 -6.24 -12.88
CA ASN B 123 -10.49 -6.10 -12.29
C ASN B 123 -10.73 -4.69 -11.77
N VAL B 124 -9.69 -4.00 -11.30
CA VAL B 124 -9.83 -2.60 -10.92
C VAL B 124 -10.23 -1.77 -12.13
N VAL B 125 -9.44 -1.82 -13.19
CA VAL B 125 -9.75 -1.08 -14.41
C VAL B 125 -11.10 -1.52 -14.94
N LYS B 126 -11.43 -2.79 -14.81
CA LYS B 126 -12.67 -3.32 -15.37
C LYS B 126 -13.89 -2.53 -14.89
N TYR B 127 -13.88 -2.11 -13.64
CA TYR B 127 -15.01 -1.38 -13.06
C TYR B 127 -14.70 0.07 -12.77
N SER B 128 -13.43 0.48 -12.76
CA SER B 128 -13.05 1.86 -12.44
C SER B 128 -12.00 2.33 -13.44
N PRO B 129 -12.35 2.42 -14.72
CA PRO B 129 -11.37 2.86 -15.72
C PRO B 129 -10.80 4.24 -15.46
N ASP B 130 -11.52 5.10 -14.73
CA ASP B 130 -11.12 6.48 -14.54
C ASP B 130 -10.55 6.74 -13.14
N CYS B 131 -10.20 5.70 -12.40
CA CYS B 131 -9.76 5.89 -11.02
C CYS B 131 -8.27 6.23 -10.96
N ILE B 132 -7.84 6.65 -9.76
CA ILE B 132 -6.43 6.82 -9.46
C ILE B 132 -5.91 5.55 -8.81
N LEU B 133 -4.78 5.05 -9.31
CA LEU B 133 -4.12 3.91 -8.71
C LEU B 133 -3.04 4.39 -7.74
N LEU B 134 -3.07 3.90 -6.51
CA LEU B 134 -2.04 4.16 -5.53
C LEU B 134 -1.45 2.83 -5.12
N ILE B 135 -0.19 2.60 -5.49
CA ILE B 135 0.47 1.32 -5.30
C ILE B 135 1.30 1.40 -4.02
N VAL B 136 0.93 0.61 -3.01
CA VAL B 136 1.60 0.66 -1.72
C VAL B 136 2.42 -0.62 -1.58
N SER B 137 1.98 -1.68 -2.26
CA SER B 137 2.67 -2.96 -2.19
C SER B 137 4.16 -2.83 -2.48
N ASN B 138 4.94 -3.85 -2.10
CA ASN B 138 6.40 -3.82 -2.27
C ASN B 138 6.86 -4.94 -3.20
N PRO B 139 7.92 -4.71 -4.00
CA PRO B 139 8.66 -3.44 -4.11
C PRO B 139 7.84 -2.41 -4.88
N VAL B 140 7.65 -1.23 -4.27
CA VAL B 140 6.61 -0.32 -4.75
C VAL B 140 7.01 0.33 -6.07
N ASP B 141 8.28 0.71 -6.22
CA ASP B 141 8.73 1.32 -7.47
C ASP B 141 8.45 0.40 -8.65
N ILE B 142 8.90 -0.85 -8.56
CA ILE B 142 8.71 -1.80 -9.66
C ILE B 142 7.23 -2.07 -9.86
N LEU B 143 6.50 -2.33 -8.78
CA LEU B 143 5.08 -2.66 -8.90
C LEU B 143 4.24 -1.48 -9.36
N THR B 144 4.71 -0.24 -9.16
CA THR B 144 4.02 0.88 -9.78
C THR B 144 4.20 0.86 -11.29
N TYR B 145 5.35 0.38 -11.77
CA TYR B 145 5.54 0.17 -13.20
C TYR B 145 4.64 -0.95 -13.71
N VAL B 146 4.53 -2.04 -12.95
CA VAL B 146 3.67 -3.16 -13.36
C VAL B 146 2.24 -2.70 -13.49
N ALA B 147 1.77 -1.87 -12.54
CA ALA B 147 0.41 -1.37 -12.59
C ALA B 147 0.19 -0.49 -13.82
N TRP B 148 1.13 0.39 -14.12
CA TRP B 148 1.03 1.24 -15.30
C TRP B 148 0.89 0.41 -16.57
N LYS B 149 1.62 -0.71 -16.66
CA LYS B 149 1.60 -1.52 -17.87
C LYS B 149 0.34 -2.37 -17.98
N LEU B 150 -0.12 -2.94 -16.85
CA LEU B 150 -1.30 -3.80 -16.88
C LEU B 150 -2.60 -3.03 -17.04
N SER B 151 -2.63 -1.76 -16.65
CA SER B 151 -3.85 -0.96 -16.72
C SER B 151 -3.93 -0.12 -17.99
N GLY B 152 -2.80 0.27 -18.57
CA GLY B 152 -2.81 1.22 -19.65
C GLY B 152 -3.20 2.63 -19.24
N PHE B 153 -3.38 2.87 -17.95
CA PHE B 153 -3.70 4.21 -17.50
C PHE B 153 -2.56 5.17 -17.83
N PRO B 154 -2.86 6.46 -17.97
CA PRO B 154 -1.79 7.45 -18.12
C PRO B 154 -0.98 7.59 -16.84
N LEU B 155 0.20 8.20 -16.98
CA LEU B 155 1.13 8.29 -15.87
C LEU B 155 0.57 9.09 -14.69
N ASN B 156 -0.47 9.89 -14.91
CA ASN B 156 -0.98 10.73 -13.83
C ASN B 156 -1.84 9.96 -12.85
N ARG B 157 -2.51 8.89 -13.30
CA ARG B 157 -3.35 8.08 -12.43
C ARG B 157 -2.67 6.77 -12.02
N VAL B 158 -1.33 6.75 -11.96
CA VAL B 158 -0.59 5.62 -11.43
C VAL B 158 0.52 6.14 -10.53
N ILE B 159 0.33 6.02 -9.22
CA ILE B 159 1.22 6.59 -8.23
C ILE B 159 1.65 5.50 -7.27
N GLY B 160 2.84 5.66 -6.71
CA GLY B 160 3.35 4.76 -5.69
C GLY B 160 3.70 5.53 -4.43
N SER B 161 3.48 4.90 -3.28
CA SER B 161 3.83 5.53 -2.01
C SER B 161 5.27 6.02 -2.02
N GLY B 162 6.15 5.27 -2.68
CA GLY B 162 7.51 5.75 -2.89
C GLY B 162 8.21 6.09 -1.59
N CYS B 163 8.85 7.26 -1.57
CA CYS B 163 9.62 7.72 -0.43
C CYS B 163 8.87 8.74 0.42
N ASN B 164 7.54 8.78 0.30
CA ASN B 164 6.76 9.76 1.05
C ASN B 164 6.98 9.59 2.55
N LEU B 165 6.88 8.35 3.03
CA LEU B 165 7.11 8.09 4.46
C LEU B 165 8.57 8.34 4.84
N ASP B 166 9.51 7.93 3.98
CA ASP B 166 10.92 8.07 4.31
C ASP B 166 11.31 9.53 4.47
N SER B 167 10.89 10.38 3.54
CA SER B 167 11.14 11.81 3.69
C SER B 167 10.51 12.32 4.97
N ALA B 168 9.27 11.92 5.26
CA ALA B 168 8.63 12.29 6.51
C ALA B 168 9.48 11.87 7.69
N ARG B 169 9.96 10.62 7.68
CA ARG B 169 10.83 10.14 8.75
C ARG B 169 12.14 10.92 8.79
N PHE B 170 12.73 11.16 7.61
CA PHE B 170 13.97 11.93 7.53
C PHE B 170 13.79 13.31 8.14
N ARG B 171 12.71 14.01 7.77
CA ARG B 171 12.50 15.36 8.26
C ARG B 171 12.35 15.38 9.78
N TYR B 172 11.69 14.36 10.34
CA TYR B 172 11.46 14.35 11.79
C TYR B 172 12.77 14.21 12.55
N LEU B 173 13.53 13.15 12.24
CA LEU B 173 14.76 12.89 12.99
C LEU B 173 15.73 14.05 12.90
N VAL B 174 15.89 14.64 11.71
CA VAL B 174 16.77 15.80 11.56
C VAL B 174 16.25 16.97 12.38
N SER B 175 14.94 17.23 12.30
CA SER B 175 14.37 18.31 13.09
C SER B 175 14.53 18.04 14.58
N GLU B 176 14.56 16.76 14.97
CA GLU B 176 14.80 16.40 16.36
C GLU B 176 16.23 16.67 16.77
N MET B 177 17.18 16.49 15.85
CA MET B 177 18.58 16.81 16.15
C MET B 177 18.82 18.31 16.22
N ILE B 178 18.18 19.06 15.33
CA ILE B 178 18.36 20.52 15.30
C ILE B 178 17.66 21.15 16.50
N GLY B 179 16.45 20.70 16.80
CA GLY B 179 15.71 21.20 17.95
C GLY B 179 14.58 22.14 17.58
N ILE B 180 13.96 21.90 16.42
CA ILE B 180 12.86 22.71 15.94
C ILE B 180 11.71 21.77 15.54
N HIS B 181 10.61 22.38 15.10
CA HIS B 181 9.42 21.59 14.77
C HIS B 181 9.54 21.06 13.35
N PRO B 182 9.13 19.81 13.09
CA PRO B 182 9.32 19.24 11.75
C PRO B 182 8.70 20.03 10.63
N SER B 183 7.64 20.81 10.90
CA SER B 183 7.01 21.59 9.83
C SER B 183 7.90 22.72 9.35
N ASN B 184 8.97 23.06 10.08
CA ASN B 184 9.91 24.10 9.69
C ASN B 184 11.25 23.52 9.25
N PHE B 185 11.31 22.22 8.98
CA PHE B 185 12.45 21.61 8.31
C PHE B 185 11.97 20.92 7.05
N HIS B 186 12.75 21.07 5.98
CA HIS B 186 12.31 20.65 4.66
C HIS B 186 13.44 19.97 3.92
N GLY B 187 13.20 18.72 3.53
CA GLY B 187 14.17 17.90 2.83
C GLY B 187 13.50 16.61 2.44
N CYS B 188 13.96 15.96 1.39
CA CYS B 188 13.27 14.80 0.86
C CYS B 188 14.27 13.71 0.49
N ILE B 189 13.73 12.50 0.34
CA ILE B 189 14.49 11.34 -0.10
C ILE B 189 13.90 10.87 -1.42
N LEU B 190 14.77 10.66 -2.41
CA LEU B 190 14.36 10.27 -3.75
C LEU B 190 15.04 8.97 -4.15
N GLY B 191 14.55 8.39 -5.24
CA GLY B 191 15.11 7.16 -5.76
C GLY B 191 14.26 5.95 -5.43
N GLU B 192 14.90 4.79 -5.37
CA GLU B 192 14.22 3.57 -4.94
C GLU B 192 13.72 3.75 -3.50
N HIS B 193 12.58 3.15 -3.20
CA HIS B 193 12.15 3.01 -1.80
C HIS B 193 12.82 1.74 -1.25
N GLY B 194 14.07 1.91 -0.83
CA GLY B 194 14.86 0.80 -0.34
C GLY B 194 16.20 1.26 0.19
N ASP B 195 17.27 0.57 -0.20
CA ASP B 195 18.60 0.89 0.28
C ASP B 195 19.33 1.89 -0.60
N SER B 196 18.96 2.00 -1.87
CA SER B 196 19.64 2.90 -2.80
C SER B 196 18.98 4.28 -2.88
N SER B 197 18.03 4.57 -2.00
CA SER B 197 17.44 5.91 -1.97
C SER B 197 18.53 6.95 -1.72
N VAL B 198 18.20 8.22 -2.01
CA VAL B 198 19.18 9.29 -2.06
C VAL B 198 18.70 10.50 -1.27
N PRO B 199 19.38 10.91 -0.21
CA PRO B 199 19.03 12.19 0.45
C PRO B 199 19.46 13.37 -0.39
N ILE B 200 18.52 14.27 -0.65
CA ILE B 200 18.79 15.47 -1.48
C ILE B 200 19.30 16.53 -0.53
N LEU B 201 20.61 16.47 -0.25
CA LEU B 201 21.21 17.36 0.73
C LEU B 201 21.37 18.80 0.25
N SER B 202 21.22 19.05 -1.05
CA SER B 202 21.34 20.41 -1.57
C SER B 202 20.06 21.22 -1.38
N GLY B 203 19.00 20.62 -0.86
CA GLY B 203 17.72 21.30 -0.72
C GLY B 203 17.24 21.39 0.71
N LEU B 204 18.06 20.97 1.67
CA LEU B 204 17.68 21.11 3.07
C LEU B 204 17.40 22.58 3.38
N ASN B 205 16.36 22.83 4.16
CA ASN B 205 15.92 24.19 4.39
C ASN B 205 15.21 24.29 5.74
N ILE B 206 15.34 25.46 6.37
CA ILE B 206 14.67 25.77 7.62
C ILE B 206 14.00 27.13 7.46
N ALA B 207 12.67 27.14 7.35
CA ALA B 207 11.88 28.36 7.43
C ALA B 207 12.42 29.44 6.49
N GLY B 208 12.79 29.04 5.28
CA GLY B 208 13.27 29.97 4.29
C GLY B 208 14.77 30.18 4.27
N MET B 209 15.55 29.19 4.70
CA MET B 209 17.00 29.32 4.79
C MET B 209 17.64 28.03 4.28
N SER B 210 18.91 28.14 3.90
CA SER B 210 19.60 27.04 3.24
C SER B 210 20.94 26.74 3.89
N ASP B 229 23.32 9.89 6.89
CA ASP B 229 23.54 9.30 8.20
C ASP B 229 22.20 9.08 8.89
N VAL B 230 21.50 10.18 9.20
CA VAL B 230 20.08 10.06 9.52
C VAL B 230 19.39 9.27 8.41
N HIS B 231 19.84 9.45 7.17
CA HIS B 231 19.29 8.71 6.06
C HIS B 231 19.50 7.21 6.22
N LYS B 232 20.62 6.79 6.80
CA LYS B 232 20.85 5.37 7.03
C LYS B 232 19.94 4.83 8.13
N LYS B 233 19.69 5.64 9.17
CA LYS B 233 18.78 5.22 10.22
C LYS B 233 17.37 4.99 9.68
N VAL B 234 16.96 5.76 8.67
CA VAL B 234 15.64 5.58 8.08
C VAL B 234 15.57 4.26 7.34
N THR B 235 16.52 4.03 6.42
CA THR B 235 16.48 2.80 5.63
C THR B 235 16.72 1.57 6.50
N GLU B 236 17.62 1.68 7.49
CA GLU B 236 17.84 0.57 8.42
C GLU B 236 16.59 0.30 9.24
N SER B 237 15.99 1.36 9.80
CA SER B 237 14.79 1.19 10.62
C SER B 237 13.69 0.48 9.84
N ALA B 238 13.47 0.88 8.58
CA ALA B 238 12.48 0.19 7.76
C ALA B 238 12.76 -1.31 7.68
N TYR B 239 14.03 -1.70 7.70
CA TYR B 239 14.40 -3.11 7.59
C TYR B 239 14.18 -3.85 8.90
N GLU B 240 14.61 -3.27 10.01
CA GLU B 240 14.44 -3.94 11.30
C GLU B 240 12.96 -4.10 11.65
N ILE B 241 12.14 -3.10 11.32
CA ILE B 241 10.70 -3.23 11.51
C ILE B 241 10.17 -4.46 10.81
N ILE B 242 10.52 -4.62 9.53
CA ILE B 242 10.08 -5.78 8.77
C ILE B 242 10.62 -7.07 9.39
N LYS B 243 11.81 -7.01 10.00
CA LYS B 243 12.37 -8.21 10.60
C LYS B 243 11.66 -8.57 11.89
N LEU B 244 11.32 -7.57 12.71
CA LEU B 244 10.79 -7.86 14.04
C LEU B 244 9.32 -8.26 14.01
N LYS B 245 8.53 -7.71 13.09
CA LYS B 245 7.11 -8.06 13.04
C LYS B 245 6.62 -8.34 11.62
N GLY B 246 7.53 -8.60 10.69
CA GLY B 246 7.17 -9.04 9.34
C GLY B 246 6.81 -7.95 8.35
N TYR B 247 6.04 -6.96 8.79
CA TYR B 247 5.51 -5.93 7.92
C TYR B 247 5.63 -4.58 8.60
N THR B 248 5.50 -3.53 7.80
CA THR B 248 5.21 -2.20 8.28
C THR B 248 3.72 -1.92 8.04
N SER B 249 3.05 -1.35 9.03
CA SER B 249 1.62 -1.11 8.92
C SER B 249 1.23 0.28 9.40
N TRP B 250 1.52 0.58 10.67
CA TRP B 250 1.11 1.87 11.22
C TRP B 250 1.76 3.02 10.46
N ALA B 251 3.06 2.94 10.21
CA ALA B 251 3.78 4.03 9.56
C ALA B 251 3.31 4.22 8.12
N ILE B 252 3.34 3.16 7.32
CA ILE B 252 2.91 3.28 5.93
C ILE B 252 1.42 3.56 5.84
N GLY B 253 0.64 3.20 6.86
CA GLY B 253 -0.77 3.56 6.86
C GLY B 253 -0.96 5.07 6.95
N LEU B 254 -0.22 5.72 7.84
CA LEU B 254 -0.27 7.17 7.95
C LEU B 254 0.17 7.82 6.65
N SER B 255 1.35 7.43 6.15
CA SER B 255 1.84 7.99 4.89
C SER B 255 0.80 7.87 3.78
N VAL B 256 0.18 6.69 3.66
CA VAL B 256 -0.87 6.51 2.67
C VAL B 256 -2.01 7.50 2.90
N GLY B 257 -2.29 7.83 4.16
CA GLY B 257 -3.34 8.79 4.45
C GLY B 257 -2.96 10.19 4.01
N ASP B 258 -1.72 10.59 4.27
CA ASP B 258 -1.24 11.89 3.80
C ASP B 258 -1.39 12.01 2.29
N LEU B 259 -1.20 10.91 1.55
CA LEU B 259 -1.28 10.96 0.10
C LEU B 259 -2.74 11.01 -0.38
N SER B 260 -3.59 10.14 0.17
CA SER B 260 -4.99 10.14 -0.21
C SER B 260 -5.65 11.47 0.10
N CYS B 261 -5.15 12.19 1.11
CA CYS B 261 -5.68 13.51 1.42
C CYS B 261 -5.48 14.47 0.26
N SER B 262 -4.24 14.58 -0.23
CA SER B 262 -3.95 15.54 -1.29
C SER B 262 -4.70 15.20 -2.57
N LEU B 263 -4.88 13.91 -2.85
CA LEU B 263 -5.56 13.51 -4.07
C LEU B 263 -7.05 13.78 -3.97
N ILE B 264 -7.72 13.19 -2.96
CA ILE B 264 -9.15 13.30 -2.85
C ILE B 264 -9.58 14.76 -2.71
N LYS B 265 -8.89 15.52 -1.88
CA LYS B 265 -9.23 16.91 -1.63
C LYS B 265 -8.60 17.87 -2.64
N ASN B 266 -7.98 17.35 -3.70
CA ASN B 266 -7.32 18.18 -4.72
C ASN B 266 -6.51 19.30 -4.08
N LEU B 267 -5.58 18.90 -3.21
CA LEU B 267 -4.80 19.89 -2.46
C LEU B 267 -3.61 20.42 -3.23
N ARG B 268 -3.10 19.68 -4.22
CA ARG B 268 -1.94 20.09 -5.00
C ARG B 268 -0.67 20.19 -4.14
N LYS B 269 -0.54 19.31 -3.14
CA LYS B 269 0.66 19.25 -2.33
C LYS B 269 1.75 18.46 -3.06
N VAL B 270 2.97 18.56 -2.54
CA VAL B 270 4.15 17.97 -3.17
C VAL B 270 4.60 16.78 -2.32
N HIS B 271 4.75 15.62 -2.97
CA HIS B 271 5.17 14.40 -2.30
C HIS B 271 6.19 13.66 -3.15
N PRO B 272 7.24 13.09 -2.54
CA PRO B 272 8.08 12.13 -3.28
C PRO B 272 7.37 10.81 -3.48
N VAL B 273 7.01 10.49 -4.72
CA VAL B 273 6.18 9.33 -5.01
C VAL B 273 6.64 8.71 -6.32
N SER B 274 6.47 7.40 -6.42
CA SER B 274 6.96 6.66 -7.58
C SER B 274 6.20 7.08 -8.83
N THR B 275 6.91 7.68 -9.78
CA THR B 275 6.38 7.97 -11.11
C THR B 275 7.49 7.71 -12.12
N LEU B 276 7.11 7.61 -13.39
CA LEU B 276 8.09 7.31 -14.42
C LEU B 276 9.09 8.46 -14.55
N VAL B 277 10.38 8.13 -14.52
CA VAL B 277 11.45 9.11 -14.54
C VAL B 277 12.29 9.02 -15.81
N LYS B 278 12.02 8.07 -16.70
CA LYS B 278 12.77 7.96 -17.94
C LYS B 278 12.86 9.32 -18.62
N GLY B 279 14.09 9.76 -18.86
CA GLY B 279 14.37 11.08 -19.41
C GLY B 279 15.12 11.98 -18.46
N GLN B 280 14.95 11.77 -17.16
CA GLN B 280 15.70 12.50 -16.15
C GLN B 280 16.93 11.70 -15.73
N PHE B 281 17.95 12.41 -15.27
CA PHE B 281 19.14 11.79 -14.72
C PHE B 281 19.69 10.70 -15.65
N GLY B 282 19.73 11.01 -16.95
CA GLY B 282 20.32 10.11 -17.92
C GLY B 282 19.65 8.75 -18.04
N ILE B 283 18.62 8.48 -17.23
CA ILE B 283 17.93 7.20 -17.29
C ILE B 283 17.22 7.09 -18.63
N ASP B 284 17.42 5.95 -19.31
CA ASP B 284 16.77 5.70 -20.60
C ASP B 284 16.01 4.39 -20.63
N ASN B 285 15.92 3.69 -19.51
CA ASN B 285 14.93 2.64 -19.31
C ASN B 285 13.72 3.22 -18.58
N GLU B 286 12.61 2.49 -18.64
CA GLU B 286 11.36 2.96 -18.03
C GLU B 286 11.32 2.64 -16.53
N VAL B 287 12.31 3.17 -15.82
CA VAL B 287 12.39 3.00 -14.38
C VAL B 287 11.41 3.94 -13.70
N PHE B 288 10.60 3.40 -12.80
CA PHE B 288 9.83 4.20 -11.86
C PHE B 288 10.65 4.41 -10.59
N LEU B 289 10.64 5.65 -10.09
CA LEU B 289 11.17 5.91 -8.76
C LEU B 289 10.63 7.27 -8.31
N SER B 290 11.03 7.69 -7.12
CA SER B 290 10.35 8.75 -6.39
C SER B 290 11.01 10.10 -6.69
N VAL B 291 10.29 10.96 -7.39
CA VAL B 291 10.63 12.38 -7.50
C VAL B 291 9.46 13.18 -6.95
N PRO B 292 9.69 14.41 -6.53
CA PRO B 292 8.57 15.21 -6.00
C PRO B 292 7.53 15.47 -7.07
N CYS B 293 6.28 15.12 -6.75
CA CYS B 293 5.15 15.29 -7.66
C CYS B 293 4.07 16.13 -7.00
N VAL B 294 3.26 16.79 -7.83
CA VAL B 294 2.15 17.61 -7.37
C VAL B 294 0.87 16.79 -7.54
N LEU B 295 0.19 16.51 -6.43
CA LEU B 295 -0.93 15.58 -6.42
C LEU B 295 -2.23 16.33 -6.17
N GLY B 296 -3.25 16.05 -7.00
CA GLY B 296 -4.57 16.57 -6.80
C GLY B 296 -5.63 15.59 -7.26
N ARG B 297 -6.81 16.09 -7.62
CA ARG B 297 -7.92 15.21 -7.99
C ARG B 297 -7.61 14.36 -9.21
N ASN B 298 -6.72 14.82 -10.09
CA ASN B 298 -6.37 14.08 -11.29
C ASN B 298 -5.20 13.12 -11.08
N GLY B 299 -4.75 12.94 -9.85
CA GLY B 299 -3.52 12.20 -9.59
C GLY B 299 -2.33 13.13 -9.59
N ILE B 300 -1.36 12.87 -10.46
CA ILE B 300 -0.20 13.74 -10.61
C ILE B 300 -0.51 14.78 -11.69
N SER B 301 -0.41 16.06 -11.32
CA SER B 301 -0.58 17.13 -12.29
C SER B 301 0.76 17.50 -12.95
N GLU B 302 1.78 17.73 -12.14
CA GLU B 302 3.14 17.94 -12.63
C GLU B 302 4.10 17.01 -11.90
N VAL B 303 5.14 16.58 -12.61
CA VAL B 303 6.27 15.90 -12.00
C VAL B 303 7.45 16.87 -12.04
N PHE B 304 8.02 17.16 -10.88
CA PHE B 304 9.17 18.05 -10.84
C PHE B 304 10.33 17.44 -11.60
N LYS B 305 11.17 18.30 -12.16
CA LYS B 305 12.32 17.92 -12.97
C LYS B 305 13.56 18.52 -12.32
N PRO B 306 13.92 18.03 -11.12
CA PRO B 306 14.76 18.82 -10.23
C PRO B 306 16.19 18.98 -10.72
N LYS B 307 16.92 19.80 -9.98
CA LYS B 307 18.23 20.34 -10.35
C LYS B 307 19.22 19.87 -9.30
N LEU B 308 19.91 18.79 -9.61
CA LEU B 308 20.79 18.18 -8.66
C LEU B 308 22.26 18.31 -8.79
N THR B 309 22.94 18.10 -7.68
CA THR B 309 24.40 18.17 -7.69
C THR B 309 24.97 16.97 -8.44
N VAL B 310 26.26 17.05 -8.76
CA VAL B 310 26.91 15.96 -9.49
C VAL B 310 26.81 14.66 -8.70
N GLU B 311 27.21 14.69 -7.43
CA GLU B 311 27.09 13.49 -6.60
C GLU B 311 25.66 12.99 -6.54
N GLU B 312 24.70 13.91 -6.38
CA GLU B 312 23.32 13.50 -6.22
C GLU B 312 22.77 12.87 -7.49
N GLU B 313 23.05 13.46 -8.66
CA GLU B 313 22.61 12.84 -9.90
C GLU B 313 23.25 11.47 -10.09
N GLN B 314 24.48 11.30 -9.63
CA GLN B 314 25.11 9.97 -9.66
C GLN B 314 24.30 8.98 -8.83
N GLN B 315 23.94 9.36 -7.61
CA GLN B 315 23.25 8.44 -6.71
C GLN B 315 21.87 8.06 -7.25
N LEU B 316 21.18 9.00 -7.89
CA LEU B 316 19.87 8.68 -8.47
C LEU B 316 20.01 7.81 -9.71
N LYS B 317 21.15 7.91 -10.41
CA LYS B 317 21.39 7.01 -11.54
C LYS B 317 21.71 5.60 -11.05
N ASN B 318 22.52 5.49 -9.99
CA ASN B 318 22.79 4.19 -9.40
C ASN B 318 21.52 3.60 -8.80
N SER B 319 20.72 4.42 -8.12
CA SER B 319 19.45 3.93 -7.58
C SER B 319 18.57 3.35 -8.68
N ALA B 320 18.49 4.04 -9.82
CA ALA B 320 17.67 3.53 -10.93
C ALA B 320 18.25 2.24 -11.50
N GLU B 321 19.58 2.10 -11.50
CA GLU B 321 20.19 0.86 -11.96
C GLU B 321 19.86 -0.30 -11.04
N THR B 322 19.90 -0.07 -9.72
CA THR B 322 19.51 -1.11 -8.78
C THR B 322 18.06 -1.54 -9.00
N ILE B 323 17.20 -0.60 -9.35
CA ILE B 323 15.82 -0.95 -9.66
C ILE B 323 15.75 -1.74 -10.96
N TRP B 324 16.41 -1.24 -12.01
CA TRP B 324 16.33 -1.89 -13.31
C TRP B 324 16.92 -3.30 -13.26
N ASN B 325 18.09 -3.46 -12.64
CA ASN B 325 18.73 -4.77 -12.58
C ASN B 325 17.84 -5.84 -11.96
N THR B 326 16.72 -5.46 -11.34
CA THR B 326 15.68 -6.40 -10.95
C THR B 326 14.44 -6.31 -11.84
N GLN B 327 14.20 -5.13 -12.42
CA GLN B 327 13.04 -4.95 -13.29
C GLN B 327 13.25 -5.62 -14.64
N LYS B 328 14.51 -5.73 -15.09
CA LYS B 328 14.84 -6.48 -16.30
C LYS B 328 14.05 -7.79 -16.40
N ASP B 329 14.02 -8.54 -15.30
CA ASP B 329 13.80 -9.98 -15.34
C ASP B 329 12.37 -10.39 -15.01
N ILE B 330 11.45 -9.44 -14.85
CA ILE B 330 10.08 -9.78 -14.52
C ILE B 330 9.33 -10.10 -15.80
N GLN B 331 8.37 -11.04 -15.70
CA GLN B 331 7.55 -11.46 -16.83
C GLN B 331 6.14 -10.92 -16.60
N LEU B 332 5.81 -9.85 -17.30
CA LEU B 332 4.47 -9.25 -17.21
C LEU B 332 3.46 -10.10 -18.00
N ASN C 21 2.21 13.91 31.99
CA ASN C 21 1.06 13.40 31.25
C ASN C 21 1.41 12.10 30.55
N LYS C 22 1.78 11.10 31.35
CA LYS C 22 2.26 9.82 30.85
C LYS C 22 1.11 8.82 30.75
N ILE C 23 1.10 8.05 29.65
CA ILE C 23 0.08 7.04 29.41
C ILE C 23 0.78 5.71 29.15
N THR C 24 0.35 4.66 29.86
CA THR C 24 0.85 3.31 29.68
C THR C 24 -0.26 2.44 29.11
N VAL C 25 0.12 1.52 28.21
CA VAL C 25 -0.79 0.53 27.66
C VAL C 25 -0.19 -0.85 27.93
N ILE C 26 -0.92 -1.67 28.66
CA ILE C 26 -0.48 -3.03 28.99
C ILE C 26 -1.00 -3.98 27.91
N GLY C 27 -0.08 -4.66 27.24
CA GLY C 27 -0.45 -5.60 26.20
C GLY C 27 -0.42 -4.96 24.83
N VAL C 28 0.35 -5.55 23.91
CA VAL C 28 0.54 -4.96 22.59
C VAL C 28 0.01 -5.90 21.51
N GLY C 29 -1.15 -6.47 21.75
CA GLY C 29 -1.88 -7.19 20.73
C GLY C 29 -2.79 -6.26 19.94
N ALA C 30 -3.73 -6.87 19.22
CA ALA C 30 -4.60 -6.09 18.33
C ALA C 30 -5.42 -5.06 19.10
N VAL C 31 -5.75 -5.34 20.36
CA VAL C 31 -6.49 -4.37 21.16
C VAL C 31 -5.57 -3.24 21.61
N GLY C 32 -4.47 -3.60 22.28
CA GLY C 32 -3.57 -2.58 22.78
C GLY C 32 -3.03 -1.68 21.69
N MET C 33 -2.76 -2.25 20.52
CA MET C 33 -2.20 -1.45 19.44
C MET C 33 -3.25 -0.56 18.80
N ALA C 34 -4.50 -1.02 18.73
CA ALA C 34 -5.57 -0.16 18.26
C ALA C 34 -5.93 0.90 19.31
N CYS C 35 -5.83 0.55 20.59
CA CYS C 35 -5.96 1.56 21.63
C CYS C 35 -4.81 2.56 21.56
N ALA C 36 -3.58 2.05 21.45
CA ALA C 36 -2.41 2.93 21.40
C ALA C 36 -2.49 3.86 20.20
N PHE C 37 -2.90 3.33 19.04
CA PHE C 37 -2.94 4.15 17.83
C PHE C 37 -4.03 5.22 17.91
N SER C 38 -5.08 4.98 18.70
CA SER C 38 -6.12 5.98 18.88
C SER C 38 -5.72 7.04 19.90
N ILE C 39 -4.85 6.69 20.85
CA ILE C 39 -4.37 7.66 21.83
C ILE C 39 -3.36 8.60 21.19
N LEU C 40 -2.68 8.16 20.13
CA LEU C 40 -1.76 9.03 19.41
C LEU C 40 -2.49 9.87 18.37
N ASN C 41 -3.49 9.28 17.70
CA ASN C 41 -4.37 10.05 16.83
C ASN C 41 -4.98 11.24 17.56
N LYS C 42 -5.07 11.19 18.89
CA LYS C 42 -5.71 12.24 19.67
C LYS C 42 -4.69 13.08 20.46
N GLU C 43 -3.41 13.02 20.08
CA GLU C 43 -2.36 13.85 20.68
C GLU C 43 -2.54 14.01 22.19
N LEU C 44 -2.85 12.91 22.88
CA LEU C 44 -3.18 12.97 24.29
C LEU C 44 -1.98 12.85 25.21
N ALA C 45 -0.89 12.23 24.75
CA ALA C 45 0.19 11.82 25.63
C ALA C 45 1.49 12.52 25.28
N ASP C 46 2.28 12.79 26.32
CA ASP C 46 3.69 13.16 26.13
C ASP C 46 4.53 11.90 25.94
N GLU C 47 4.56 11.06 26.95
CA GLU C 47 5.24 9.79 26.88
C GLU C 47 4.19 8.76 26.64
N LEU C 48 4.53 7.65 26.02
CA LEU C 48 3.62 6.55 25.84
C LEU C 48 4.40 5.28 25.93
N VAL C 49 3.96 4.37 26.79
CA VAL C 49 4.61 3.13 26.99
C VAL C 49 3.78 1.95 26.61
N LEU C 50 4.42 1.01 25.96
CA LEU C 50 3.83 -0.28 25.62
C LEU C 50 4.53 -1.37 26.41
N ILE C 51 3.75 -2.33 26.92
CA ILE C 51 4.31 -3.40 27.75
C ILE C 51 3.82 -4.75 27.26
N VAL C 53 5.35 -9.18 26.53
CA VAL C 53 6.30 -10.21 26.96
C VAL C 53 7.11 -10.74 25.77
N VAL C 54 6.61 -10.52 24.56
CA VAL C 54 7.33 -10.89 23.35
C VAL C 54 8.13 -9.66 22.92
N GLU C 55 9.42 -9.63 23.31
CA GLU C 55 10.23 -8.44 23.10
C GLU C 55 10.34 -8.10 21.62
N ASP C 56 10.42 -9.12 20.75
CA ASP C 56 10.41 -8.89 19.32
C ASP C 56 9.20 -8.05 18.92
N LYS C 57 8.02 -8.40 19.46
CA LYS C 57 6.80 -7.69 19.12
C LYS C 57 6.82 -6.27 19.66
N LEU C 58 7.23 -6.10 20.92
CA LEU C 58 7.23 -4.79 21.55
C LEU C 58 8.03 -3.79 20.74
N LYS C 59 9.31 -4.09 20.48
CA LYS C 59 10.16 -3.15 19.76
C LYS C 59 9.63 -2.90 18.35
N GLY C 60 9.27 -3.96 17.65
CA GLY C 60 8.78 -3.80 16.28
C GLY C 60 7.63 -2.83 16.19
N GLU C 61 6.61 -3.02 17.04
CA GLU C 61 5.46 -2.11 17.02
C GLU C 61 5.87 -0.71 17.46
N MET C 62 6.84 -0.58 18.28
CA MET C 62 7.28 0.72 18.69
C MET C 62 7.95 1.42 17.57
N MET C 63 8.73 0.69 16.81
CA MET C 63 9.44 1.24 15.70
C MET C 63 8.57 1.53 14.54
N ASP C 64 7.45 0.89 14.45
CA ASP C 64 6.46 1.17 13.41
C ASP C 64 5.71 2.45 13.70
N LEU C 65 5.45 2.74 14.98
CA LEU C 65 4.85 4.02 15.35
C LEU C 65 5.84 5.16 15.23
N GLN C 66 7.12 4.89 15.52
CA GLN C 66 8.14 5.94 15.42
C GLN C 66 8.48 6.27 13.97
N GLN C 67 8.32 5.30 13.07
CA GLN C 67 8.69 5.53 11.67
C GLN C 67 7.75 6.54 11.01
N GLY C 68 6.50 6.61 11.45
CA GLY C 68 5.55 7.55 10.91
C GLY C 68 5.19 8.65 11.90
N SER C 69 6.20 9.13 12.64
CA SER C 69 5.95 10.07 13.72
C SER C 69 5.63 11.48 13.23
N LEU C 70 6.03 11.84 12.01
CA LEU C 70 5.70 13.16 11.50
C LEU C 70 4.19 13.33 11.36
N PHE C 71 3.47 12.25 11.11
CA PHE C 71 2.02 12.28 10.99
C PHE C 71 1.31 12.04 12.32
N LEU C 72 2.04 12.00 13.43
CA LEU C 72 1.46 11.93 14.77
C LEU C 72 2.03 13.09 15.59
N LYS C 73 1.90 13.01 16.92
CA LYS C 73 2.35 14.08 17.82
C LYS C 73 2.63 13.48 19.21
N THR C 74 3.71 12.71 19.35
CA THR C 74 3.95 12.04 20.64
C THR C 74 5.30 11.30 20.65
N ILE C 77 7.36 7.77 22.47
CA ILE C 77 6.98 6.36 22.56
C ILE C 77 8.12 5.52 23.14
N ILE C 78 7.77 4.50 23.94
CA ILE C 78 8.71 3.46 24.36
C ILE C 78 7.96 2.13 24.46
N ALA C 79 8.73 1.05 24.69
CA ALA C 79 8.17 -0.28 24.89
C ALA C 79 9.17 -1.11 25.70
N GLY C 80 8.72 -2.27 26.16
CA GLY C 80 9.58 -3.17 26.91
C GLY C 80 8.77 -4.03 27.87
N LYS C 81 9.51 -4.80 28.68
CA LYS C 81 8.92 -5.70 29.67
C LYS C 81 8.89 -5.08 31.06
N ASP C 82 10.05 -4.67 31.56
CA ASP C 82 10.15 -4.15 32.92
C ASP C 82 9.13 -3.05 33.14
N TYR C 83 8.38 -3.17 34.24
CA TYR C 83 7.32 -2.21 34.53
C TYR C 83 7.84 -0.90 35.08
N GLU C 84 9.16 -0.73 35.22
CA GLU C 84 9.70 0.57 35.64
C GLU C 84 9.63 1.59 34.52
N LEU C 85 9.56 1.15 33.27
CA LEU C 85 9.27 2.06 32.16
C LEU C 85 7.94 2.79 32.36
N THR C 86 7.05 2.24 33.17
CA THR C 86 5.71 2.77 33.36
C THR C 86 5.61 3.71 34.56
N ALA C 87 6.72 3.96 35.26
CA ALA C 87 6.64 4.69 36.52
C ALA C 87 5.98 6.05 36.34
N ASN C 88 5.08 6.37 37.26
CA ASN C 88 4.42 7.68 37.30
C ASN C 88 3.56 7.92 36.06
N SER C 89 2.83 6.90 35.65
CA SER C 89 1.83 7.06 34.60
C SER C 89 0.58 7.71 35.18
N LYS C 90 0.01 8.66 34.44
CA LYS C 90 -1.25 9.28 34.83
C LYS C 90 -2.44 8.43 34.42
N LEU C 91 -2.31 7.68 33.33
CA LEU C 91 -3.34 6.77 32.86
C LEU C 91 -2.69 5.47 32.43
N VAL C 92 -3.17 4.35 32.97
CA VAL C 92 -2.67 3.02 32.60
C VAL C 92 -3.85 2.24 32.05
N VAL C 93 -3.74 1.80 30.79
CA VAL C 93 -4.79 1.06 30.11
C VAL C 93 -4.39 -0.40 30.07
N VAL C 94 -5.28 -1.28 30.54
CA VAL C 94 -5.02 -2.71 30.62
C VAL C 94 -5.85 -3.39 29.55
N THR C 95 -5.18 -3.94 28.54
CA THR C 95 -5.81 -4.71 27.48
C THR C 95 -5.46 -6.18 27.51
N ALA C 96 -4.56 -6.60 28.40
CA ALA C 96 -4.04 -7.96 28.38
C ALA C 96 -5.14 -8.98 28.65
N GLY C 97 -5.23 -9.97 27.77
CA GLY C 97 -6.13 -11.09 27.96
C GLY C 97 -5.52 -12.40 27.50
N VAL C 110 -11.81 -17.20 31.92
CA VAL C 110 -12.39 -16.07 32.65
C VAL C 110 -11.61 -15.83 33.93
N GLN C 111 -11.20 -16.93 34.57
CA GLN C 111 -10.34 -16.85 35.74
C GLN C 111 -8.87 -16.74 35.37
N ARG C 112 -8.47 -17.22 34.20
CA ARG C 112 -7.11 -16.99 33.73
C ARG C 112 -6.79 -15.51 33.73
N ASN C 113 -7.70 -14.69 33.18
CA ASN C 113 -7.50 -13.25 33.18
C ASN C 113 -7.40 -12.70 34.60
N VAL C 114 -8.02 -13.36 35.57
CA VAL C 114 -7.89 -12.92 36.96
C VAL C 114 -6.46 -13.11 37.44
N ASN C 115 -5.84 -14.26 37.12
CA ASN C 115 -4.48 -14.52 37.55
C ASN C 115 -3.46 -13.76 36.70
N ILE C 116 -3.81 -13.44 35.45
CA ILE C 116 -3.00 -12.51 34.67
C ILE C 116 -3.00 -11.13 35.34
N PHE C 117 -4.16 -10.73 35.90
CA PHE C 117 -4.23 -9.47 36.62
C PHE C 117 -3.50 -9.53 37.96
N LYS C 118 -3.39 -10.73 38.56
CA LYS C 118 -2.61 -10.86 39.77
C LYS C 118 -1.15 -10.56 39.54
N PHE C 119 -0.70 -10.56 38.29
CA PHE C 119 0.65 -10.16 37.92
C PHE C 119 0.73 -8.71 37.44
N ILE C 120 -0.32 -8.20 36.80
CA ILE C 120 -0.26 -6.89 36.16
C ILE C 120 -0.51 -5.77 37.16
N ILE C 121 -1.63 -5.85 37.90
CA ILE C 121 -2.05 -4.72 38.73
C ILE C 121 -1.00 -4.38 39.78
N PRO C 122 -0.39 -5.34 40.49
CA PRO C 122 0.61 -4.95 41.50
C PRO C 122 1.81 -4.25 40.89
N ASN C 123 2.33 -4.77 39.78
CA ASN C 123 3.45 -4.12 39.10
C ASN C 123 3.09 -2.73 38.63
N VAL C 124 1.81 -2.51 38.26
CA VAL C 124 1.36 -1.16 37.90
C VAL C 124 1.36 -0.26 39.13
N VAL C 125 0.62 -0.67 40.17
CA VAL C 125 0.51 0.12 41.39
C VAL C 125 1.88 0.31 42.03
N LYS C 126 2.80 -0.63 41.78
CA LYS C 126 4.12 -0.53 42.39
C LYS C 126 4.86 0.72 41.92
N TYR C 127 4.68 1.10 40.65
CA TYR C 127 5.39 2.22 40.07
C TYR C 127 4.52 3.44 39.81
N SER C 128 3.19 3.29 39.74
CA SER C 128 2.27 4.39 39.50
C SER C 128 1.12 4.32 40.49
N PRO C 129 1.39 4.57 41.78
CA PRO C 129 0.32 4.45 42.79
C PRO C 129 -0.80 5.47 42.63
N ASP C 130 -0.60 6.54 41.88
CA ASP C 130 -1.63 7.57 41.71
C ASP C 130 -2.26 7.57 40.33
N CYS C 131 -2.04 6.51 39.54
CA CYS C 131 -2.52 6.49 38.16
C CYS C 131 -4.01 6.19 38.11
N ILE C 132 -4.62 6.54 36.97
CA ILE C 132 -5.98 6.14 36.66
C ILE C 132 -5.93 4.78 35.98
N LEU C 133 -6.60 3.79 36.58
CA LEU C 133 -6.72 2.47 35.98
C LEU C 133 -7.91 2.46 35.04
N LEU C 134 -7.67 2.11 33.78
CA LEU C 134 -8.73 1.92 32.80
C LEU C 134 -8.66 0.48 32.31
N ILE C 135 -9.71 -0.28 32.59
CA ILE C 135 -9.74 -1.71 32.34
C ILE C 135 -10.51 -1.96 31.05
N VAL C 136 -9.83 -2.54 30.06
CA VAL C 136 -10.45 -2.85 28.78
C VAL C 136 -10.64 -4.35 28.59
N SER C 137 -9.78 -5.18 29.18
CA SER C 137 -9.88 -6.63 29.03
C SER C 137 -11.25 -7.12 29.47
N ASN C 138 -11.66 -8.26 28.90
CA ASN C 138 -12.96 -8.87 29.12
C ASN C 138 -12.84 -10.08 30.03
N PRO C 139 -13.86 -10.35 30.87
CA PRO C 139 -15.06 -9.53 31.09
C PRO C 139 -14.75 -8.27 31.87
N VAL C 140 -14.99 -7.11 31.25
CA VAL C 140 -14.49 -5.85 31.79
C VAL C 140 -15.16 -5.52 33.12
N ASP C 141 -16.44 -5.81 33.26
CA ASP C 141 -17.15 -5.51 34.50
C ASP C 141 -16.48 -6.21 35.68
N ILE C 142 -16.29 -7.52 35.57
CA ILE C 142 -15.66 -8.28 36.65
C ILE C 142 -14.20 -7.86 36.81
N LEU C 143 -13.49 -7.68 35.69
CA LEU C 143 -12.07 -7.36 35.77
C LEU C 143 -11.81 -5.95 36.27
N THR C 144 -12.78 -5.05 36.16
CA THR C 144 -12.65 -3.76 36.83
C THR C 144 -12.86 -3.92 38.33
N TYR C 145 -13.58 -4.95 38.76
CA TYR C 145 -13.70 -5.24 40.18
C TYR C 145 -12.41 -5.87 40.72
N VAL C 146 -11.79 -6.76 39.95
CA VAL C 146 -10.52 -7.35 40.35
C VAL C 146 -9.45 -6.27 40.48
N ALA C 147 -9.35 -5.40 39.47
CA ALA C 147 -8.39 -4.31 39.52
C ALA C 147 -8.59 -3.47 40.77
N TRP C 148 -9.84 -3.15 41.11
CA TRP C 148 -10.13 -2.40 42.33
C TRP C 148 -9.65 -3.15 43.55
N LYS C 149 -9.82 -4.47 43.59
CA LYS C 149 -9.43 -5.24 44.76
C LYS C 149 -7.92 -5.44 44.83
N LEU C 150 -7.28 -5.77 43.71
CA LEU C 150 -5.83 -6.00 43.72
C LEU C 150 -5.06 -4.70 43.90
N SER C 151 -5.57 -3.59 43.35
CA SER C 151 -4.87 -2.31 43.48
C SER C 151 -5.15 -1.64 44.81
N GLY C 152 -6.34 -1.86 45.37
CA GLY C 152 -6.74 -1.14 46.57
C GLY C 152 -6.89 0.35 46.33
N PHE C 153 -6.90 0.75 45.06
CA PHE C 153 -7.10 2.15 44.72
C PHE C 153 -8.50 2.60 45.12
N PRO C 154 -8.70 3.90 45.35
CA PRO C 154 -10.06 4.41 45.49
C PRO C 154 -10.86 4.19 44.21
N LEU C 155 -12.19 4.22 44.35
CA LEU C 155 -13.06 3.84 43.25
C LEU C 155 -12.96 4.79 42.07
N ASN C 156 -12.55 6.03 42.28
CA ASN C 156 -12.50 6.99 41.17
C ASN C 156 -11.37 6.67 40.20
N ARG C 157 -10.29 6.04 40.67
CA ARG C 157 -9.15 5.71 39.83
C ARG C 157 -9.17 4.28 39.33
N VAL C 158 -10.35 3.66 39.29
CA VAL C 158 -10.52 2.32 38.74
C VAL C 158 -11.73 2.38 37.83
N ILE C 159 -11.50 2.42 36.52
CA ILE C 159 -12.55 2.59 35.54
C ILE C 159 -12.48 1.44 34.54
N GLY C 160 -13.63 1.03 34.04
CA GLY C 160 -13.72 0.00 33.03
C GLY C 160 -14.39 0.55 31.78
N SER C 161 -13.87 0.14 30.61
CA SER C 161 -14.44 0.60 29.34
C SER C 161 -15.95 0.48 29.34
N GLY C 162 -16.48 -0.58 29.94
CA GLY C 162 -17.91 -0.69 30.15
C GLY C 162 -18.67 -0.62 28.85
N CYS C 163 -19.73 0.21 28.84
CA CYS C 163 -20.67 0.29 27.73
C CYS C 163 -20.49 1.55 26.91
N ASN C 164 -19.36 2.23 27.03
CA ASN C 164 -19.16 3.47 26.27
C ASN C 164 -19.26 3.22 24.77
N LEU C 165 -18.66 2.13 24.30
CA LEU C 165 -18.75 1.80 22.87
C LEU C 165 -20.14 1.31 22.51
N ASP C 166 -20.79 0.56 23.39
CA ASP C 166 -22.13 0.05 23.10
C ASP C 166 -23.13 1.19 22.93
N SER C 167 -23.15 2.13 23.88
CA SER C 167 -24.02 3.29 23.73
C SER C 167 -23.68 4.07 22.47
N ALA C 168 -22.39 4.29 22.22
CA ALA C 168 -21.96 4.94 20.99
C ALA C 168 -22.56 4.27 19.76
N ARG C 169 -22.51 2.93 19.72
CA ARG C 169 -23.10 2.20 18.61
C ARG C 169 -24.62 2.37 18.59
N PHE C 170 -25.25 2.17 19.75
CA PHE C 170 -26.70 2.34 19.87
C PHE C 170 -27.15 3.70 19.34
N ARG C 171 -26.50 4.76 19.81
CA ARG C 171 -26.84 6.10 19.34
C ARG C 171 -26.74 6.19 17.82
N TYR C 172 -25.62 5.70 17.26
CA TYR C 172 -25.40 5.83 15.83
C TYR C 172 -26.44 5.06 15.03
N LEU C 173 -26.70 3.80 15.42
CA LEU C 173 -27.65 2.98 14.66
C LEU C 173 -29.06 3.55 14.72
N VAL C 174 -29.49 4.03 15.89
CA VAL C 174 -30.83 4.60 16.01
C VAL C 174 -30.95 5.85 15.16
N SER C 175 -29.99 6.77 15.30
CA SER C 175 -30.08 8.03 14.57
C SER C 175 -30.02 7.82 13.06
N GLU C 176 -29.46 6.70 12.60
CA GLU C 176 -29.50 6.36 11.19
C GLU C 176 -30.92 6.00 10.74
N MET C 177 -31.72 5.44 11.64
CA MET C 177 -33.11 5.12 11.30
C MET C 177 -33.95 6.37 11.24
N ILE C 178 -33.81 7.25 12.23
CA ILE C 178 -34.51 8.53 12.21
C ILE C 178 -34.15 9.31 10.95
N GLY C 179 -32.86 9.65 10.81
CA GLY C 179 -32.40 10.41 9.67
C GLY C 179 -31.72 11.71 10.07
N ILE C 180 -31.01 11.69 11.19
CA ILE C 180 -30.33 12.86 11.72
C ILE C 180 -28.90 12.48 12.07
N HIS C 181 -28.14 13.49 12.51
CA HIS C 181 -26.73 13.33 12.87
C HIS C 181 -26.62 12.74 14.28
N PRO C 182 -25.69 11.81 14.52
CA PRO C 182 -25.64 11.16 15.84
C PRO C 182 -25.44 12.12 17.00
N SER C 183 -24.76 13.25 16.80
CA SER C 183 -24.53 14.17 17.91
C SER C 183 -25.82 14.77 18.45
N ASN C 184 -26.94 14.63 17.72
CA ASN C 184 -28.23 15.13 18.18
C ASN C 184 -29.20 14.02 18.56
N PHE C 185 -28.68 12.82 18.81
CA PHE C 185 -29.47 11.75 19.40
C PHE C 185 -28.78 11.28 20.67
N HIS C 186 -29.58 11.02 21.70
CA HIS C 186 -29.06 10.74 23.03
C HIS C 186 -29.81 9.57 23.64
N GLY C 187 -29.12 8.82 24.47
CA GLY C 187 -29.56 7.52 24.93
C GLY C 187 -28.33 6.67 25.19
N CYS C 188 -28.51 5.64 26.01
CA CYS C 188 -27.36 4.90 26.49
C CYS C 188 -27.74 3.48 26.85
N ILE C 189 -26.72 2.62 26.92
CA ILE C 189 -26.83 1.25 27.40
C ILE C 189 -26.10 1.16 28.73
N LEU C 190 -26.70 0.44 29.67
CA LEU C 190 -26.12 0.26 31.00
C LEU C 190 -26.13 -1.22 31.36
N GLY C 191 -25.47 -1.53 32.46
CA GLY C 191 -25.37 -2.91 32.93
C GLY C 191 -24.11 -3.59 32.45
N GLU C 192 -24.15 -4.92 32.47
CA GLU C 192 -23.05 -5.70 31.93
C GLU C 192 -22.73 -5.24 30.51
N HIS C 193 -21.44 -5.22 30.18
CA HIS C 193 -21.04 -5.12 28.78
C HIS C 193 -21.12 -6.52 28.20
N GLY C 194 -22.33 -6.90 27.78
CA GLY C 194 -22.59 -8.26 27.32
C GLY C 194 -24.00 -8.43 26.82
N ASP C 195 -24.59 -9.59 27.09
CA ASP C 195 -25.93 -9.92 26.59
C ASP C 195 -27.05 -9.45 27.50
N SER C 196 -26.75 -9.07 28.75
CA SER C 196 -27.77 -8.69 29.71
C SER C 196 -27.87 -7.18 29.89
N SER C 197 -27.23 -6.40 29.03
CA SER C 197 -27.23 -4.95 29.19
C SER C 197 -28.64 -4.40 28.97
N VAL C 198 -28.79 -3.11 29.24
CA VAL C 198 -30.11 -2.49 29.33
C VAL C 198 -30.16 -1.20 28.50
N PRO C 199 -30.92 -1.16 27.41
CA PRO C 199 -31.16 0.12 26.73
C PRO C 199 -32.10 0.99 27.56
N ILE C 200 -31.61 2.16 27.95
CA ILE C 200 -32.38 3.05 28.86
C ILE C 200 -33.27 3.88 27.94
N LEU C 201 -34.41 3.30 27.58
CA LEU C 201 -35.31 3.94 26.63
C LEU C 201 -36.05 5.13 27.23
N SER C 202 -36.14 5.23 28.56
CA SER C 202 -36.82 6.36 29.19
C SER C 202 -36.05 7.67 29.04
N GLY C 203 -34.85 7.63 28.47
CA GLY C 203 -34.04 8.84 28.36
C GLY C 203 -33.67 9.19 26.94
N LEU C 204 -34.33 8.57 25.96
CA LEU C 204 -34.03 8.84 24.56
C LEU C 204 -34.49 10.24 24.21
N ASN C 205 -33.56 11.04 23.68
CA ASN C 205 -33.78 12.47 23.49
C ASN C 205 -33.16 12.93 22.18
N ILE C 206 -33.85 13.83 21.49
CA ILE C 206 -33.35 14.45 20.26
C ILE C 206 -33.33 15.95 20.47
N ALA C 207 -32.15 16.51 20.69
CA ALA C 207 -31.95 17.96 20.66
C ALA C 207 -32.91 18.69 21.60
N GLY C 208 -32.99 18.20 22.83
CA GLY C 208 -33.83 18.81 23.84
C GLY C 208 -35.27 18.37 23.85
N MET C 209 -35.65 17.42 23.02
CA MET C 209 -36.99 16.85 23.00
C MET C 209 -36.94 15.40 23.43
N SER C 210 -38.10 14.87 23.80
CA SER C 210 -38.19 13.51 24.33
C SER C 210 -39.24 12.70 23.58
N CYS C 227 -36.36 -0.10 18.24
CA CYS C 227 -35.42 0.60 19.11
C CYS C 227 -34.80 -0.38 20.09
N LYS C 228 -35.64 -1.18 20.75
CA LYS C 228 -35.13 -2.39 21.40
C LYS C 228 -34.56 -3.35 20.36
N ASP C 229 -34.96 -3.20 19.10
CA ASP C 229 -34.32 -3.91 18.01
C ASP C 229 -32.83 -3.54 17.93
N VAL C 230 -32.55 -2.24 17.79
CA VAL C 230 -31.17 -1.79 17.64
C VAL C 230 -30.30 -2.34 18.75
N HIS C 231 -30.84 -2.48 19.96
CA HIS C 231 -30.04 -2.90 21.08
C HIS C 231 -29.44 -4.29 20.85
N LYS C 232 -30.30 -5.30 20.65
CA LYS C 232 -29.80 -6.65 20.44
C LYS C 232 -28.84 -6.71 19.26
N LYS C 233 -29.08 -5.91 18.23
CA LYS C 233 -28.15 -5.83 17.12
C LYS C 233 -26.77 -5.37 17.56
N VAL C 234 -26.71 -4.52 18.59
CA VAL C 234 -25.42 -4.08 19.11
C VAL C 234 -24.73 -5.22 19.85
N THR C 235 -25.49 -5.98 20.65
CA THR C 235 -24.91 -7.10 21.37
C THR C 235 -24.49 -8.20 20.40
N GLU C 236 -25.36 -8.51 19.44
CA GLU C 236 -25.09 -9.60 18.50
C GLU C 236 -23.95 -9.23 17.56
N SER C 237 -23.88 -7.96 17.14
CA SER C 237 -22.77 -7.53 16.29
C SER C 237 -21.44 -7.69 17.01
N ALA C 238 -21.38 -7.28 18.27
CA ALA C 238 -20.16 -7.45 19.06
C ALA C 238 -19.75 -8.91 19.15
N TYR C 239 -20.72 -9.83 19.04
CA TYR C 239 -20.42 -11.25 19.14
C TYR C 239 -19.90 -11.81 17.81
N GLU C 240 -20.47 -11.38 16.69
CA GLU C 240 -19.94 -11.80 15.39
C GLU C 240 -18.48 -11.38 15.24
N ILE C 241 -18.16 -10.14 15.59
CA ILE C 241 -16.80 -9.63 15.41
C ILE C 241 -15.81 -10.54 16.14
N ILE C 242 -16.11 -10.86 17.40
CA ILE C 242 -15.28 -11.83 18.13
C ILE C 242 -15.32 -13.18 17.44
N LYS C 243 -16.44 -13.50 16.79
CA LYS C 243 -16.59 -14.81 16.14
C LYS C 243 -15.75 -14.92 14.87
N LEU C 244 -15.59 -13.83 14.13
CA LEU C 244 -15.01 -13.88 12.78
C LEU C 244 -13.53 -13.51 12.74
N LYS C 245 -13.09 -12.56 13.55
CA LYS C 245 -11.69 -12.18 13.61
C LYS C 245 -11.08 -12.44 14.98
N GLY C 246 -11.79 -13.12 15.87
CA GLY C 246 -11.29 -13.49 17.18
C GLY C 246 -11.51 -12.46 18.26
N TYR C 247 -11.28 -11.18 17.94
CA TYR C 247 -11.32 -10.11 18.93
C TYR C 247 -11.91 -8.86 18.29
N THR C 248 -12.22 -7.89 19.14
CA THR C 248 -12.55 -6.53 18.71
C THR C 248 -11.33 -5.65 18.94
N SER C 249 -11.01 -4.81 17.97
CA SER C 249 -9.81 -3.99 18.04
C SER C 249 -10.09 -2.55 17.63
N TRP C 250 -10.47 -2.34 16.37
CA TRP C 250 -10.65 -0.98 15.88
C TRP C 250 -11.72 -0.23 16.66
N ALA C 251 -12.82 -0.91 17.00
CA ALA C 251 -13.94 -0.24 17.65
C ALA C 251 -13.61 0.10 19.10
N ILE C 252 -13.14 -0.89 19.87
CA ILE C 252 -12.83 -0.64 21.27
C ILE C 252 -11.64 0.29 21.42
N GLY C 253 -10.77 0.38 20.42
CA GLY C 253 -9.65 1.31 20.49
C GLY C 253 -10.09 2.75 20.38
N LEU C 254 -11.03 3.03 19.48
CA LEU C 254 -11.62 4.37 19.40
C LEU C 254 -12.33 4.73 20.71
N SER C 255 -13.10 3.79 21.25
CA SER C 255 -13.82 4.05 22.49
C SER C 255 -12.85 4.35 23.64
N VAL C 256 -11.76 3.59 23.72
CA VAL C 256 -10.72 3.90 24.70
C VAL C 256 -10.15 5.28 24.44
N GLY C 257 -10.15 5.72 23.18
CA GLY C 257 -9.67 7.05 22.86
C GLY C 257 -10.60 8.14 23.33
N ASP C 258 -11.90 7.97 23.11
CA ASP C 258 -12.89 8.92 23.61
C ASP C 258 -12.85 9.00 25.12
N LEU C 259 -12.59 7.87 25.79
CA LEU C 259 -12.53 7.87 27.25
C LEU C 259 -11.24 8.51 27.74
N SER C 260 -10.11 8.20 27.11
CA SER C 260 -8.84 8.80 27.52
C SER C 260 -8.85 10.30 27.28
N CYS C 261 -9.67 10.79 26.36
CA CYS C 261 -9.83 12.22 26.16
C CYS C 261 -10.31 12.89 27.44
N SER C 262 -11.45 12.44 27.96
CA SER C 262 -12.06 13.08 29.09
C SER C 262 -11.25 12.91 30.38
N LEU C 263 -10.43 11.87 30.46
CA LEU C 263 -9.62 11.64 31.64
C LEU C 263 -8.31 12.42 31.64
N ILE C 264 -7.80 12.76 30.46
CA ILE C 264 -6.52 13.47 30.35
C ILE C 264 -6.72 14.97 30.21
N LYS C 265 -7.69 15.39 29.42
CA LYS C 265 -7.99 16.81 29.25
C LYS C 265 -8.95 17.33 30.32
N ASN C 266 -9.30 16.51 31.32
CA ASN C 266 -10.17 16.91 32.40
C ASN C 266 -11.49 17.49 31.85
N LEU C 267 -12.02 16.86 30.81
CA LEU C 267 -13.18 17.41 30.12
C LEU C 267 -14.45 17.36 30.96
N ARG C 268 -14.50 16.49 31.97
CA ARG C 268 -15.70 16.32 32.79
C ARG C 268 -16.88 15.83 31.94
N LYS C 269 -16.61 15.00 30.94
CA LYS C 269 -17.66 14.46 30.09
C LYS C 269 -18.27 13.22 30.73
N VAL C 270 -19.40 12.80 30.17
CA VAL C 270 -20.21 11.72 30.74
C VAL C 270 -20.13 10.51 29.84
N HIS C 271 -19.81 9.35 30.43
CA HIS C 271 -19.76 8.09 29.72
C HIS C 271 -20.32 6.98 30.61
N PRO C 272 -21.00 6.00 30.05
CA PRO C 272 -21.32 4.77 30.81
C PRO C 272 -20.08 3.90 30.93
N VAL C 273 -19.60 3.71 32.16
CA VAL C 273 -18.35 2.99 32.41
C VAL C 273 -18.51 2.14 33.66
N SER C 274 -17.81 1.01 33.67
CA SER C 274 -17.91 0.07 34.79
C SER C 274 -17.43 0.73 36.08
N THR C 275 -18.26 0.64 37.11
CA THR C 275 -17.90 1.12 38.45
C THR C 275 -18.90 0.55 39.43
N LEU C 276 -18.48 0.48 40.70
CA LEU C 276 -19.29 -0.13 41.74
C LEU C 276 -20.68 0.48 41.78
N VAL C 277 -21.70 -0.39 41.72
CA VAL C 277 -23.09 0.02 41.79
C VAL C 277 -23.77 -0.50 43.04
N LYS C 278 -23.02 -1.09 43.97
CA LYS C 278 -23.61 -1.58 45.21
C LYS C 278 -24.34 -0.44 45.92
N GLY C 279 -25.59 -0.70 46.29
CA GLY C 279 -26.47 0.31 46.84
C GLY C 279 -27.46 0.88 45.86
N GLN C 280 -27.19 0.76 44.57
CA GLN C 280 -28.11 1.20 43.52
C GLN C 280 -28.92 0.01 43.00
N PHE C 281 -30.14 0.31 42.55
CA PHE C 281 -30.98 -0.67 41.85
C PHE C 281 -31.13 -1.95 42.67
N GLY C 282 -31.27 -1.80 43.99
CA GLY C 282 -31.53 -2.93 44.86
C GLY C 282 -30.32 -3.77 45.20
N ILE C 283 -29.31 -3.76 44.33
CA ILE C 283 -28.17 -4.66 44.49
C ILE C 283 -27.51 -4.42 45.85
N ASP C 284 -26.99 -5.51 46.44
CA ASP C 284 -26.24 -5.42 47.69
C ASP C 284 -24.92 -6.15 47.64
N ASN C 285 -24.55 -6.75 46.50
CA ASN C 285 -23.20 -7.26 46.30
C ASN C 285 -22.32 -6.19 45.66
N GLU C 286 -21.02 -6.47 45.63
CA GLU C 286 -20.05 -5.52 45.05
C GLU C 286 -19.89 -5.75 43.55
N VAL C 287 -20.99 -5.52 42.84
CA VAL C 287 -21.02 -5.65 41.39
C VAL C 287 -20.56 -4.35 40.77
N PHE C 288 -19.69 -4.45 39.77
CA PHE C 288 -19.36 -3.34 38.88
C PHE C 288 -20.18 -3.48 37.60
N LEU C 289 -20.69 -2.35 37.11
CA LEU C 289 -21.29 -2.31 35.79
C LEU C 289 -21.46 -0.85 35.39
N SER C 290 -21.84 -0.64 34.13
CA SER C 290 -21.76 0.68 33.52
C SER C 290 -22.95 1.54 33.94
N VAL C 291 -22.65 2.67 34.55
CA VAL C 291 -23.63 3.75 34.74
C VAL C 291 -22.95 5.05 34.35
N PRO C 292 -23.73 6.08 34.01
CA PRO C 292 -23.11 7.34 33.57
C PRO C 292 -22.24 7.95 34.66
N CYS C 293 -21.01 8.30 34.30
CA CYS C 293 -20.06 8.89 35.21
C CYS C 293 -19.39 10.10 34.56
N VAL C 294 -18.93 11.04 35.36
CA VAL C 294 -18.26 12.22 34.86
C VAL C 294 -16.82 11.95 35.06
N LEU C 295 -16.05 12.01 34.00
CA LEU C 295 -14.65 11.75 34.08
C LEU C 295 -13.78 12.93 33.86
N GLY C 296 -12.64 12.92 34.49
CA GLY C 296 -11.69 13.96 34.33
C GLY C 296 -10.40 13.68 35.01
N ASN C 298 -9.24 13.37 37.57
CA ASN C 298 -9.19 12.58 38.75
C ASN C 298 -9.89 11.26 38.67
N GLY C 299 -10.21 10.85 37.48
CA GLY C 299 -10.86 9.62 37.29
C GLY C 299 -12.28 9.96 37.33
N ILE C 300 -13.04 9.14 37.99
CA ILE C 300 -14.47 9.40 38.09
C ILE C 300 -14.66 10.47 39.15
N SER C 301 -15.13 11.65 38.73
CA SER C 301 -15.42 12.72 39.68
C SER C 301 -16.76 12.50 40.37
N GLU C 302 -17.77 12.06 39.63
CA GLU C 302 -19.10 11.87 40.17
C GLU C 302 -19.78 10.70 39.48
N VAL C 303 -20.61 9.99 40.24
CA VAL C 303 -21.37 8.85 39.75
C VAL C 303 -22.84 9.22 39.74
N PHE C 304 -23.44 9.30 38.56
CA PHE C 304 -24.89 9.45 38.48
C PHE C 304 -25.58 8.29 39.17
N LYS C 305 -26.59 8.59 39.96
CA LYS C 305 -27.41 7.57 40.58
C LYS C 305 -28.81 7.64 39.96
N PRO C 306 -28.98 7.12 38.74
CA PRO C 306 -30.17 7.46 37.95
C PRO C 306 -31.44 6.83 38.47
N LYS C 307 -32.55 7.33 37.91
CA LYS C 307 -33.90 6.96 38.31
C LYS C 307 -34.62 6.47 37.06
N LEU C 308 -34.89 5.16 37.00
CA LEU C 308 -35.39 4.52 35.79
C LEU C 308 -36.77 3.94 36.03
N THR C 309 -37.36 3.40 34.96
CA THR C 309 -38.69 2.80 35.02
C THR C 309 -38.64 1.50 35.81
N VAL C 310 -39.80 0.90 36.02
CA VAL C 310 -39.87 -0.37 36.76
C VAL C 310 -39.19 -1.47 35.95
N GLU C 311 -39.59 -1.62 34.69
CA GLU C 311 -38.94 -2.59 33.82
C GLU C 311 -37.43 -2.32 33.72
N GLU C 312 -37.06 -1.04 33.70
CA GLU C 312 -35.65 -0.68 33.50
C GLU C 312 -34.79 -1.09 34.69
N GLU C 313 -35.27 -0.81 35.91
CA GLU C 313 -34.52 -1.21 37.09
C GLU C 313 -34.67 -2.69 37.40
N GLN C 314 -35.71 -3.34 36.88
CA GLN C 314 -35.78 -4.80 36.96
C GLN C 314 -34.79 -5.46 36.02
N GLN C 315 -34.35 -4.75 34.97
CA GLN C 315 -33.37 -5.27 34.03
C GLN C 315 -31.93 -5.07 34.52
N LEU C 316 -31.69 -3.98 35.20
CA LEU C 316 -30.39 -3.69 35.76
C LEU C 316 -30.08 -4.53 36.94
N LYS C 317 -31.10 -4.90 37.69
CA LYS C 317 -30.95 -5.85 38.80
C LYS C 317 -30.69 -7.25 38.26
N ASN C 318 -31.31 -7.61 37.13
CA ASN C 318 -31.05 -8.89 36.48
C ASN C 318 -29.72 -8.89 35.74
N SER C 319 -29.14 -7.70 35.47
CA SER C 319 -27.83 -7.64 34.84
C SER C 319 -26.72 -7.86 35.86
N ALA C 320 -26.82 -7.21 37.02
CA ALA C 320 -25.86 -7.46 38.08
C ALA C 320 -26.02 -8.87 38.66
N GLU C 321 -27.25 -9.39 38.70
CA GLU C 321 -27.46 -10.77 39.12
C GLU C 321 -26.72 -11.73 38.20
N THR C 322 -26.67 -11.43 36.89
CA THR C 322 -25.92 -12.25 35.97
C THR C 322 -24.42 -12.08 36.17
N ILE C 323 -23.96 -10.84 36.31
CA ILE C 323 -22.54 -10.59 36.56
C ILE C 323 -22.09 -11.34 37.81
N TRP C 324 -22.88 -11.23 38.89
CA TRP C 324 -22.48 -11.86 40.15
C TRP C 324 -22.50 -13.37 40.06
N ASN C 325 -23.33 -13.94 39.18
CA ASN C 325 -23.45 -15.39 39.07
C ASN C 325 -22.14 -16.02 38.60
N THR C 326 -21.15 -15.19 38.26
CA THR C 326 -19.83 -15.68 37.90
C THR C 326 -18.76 -14.95 38.69
N GLN C 327 -19.03 -13.71 39.09
CA GLN C 327 -18.12 -12.99 39.97
C GLN C 327 -18.03 -13.65 41.33
N LYS C 328 -19.10 -14.33 41.75
CA LYS C 328 -19.12 -15.01 43.04
C LYS C 328 -18.20 -16.22 43.07
N ASP C 329 -17.74 -16.70 41.91
CA ASP C 329 -16.99 -17.96 41.82
C ASP C 329 -15.56 -17.76 41.31
N ILE C 330 -14.98 -16.57 41.51
CA ILE C 330 -13.59 -16.32 41.12
C ILE C 330 -12.73 -16.31 42.38
N GLN C 331 -11.52 -16.86 42.26
CA GLN C 331 -10.53 -16.80 43.32
C GLN C 331 -9.60 -15.62 43.04
N LEU C 332 -9.67 -14.60 43.88
CA LEU C 332 -8.76 -13.45 43.77
C LEU C 332 -7.51 -13.67 44.61
N ASN D 21 -18.93 25.49 -3.94
CA ASN D 21 -19.31 25.88 -2.59
C ASN D 21 -19.17 27.38 -2.38
N LYS D 22 -19.83 28.16 -3.22
CA LYS D 22 -19.84 29.61 -3.08
C LYS D 22 -20.87 30.03 -2.06
N ILE D 23 -20.48 30.96 -1.19
CA ILE D 23 -21.33 31.42 -0.09
C ILE D 23 -21.15 32.93 0.05
N THR D 24 -22.26 33.63 0.28
CA THR D 24 -22.30 35.08 0.24
C THR D 24 -22.71 35.65 1.59
N VAL D 25 -22.07 36.74 1.99
CA VAL D 25 -22.46 37.53 3.14
C VAL D 25 -22.67 38.96 2.66
N ILE D 26 -23.65 39.64 3.26
CA ILE D 26 -24.07 40.96 2.80
C ILE D 26 -24.13 41.90 3.99
N GLY D 27 -23.07 42.67 4.22
CA GLY D 27 -23.15 43.85 5.06
C GLY D 27 -22.33 43.69 6.33
N ALA D 30 -20.81 44.70 10.40
CA ALA D 30 -19.90 44.13 11.40
C ALA D 30 -20.37 42.78 11.91
N VAL D 31 -21.69 42.63 12.09
CA VAL D 31 -22.29 41.30 12.23
C VAL D 31 -21.83 40.42 11.07
N GLY D 32 -21.91 40.96 9.86
CA GLY D 32 -21.62 40.18 8.67
C GLY D 32 -20.14 39.92 8.44
N MET D 33 -19.27 40.52 9.24
CA MET D 33 -17.86 40.17 9.24
C MET D 33 -17.51 39.15 10.31
N ALA D 34 -18.11 39.28 11.50
CA ALA D 34 -18.04 38.20 12.47
C ALA D 34 -18.64 36.92 11.92
N CYS D 35 -19.64 37.04 11.03
CA CYS D 35 -20.16 35.88 10.32
C CYS D 35 -19.18 35.42 9.26
N ALA D 36 -18.60 36.36 8.51
CA ALA D 36 -17.64 36.00 7.47
C ALA D 36 -16.38 35.37 8.07
N PHE D 37 -15.86 35.99 9.14
CA PHE D 37 -14.64 35.49 9.77
C PHE D 37 -14.84 34.11 10.38
N SER D 38 -16.05 33.84 10.88
CA SER D 38 -16.34 32.52 11.46
C SER D 38 -16.64 31.48 10.38
N ILE D 39 -17.18 31.91 9.23
CA ILE D 39 -17.39 31.01 8.12
C ILE D 39 -16.06 30.62 7.48
N LEU D 40 -15.08 31.45 7.62
CA LEU D 40 -13.80 31.15 7.07
C LEU D 40 -12.99 30.34 8.02
N ASN D 41 -13.35 30.32 9.29
CA ASN D 41 -12.64 29.60 10.31
C ASN D 41 -13.02 28.20 10.30
N LYS D 42 -14.20 27.96 9.77
CA LYS D 42 -14.67 26.60 9.58
C LYS D 42 -14.30 26.04 8.20
N GLU D 43 -13.69 26.86 7.34
CA GLU D 43 -13.16 26.42 6.06
C GLU D 43 -14.25 25.77 5.21
N LEU D 44 -15.45 26.35 5.28
CA LEU D 44 -16.60 25.82 4.55
C LEU D 44 -16.62 26.27 3.09
N ALA D 45 -16.05 27.44 2.80
CA ALA D 45 -16.24 28.08 1.52
C ALA D 45 -15.10 27.79 0.55
N ASP D 46 -15.46 27.59 -0.71
CA ASP D 46 -14.52 27.72 -1.82
C ASP D 46 -14.44 29.14 -2.34
N GLU D 47 -15.38 30.00 -1.95
CA GLU D 47 -15.49 31.33 -2.51
C GLU D 47 -16.47 32.16 -1.68
N LEU D 48 -15.95 33.17 -0.98
CA LEU D 48 -16.74 34.01 -0.09
C LEU D 48 -16.94 35.38 -0.74
N VAL D 49 -18.19 35.81 -0.84
CA VAL D 49 -18.55 37.07 -1.50
C VAL D 49 -19.14 38.00 -0.46
N LEU D 50 -18.48 39.14 -0.26
CA LEU D 50 -19.03 40.23 0.55
C LEU D 50 -19.72 41.24 -0.37
N ILE D 51 -20.90 41.68 0.03
CA ILE D 51 -21.69 42.64 -0.75
C ILE D 51 -22.22 43.70 0.19
N ASP D 52 -21.98 44.97 -0.14
CA ASP D 52 -22.52 46.08 0.62
C ASP D 52 -22.57 47.29 -0.30
N VAL D 53 -22.78 48.47 0.29
CA VAL D 53 -22.97 49.69 -0.50
C VAL D 53 -21.66 50.46 -0.59
N VAL D 54 -21.15 50.92 0.55
CA VAL D 54 -19.93 51.74 0.53
C VAL D 54 -18.80 50.83 0.06
N GLU D 55 -18.24 51.14 -1.11
CA GLU D 55 -17.20 50.30 -1.70
C GLU D 55 -15.80 50.62 -1.20
N ASP D 56 -15.62 51.79 -0.58
CA ASP D 56 -14.32 52.11 0.02
C ASP D 56 -14.03 51.18 1.19
N LYS D 57 -14.97 51.05 2.12
CA LYS D 57 -14.79 50.16 3.26
C LYS D 57 -14.83 48.70 2.83
N LEU D 58 -15.82 48.35 2.01
CA LEU D 58 -16.00 46.95 1.58
C LEU D 58 -14.70 46.36 1.04
N LYS D 59 -14.02 47.09 0.16
CA LYS D 59 -12.77 46.59 -0.40
C LYS D 59 -11.67 46.48 0.65
N GLY D 60 -11.73 47.31 1.69
CA GLY D 60 -10.73 47.25 2.75
C GLY D 60 -10.80 45.99 3.58
N GLU D 61 -11.96 45.34 3.62
CA GLU D 61 -12.11 44.09 4.34
C GLU D 61 -11.71 42.88 3.49
N MET D 62 -12.09 42.88 2.20
CA MET D 62 -11.59 41.86 1.30
C MET D 62 -10.08 41.78 1.35
N MET D 63 -9.41 42.93 1.28
CA MET D 63 -7.94 42.94 1.29
C MET D 63 -7.40 42.48 2.62
N ASP D 64 -8.03 42.88 3.72
CA ASP D 64 -7.62 42.39 5.04
C ASP D 64 -7.74 40.88 5.11
N LEU D 65 -8.93 40.34 4.81
CA LEU D 65 -9.12 38.89 4.79
C LEU D 65 -8.15 38.23 3.83
N GLN D 66 -8.05 38.76 2.62
CA GLN D 66 -7.10 38.22 1.67
C GLN D 66 -5.68 38.19 2.25
N GLN D 67 -5.40 39.00 3.27
CA GLN D 67 -4.01 39.24 3.65
C GLN D 67 -3.44 38.10 4.49
N GLY D 68 -4.24 37.54 5.39
CA GLY D 68 -3.80 36.43 6.20
C GLY D 68 -4.38 35.12 5.70
N SER D 69 -4.60 35.04 4.39
CA SER D 69 -5.30 33.91 3.80
C SER D 69 -4.55 32.60 3.98
N LEU D 70 -3.23 32.64 4.20
CA LEU D 70 -2.48 31.42 4.47
C LEU D 70 -3.07 30.66 5.65
N PHE D 71 -3.63 31.39 6.62
CA PHE D 71 -4.20 30.78 7.81
C PHE D 71 -5.67 30.43 7.67
N LEU D 72 -6.16 30.27 6.44
CA LEU D 72 -7.57 29.95 6.22
C LEU D 72 -7.71 28.80 5.23
N ASN D 76 -10.50 31.93 -2.43
CA ASN D 76 -11.11 33.06 -3.12
C ASN D 76 -11.92 33.94 -2.17
N ILE D 77 -11.66 35.24 -2.20
CA ILE D 77 -12.48 36.23 -1.50
C ILE D 77 -12.70 37.40 -2.45
N ILE D 78 -13.95 37.83 -2.58
CA ILE D 78 -14.34 38.82 -3.58
C ILE D 78 -15.35 39.76 -2.95
N ALA D 79 -15.27 41.04 -3.32
CA ALA D 79 -16.10 42.07 -2.69
C ALA D 79 -16.47 43.13 -3.71
N GLY D 80 -17.69 43.64 -3.58
CA GLY D 80 -18.19 44.67 -4.47
C GLY D 80 -19.65 44.93 -4.20
N LYS D 81 -20.21 45.86 -4.97
CA LYS D 81 -21.64 46.16 -4.89
C LYS D 81 -22.44 45.50 -6.01
N ASP D 82 -21.77 44.93 -7.00
CA ASP D 82 -22.45 44.27 -8.13
C ASP D 82 -22.94 42.91 -7.67
N TYR D 83 -24.26 42.80 -7.42
CA TYR D 83 -24.85 41.51 -7.07
C TYR D 83 -24.57 40.45 -8.13
N GLU D 84 -24.09 40.83 -9.31
CA GLU D 84 -23.66 39.88 -10.33
C GLU D 84 -22.52 38.98 -9.84
N LEU D 85 -21.95 39.28 -8.67
CA LEU D 85 -20.85 38.49 -8.12
C LEU D 85 -21.33 37.29 -7.30
N THR D 86 -22.58 37.29 -6.84
CA THR D 86 -23.10 36.22 -6.00
C THR D 86 -23.61 35.03 -6.79
N ALA D 87 -23.44 35.04 -8.11
CA ALA D 87 -24.08 34.05 -8.98
C ALA D 87 -23.79 32.63 -8.50
N ASN D 88 -24.83 31.81 -8.47
CA ASN D 88 -24.72 30.37 -8.22
C ASN D 88 -24.02 30.09 -6.89
N SER D 89 -24.46 30.79 -5.85
CA SER D 89 -24.02 30.50 -4.50
C SER D 89 -24.98 29.52 -3.84
N LYS D 90 -24.49 28.81 -2.83
CA LYS D 90 -25.28 27.79 -2.15
C LYS D 90 -25.83 28.26 -0.80
N LEU D 91 -25.24 29.29 -0.20
CA LEU D 91 -25.79 29.89 1.00
C LEU D 91 -25.65 31.40 0.91
N VAL D 92 -26.61 32.11 1.48
CA VAL D 92 -26.63 33.57 1.52
C VAL D 92 -27.04 33.99 2.92
N VAL D 93 -26.12 34.62 3.64
CA VAL D 93 -26.38 35.09 5.00
C VAL D 93 -26.68 36.57 4.92
N VAL D 94 -27.95 36.94 5.07
CA VAL D 94 -28.35 38.35 5.05
C VAL D 94 -28.06 38.95 6.42
N THR D 95 -27.27 40.01 6.44
CA THR D 95 -26.90 40.66 7.69
C THR D 95 -27.57 42.03 7.79
N PHE D 117 -34.53 45.24 3.05
CA PHE D 117 -34.62 43.88 2.55
C PHE D 117 -35.17 43.86 1.14
N LYS D 118 -36.20 44.66 0.89
CA LYS D 118 -36.86 44.67 -0.40
C LYS D 118 -35.93 45.14 -1.51
N PHE D 119 -34.82 45.80 -1.17
CA PHE D 119 -33.78 46.12 -2.13
C PHE D 119 -32.80 44.96 -2.32
N ILE D 120 -32.74 44.02 -1.37
CA ILE D 120 -31.72 42.98 -1.35
C ILE D 120 -32.26 41.69 -1.94
N ILE D 121 -33.31 41.15 -1.33
CA ILE D 121 -33.67 39.74 -1.55
C ILE D 121 -33.87 39.41 -3.03
N PRO D 122 -34.66 40.18 -3.79
CA PRO D 122 -34.84 39.81 -5.21
C PRO D 122 -33.54 39.81 -6.00
N ASN D 123 -32.54 40.58 -5.59
CA ASN D 123 -31.29 40.65 -6.34
C ASN D 123 -30.43 39.42 -6.12
N VAL D 124 -30.45 38.84 -4.93
CA VAL D 124 -29.68 37.61 -4.69
C VAL D 124 -30.27 36.45 -5.47
N VAL D 125 -31.60 36.34 -5.49
CA VAL D 125 -32.25 35.20 -6.11
C VAL D 125 -32.13 35.25 -7.62
N LYS D 126 -31.99 36.43 -8.20
CA LYS D 126 -31.84 36.55 -9.65
C LYS D 126 -30.62 35.75 -10.13
N TYR D 127 -29.50 35.88 -9.43
CA TYR D 127 -28.26 35.25 -9.86
C TYR D 127 -27.99 33.92 -9.18
N SER D 128 -28.59 33.68 -8.01
CA SER D 128 -28.50 32.38 -7.31
C SER D 128 -29.92 31.88 -7.08
N PRO D 129 -30.55 31.32 -8.12
CA PRO D 129 -31.93 30.82 -7.95
C PRO D 129 -32.03 29.56 -7.10
N ASP D 130 -30.93 28.85 -6.85
CA ASP D 130 -30.94 27.54 -6.23
C ASP D 130 -30.37 27.56 -4.80
N CYS D 131 -30.48 28.69 -4.10
CA CYS D 131 -29.68 28.93 -2.91
C CYS D 131 -30.50 28.86 -1.64
N ILE D 132 -29.81 28.48 -0.55
CA ILE D 132 -30.37 28.54 0.79
C ILE D 132 -30.23 29.97 1.30
N LEU D 133 -31.33 30.52 1.83
CA LEU D 133 -31.33 31.85 2.42
C LEU D 133 -31.28 31.74 3.93
N LEU D 134 -30.26 32.32 4.54
CA LEU D 134 -30.11 32.35 6.00
C LEU D 134 -30.22 33.80 6.45
N ILE D 135 -31.28 34.09 7.21
CA ILE D 135 -31.58 35.45 7.64
C ILE D 135 -31.05 35.63 9.05
N VAL D 136 -30.19 36.64 9.23
CA VAL D 136 -29.63 36.95 10.55
C VAL D 136 -30.02 38.33 11.03
N SER D 137 -30.44 39.24 10.15
CA SER D 137 -30.86 40.57 10.58
C SER D 137 -31.93 40.49 11.66
N ASN D 138 -31.99 41.51 12.50
CA ASN D 138 -32.94 41.54 13.60
C ASN D 138 -34.12 42.45 13.27
N PRO D 139 -35.36 42.06 13.63
CA PRO D 139 -35.74 40.79 14.25
C PRO D 139 -35.69 39.62 13.26
N VAL D 140 -35.22 38.47 13.73
CA VAL D 140 -34.92 37.36 12.82
C VAL D 140 -36.19 36.64 12.40
N ASP D 141 -37.09 36.35 13.34
CA ASP D 141 -38.28 35.58 13.02
C ASP D 141 -39.19 36.32 12.06
N ILE D 142 -39.38 37.62 12.29
CA ILE D 142 -40.27 38.41 11.44
C ILE D 142 -39.67 38.61 10.05
N LEU D 143 -38.39 38.97 9.99
CA LEU D 143 -37.73 39.18 8.70
C LEU D 143 -37.45 37.87 7.95
N THR D 144 -37.91 36.73 8.47
CA THR D 144 -37.85 35.47 7.73
C THR D 144 -39.15 35.19 6.98
N TYR D 145 -40.30 35.55 7.55
CA TYR D 145 -41.54 35.58 6.76
C TYR D 145 -41.38 36.53 5.58
N VAL D 146 -40.75 37.67 5.81
CA VAL D 146 -40.46 38.64 4.77
C VAL D 146 -39.69 37.95 3.64
N ALA D 147 -38.47 37.52 3.94
CA ALA D 147 -37.59 36.98 2.90
C ALA D 147 -38.25 35.85 2.12
N TRP D 148 -39.01 35.01 2.81
CA TRP D 148 -39.67 33.89 2.13
C TRP D 148 -40.73 34.37 1.17
N LYS D 149 -41.56 35.32 1.60
CA LYS D 149 -42.57 35.88 0.70
C LYS D 149 -41.94 36.83 -0.32
N LEU D 150 -40.72 37.29 -0.10
CA LEU D 150 -40.07 38.17 -1.08
C LEU D 150 -39.49 37.38 -2.25
N SER D 151 -39.04 36.15 -2.02
CA SER D 151 -38.27 35.40 -3.00
C SER D 151 -39.02 34.27 -3.69
N GLY D 152 -40.14 33.83 -3.13
CA GLY D 152 -40.82 32.67 -3.67
C GLY D 152 -40.09 31.36 -3.44
N PHE D 153 -39.07 31.36 -2.59
CA PHE D 153 -38.36 30.13 -2.29
C PHE D 153 -39.22 29.21 -1.43
N PRO D 154 -39.09 27.90 -1.60
CA PRO D 154 -39.78 26.98 -0.69
C PRO D 154 -39.26 27.13 0.72
N LEU D 155 -40.06 26.65 1.68
CA LEU D 155 -39.68 26.78 3.09
C LEU D 155 -38.31 26.19 3.37
N ASN D 156 -37.91 25.16 2.62
CA ASN D 156 -36.66 24.47 2.90
C ASN D 156 -35.42 25.29 2.56
N ARG D 157 -35.55 26.52 2.05
CA ARG D 157 -34.38 27.32 1.68
C ARG D 157 -34.46 28.75 2.19
N VAL D 158 -35.26 29.01 3.23
CA VAL D 158 -35.28 30.31 3.90
C VAL D 158 -35.30 30.04 5.40
N ILE D 159 -34.19 30.33 6.07
CA ILE D 159 -33.95 29.93 7.45
C ILE D 159 -33.51 31.15 8.23
N GLY D 160 -33.92 31.21 9.51
CA GLY D 160 -33.50 32.27 10.40
C GLY D 160 -32.72 31.72 11.59
N SER D 161 -31.60 32.36 11.91
CA SER D 161 -30.75 31.90 13.00
C SER D 161 -31.57 31.70 14.27
N GLY D 162 -32.28 32.74 14.70
CA GLY D 162 -33.23 32.58 15.78
C GLY D 162 -32.57 32.17 17.07
N CYS D 163 -33.07 31.07 17.64
CA CYS D 163 -32.69 30.63 18.97
C CYS D 163 -31.54 29.62 18.97
N ASN D 164 -30.74 29.57 17.91
CA ASN D 164 -29.59 28.67 17.91
C ASN D 164 -28.53 29.16 18.88
N LEU D 165 -28.18 30.44 18.82
CA LEU D 165 -27.23 31.00 19.77
C LEU D 165 -27.78 30.95 21.19
N ASP D 166 -29.03 31.38 21.37
CA ASP D 166 -29.63 31.36 22.70
C ASP D 166 -29.68 29.94 23.26
N SER D 167 -30.00 28.96 22.41
CA SER D 167 -29.89 27.57 22.82
C SER D 167 -28.46 27.22 23.19
N ALA D 168 -27.49 27.70 22.41
CA ALA D 168 -26.09 27.41 22.70
C ALA D 168 -25.70 27.96 24.06
N ARG D 169 -25.95 29.25 24.30
CA ARG D 169 -25.58 29.86 25.57
C ARG D 169 -26.37 29.24 26.72
N PHE D 170 -27.67 29.03 26.53
CA PHE D 170 -28.49 28.45 27.59
C PHE D 170 -27.89 27.16 28.12
N ARG D 171 -27.59 26.22 27.20
CA ARG D 171 -27.04 24.94 27.63
C ARG D 171 -25.72 25.12 28.36
N TYR D 172 -24.82 25.94 27.79
CA TYR D 172 -23.53 26.17 28.43
C TYR D 172 -23.69 26.57 29.88
N LEU D 173 -24.67 27.43 30.16
CA LEU D 173 -24.86 27.90 31.54
C LEU D 173 -25.39 26.78 32.43
N VAL D 174 -26.35 25.99 31.94
CA VAL D 174 -26.87 24.88 32.74
C VAL D 174 -25.73 23.93 33.10
N SER D 175 -24.96 23.50 32.09
CA SER D 175 -23.89 22.54 32.34
C SER D 175 -22.78 23.12 33.19
N GLU D 176 -22.64 24.45 33.22
CA GLU D 176 -21.68 25.07 34.13
C GLU D 176 -22.19 25.02 35.56
N MET D 177 -23.50 25.15 35.76
CA MET D 177 -24.07 25.04 37.10
C MET D 177 -24.07 23.61 37.61
N ILE D 178 -24.01 22.62 36.71
CA ILE D 178 -23.96 21.22 37.10
C ILE D 178 -22.53 20.75 37.27
N GLY D 179 -21.62 21.21 36.41
CA GLY D 179 -20.24 20.77 36.45
C GLY D 179 -19.99 19.58 35.55
N ILE D 180 -20.63 19.57 34.38
CA ILE D 180 -20.40 18.56 33.35
C ILE D 180 -20.10 19.29 32.05
N HIS D 181 -19.45 18.59 31.14
CA HIS D 181 -19.06 19.20 29.88
C HIS D 181 -20.32 19.55 29.08
N PRO D 182 -20.42 20.75 28.50
CA PRO D 182 -21.68 21.14 27.85
C PRO D 182 -22.07 20.26 26.69
N SER D 183 -21.13 19.54 26.07
CA SER D 183 -21.49 18.62 25.01
C SER D 183 -22.41 17.51 25.49
N ASN D 184 -22.51 17.30 26.81
CA ASN D 184 -23.29 16.21 27.36
C ASN D 184 -24.65 16.64 27.92
N PHE D 185 -24.84 17.92 28.20
CA PHE D 185 -26.16 18.43 28.57
C PHE D 185 -26.91 18.85 27.32
N HIS D 186 -28.16 18.43 27.21
CA HIS D 186 -28.97 18.70 26.03
C HIS D 186 -30.30 19.31 26.45
N GLY D 187 -30.73 20.32 25.70
CA GLY D 187 -31.91 21.09 26.02
C GLY D 187 -31.91 22.36 25.20
N CYS D 188 -33.07 22.75 24.67
CA CYS D 188 -33.15 23.88 23.76
C CYS D 188 -34.17 24.88 24.26
N ILE D 189 -34.05 26.11 23.76
CA ILE D 189 -35.04 27.15 23.97
C ILE D 189 -35.58 27.53 22.60
N LEU D 190 -36.90 27.59 22.49
CA LEU D 190 -37.57 27.99 21.26
C LEU D 190 -38.42 29.22 21.55
N GLY D 191 -39.06 29.74 20.52
CA GLY D 191 -39.81 30.96 20.63
C GLY D 191 -39.19 32.06 19.80
N GLU D 192 -39.70 33.27 19.99
CA GLU D 192 -39.08 34.45 19.41
C GLU D 192 -37.63 34.56 19.87
N HIS D 193 -36.75 34.99 18.98
CA HIS D 193 -35.40 35.36 19.42
C HIS D 193 -35.54 36.64 20.25
N GLY D 194 -35.87 36.45 21.51
CA GLY D 194 -36.15 37.57 22.39
C GLY D 194 -36.69 37.07 23.72
N ASP D 195 -37.19 38.02 24.51
CA ASP D 195 -37.60 37.73 25.88
C ASP D 195 -38.77 36.75 25.94
N SER D 196 -39.46 36.49 24.83
CA SER D 196 -40.52 35.50 24.79
C SER D 196 -40.02 34.12 24.39
N SER D 197 -38.72 33.86 24.53
CA SER D 197 -38.18 32.53 24.28
C SER D 197 -38.74 31.54 25.29
N VAL D 198 -39.15 30.37 24.80
CA VAL D 198 -39.68 29.30 25.64
C VAL D 198 -38.56 28.29 25.89
N PRO D 199 -38.17 28.07 27.14
CA PRO D 199 -37.27 26.94 27.43
C PRO D 199 -38.07 25.66 27.53
N ILE D 200 -37.58 24.60 26.90
CA ILE D 200 -38.26 23.31 26.87
C ILE D 200 -37.61 22.46 27.96
N LEU D 201 -38.12 22.64 29.18
CA LEU D 201 -37.75 21.79 30.30
C LEU D 201 -38.18 20.34 30.06
N SER D 202 -39.10 20.12 29.11
CA SER D 202 -39.66 18.79 28.90
C SER D 202 -38.59 17.79 28.47
N GLY D 203 -37.62 18.24 27.68
CA GLY D 203 -36.61 17.34 27.14
C GLY D 203 -35.19 17.70 27.52
N LEU D 204 -34.98 18.18 28.74
CA LEU D 204 -33.62 18.34 29.24
C LEU D 204 -33.01 16.98 29.55
N ASN D 205 -31.71 16.87 29.31
CA ASN D 205 -31.08 15.56 29.26
C ASN D 205 -29.59 15.69 29.52
N ILE D 206 -29.03 14.67 30.17
CA ILE D 206 -27.59 14.53 30.34
C ILE D 206 -27.23 13.15 29.80
N ALA D 207 -26.71 13.10 28.57
CA ALA D 207 -26.18 11.88 27.99
C ALA D 207 -27.20 10.74 28.02
N GLY D 208 -28.49 11.07 27.97
CA GLY D 208 -29.53 10.06 27.89
C GLY D 208 -30.34 9.91 29.16
N MET D 209 -30.58 11.01 29.87
CA MET D 209 -31.27 10.96 31.15
C MET D 209 -32.20 12.16 31.24
N SER D 210 -32.65 12.47 32.46
CA SER D 210 -33.70 13.45 32.68
C SER D 210 -33.48 14.22 33.97
N HIS D 231 -31.88 30.75 32.26
CA HIS D 231 -32.55 31.26 31.07
C HIS D 231 -32.49 32.79 31.04
N LYS D 232 -33.32 33.42 31.88
CA LYS D 232 -33.43 34.88 31.86
C LYS D 232 -32.07 35.55 31.82
N LYS D 233 -31.04 34.88 32.35
CA LYS D 233 -29.68 35.40 32.22
C LYS D 233 -29.25 35.45 30.76
N VAL D 234 -29.75 34.54 29.93
CA VAL D 234 -29.40 34.54 28.51
C VAL D 234 -30.08 35.71 27.79
N THR D 235 -31.29 36.08 28.23
CA THR D 235 -32.09 37.03 27.47
C THR D 235 -31.67 38.47 27.75
N GLU D 236 -31.50 38.83 29.03
CA GLU D 236 -31.10 40.19 29.34
C GLU D 236 -29.63 40.43 29.00
N SER D 237 -28.81 39.38 29.06
CA SER D 237 -27.43 39.51 28.61
C SER D 237 -27.37 39.86 27.12
N ALA D 238 -28.23 39.23 26.32
CA ALA D 238 -28.34 39.61 24.91
C ALA D 238 -28.59 41.10 24.76
N TYR D 239 -29.65 41.59 25.40
CA TYR D 239 -29.96 43.02 25.33
C TYR D 239 -28.81 43.86 25.88
N GLU D 240 -28.32 43.51 27.07
CA GLU D 240 -27.21 44.26 27.65
C GLU D 240 -26.01 44.30 26.72
N ILE D 241 -25.79 43.24 25.94
CA ILE D 241 -24.77 43.31 24.90
C ILE D 241 -25.08 44.43 23.91
N ILE D 242 -26.35 44.78 23.78
CA ILE D 242 -26.75 45.87 22.90
C ILE D 242 -26.89 47.16 23.72
N LEU D 244 -24.36 48.50 25.96
CA LEU D 244 -22.94 48.65 26.21
C LEU D 244 -22.14 48.59 24.92
N LYS D 245 -22.58 47.72 24.01
CA LYS D 245 -22.05 47.64 22.66
C LYS D 245 -23.11 48.09 21.67
N GLY D 246 -22.64 48.58 20.52
CA GLY D 246 -23.57 48.91 19.45
C GLY D 246 -24.33 47.70 18.94
N TYR D 247 -23.63 46.57 18.82
CA TYR D 247 -24.16 45.39 18.14
C TYR D 247 -23.76 44.14 18.91
N THR D 248 -24.24 43.00 18.45
CA THR D 248 -23.69 41.70 18.81
C THR D 248 -23.03 41.13 17.56
N SER D 249 -21.72 40.86 17.65
CA SER D 249 -20.95 40.46 16.47
C SER D 249 -20.28 39.10 16.66
N TRP D 250 -19.39 38.97 17.64
CA TRP D 250 -18.60 37.76 17.77
C TRP D 250 -19.48 36.54 18.04
N ALA D 251 -20.48 36.69 18.90
CA ALA D 251 -21.29 35.54 19.29
C ALA D 251 -22.21 35.09 18.16
N ILE D 252 -22.79 36.04 17.42
CA ILE D 252 -23.74 35.67 16.37
C ILE D 252 -23.01 35.08 15.18
N GLY D 253 -21.77 35.53 14.92
CA GLY D 253 -20.99 34.91 13.87
C GLY D 253 -20.67 33.46 14.18
N LEU D 254 -20.29 33.17 15.43
CA LEU D 254 -20.11 31.79 15.85
C LEU D 254 -21.38 30.98 15.60
N SER D 255 -22.51 31.45 16.13
CA SER D 255 -23.78 30.76 15.92
C SER D 255 -24.15 30.67 14.44
N VAL D 256 -23.63 31.57 13.62
CA VAL D 256 -23.86 31.48 12.18
C VAL D 256 -22.86 30.53 11.52
N GLY D 257 -21.68 30.36 12.12
CA GLY D 257 -20.77 29.34 11.65
C GLY D 257 -21.28 27.94 11.96
N ASP D 258 -21.90 27.77 13.12
CA ASP D 258 -22.45 26.47 13.50
C ASP D 258 -23.50 26.00 12.50
N LEU D 259 -24.41 26.90 12.10
CA LEU D 259 -25.46 26.53 11.17
C LEU D 259 -24.93 26.41 9.75
N SER D 260 -24.00 27.29 9.36
CA SER D 260 -23.39 27.17 8.04
C SER D 260 -22.69 25.83 7.87
N CYS D 261 -22.16 25.26 8.95
CA CYS D 261 -21.47 23.98 8.85
C CYS D 261 -22.42 22.87 8.42
N SER D 262 -23.55 22.73 9.12
CA SER D 262 -24.47 21.65 8.82
C SER D 262 -25.05 21.78 7.42
N LEU D 263 -25.35 23.00 7.00
CA LEU D 263 -25.95 23.20 5.68
C LEU D 263 -24.98 22.81 4.57
N ILE D 264 -23.71 23.19 4.70
CA ILE D 264 -22.77 22.97 3.60
C ILE D 264 -22.27 21.53 3.58
N LYS D 265 -21.80 21.04 4.73
CA LYS D 265 -21.33 19.66 4.83
C LYS D 265 -22.47 18.65 4.90
N ASN D 266 -23.73 19.09 4.79
CA ASN D 266 -24.89 18.21 4.81
C ASN D 266 -24.86 17.30 6.04
N LEU D 267 -24.64 17.90 7.20
CA LEU D 267 -24.56 17.13 8.44
C LEU D 267 -25.92 16.58 8.85
N ARG D 268 -27.01 17.20 8.43
CA ARG D 268 -28.35 16.81 8.85
C ARG D 268 -28.47 16.91 10.37
N LYS D 269 -27.82 17.90 10.95
CA LYS D 269 -27.91 18.18 12.38
C LYS D 269 -29.18 18.96 12.69
N VAL D 270 -29.59 18.92 13.96
CA VAL D 270 -30.85 19.48 14.41
C VAL D 270 -30.57 20.80 15.10
N HIS D 271 -31.10 21.89 14.55
CA HIS D 271 -30.92 23.22 15.12
C HIS D 271 -32.26 23.92 15.31
N PRO D 272 -32.45 24.64 16.43
CA PRO D 272 -33.62 25.53 16.53
C PRO D 272 -33.48 26.77 15.67
N VAL D 273 -34.18 26.82 14.53
CA VAL D 273 -34.07 27.91 13.59
C VAL D 273 -35.46 28.36 13.17
N SER D 274 -35.56 29.62 12.78
CA SER D 274 -36.86 30.23 12.48
C SER D 274 -37.39 29.73 11.15
N THR D 275 -38.64 29.25 11.15
CA THR D 275 -39.32 28.85 9.92
C THR D 275 -40.82 28.82 10.19
N LEU D 276 -41.58 28.46 9.17
CA LEU D 276 -43.04 28.44 9.26
C LEU D 276 -43.49 27.51 10.37
N VAL D 277 -44.36 28.00 11.24
CA VAL D 277 -44.88 27.23 12.36
C VAL D 277 -46.40 27.11 12.34
N LYS D 278 -47.12 27.94 11.58
CA LYS D 278 -48.57 27.84 11.49
C LYS D 278 -49.00 26.40 11.29
N GLY D 279 -49.88 25.93 12.16
CA GLY D 279 -50.26 24.53 12.23
C GLY D 279 -49.78 23.85 13.49
N GLN D 280 -48.92 24.51 14.27
CA GLN D 280 -48.29 23.92 15.44
C GLN D 280 -48.39 24.89 16.60
N PHE D 281 -48.57 24.36 17.81
CA PHE D 281 -48.59 25.16 19.03
C PHE D 281 -49.75 26.15 19.02
N GLY D 282 -50.88 25.72 18.48
CA GLY D 282 -52.10 26.51 18.53
C GLY D 282 -52.03 27.85 17.83
N ILE D 283 -51.25 27.94 16.76
CA ILE D 283 -51.16 29.17 15.98
C ILE D 283 -51.84 28.95 14.65
N ASP D 284 -52.55 29.97 14.17
CA ASP D 284 -53.22 29.93 12.88
C ASP D 284 -52.70 30.93 11.87
N ASN D 285 -51.81 31.84 12.27
CA ASN D 285 -51.26 32.84 11.37
C ASN D 285 -49.86 32.44 10.91
N GLU D 286 -49.50 32.89 9.71
CA GLU D 286 -48.19 32.55 9.13
C GLU D 286 -47.06 33.27 9.86
N VAL D 287 -46.83 32.91 11.10
CA VAL D 287 -45.68 33.38 11.85
C VAL D 287 -44.54 32.41 11.61
N PHE D 288 -43.31 32.92 11.65
CA PHE D 288 -42.12 32.10 11.61
C PHE D 288 -41.44 32.17 12.97
N LEU D 289 -40.68 31.12 13.31
CA LEU D 289 -40.42 30.84 14.71
C LEU D 289 -39.47 29.66 14.88
N SER D 290 -38.48 29.80 15.76
CA SER D 290 -37.51 28.74 16.01
C SER D 290 -38.18 27.45 16.47
N VAL D 291 -38.10 26.43 15.63
CA VAL D 291 -38.57 25.08 15.94
C VAL D 291 -37.44 24.13 15.57
N PRO D 292 -37.37 22.94 16.17
CA PRO D 292 -36.21 22.07 15.90
C PRO D 292 -36.23 21.56 14.46
N CYS D 293 -35.21 21.95 13.70
CA CYS D 293 -35.14 21.68 12.26
C CYS D 293 -33.90 20.85 11.93
N VAL D 294 -34.03 20.01 10.91
CA VAL D 294 -32.92 19.23 10.39
C VAL D 294 -32.36 19.99 9.19
N LEU D 295 -31.10 20.39 9.26
CA LEU D 295 -30.49 21.26 8.26
C LEU D 295 -29.41 20.50 7.49
N GLY D 296 -29.43 20.65 6.16
CA GLY D 296 -28.44 20.03 5.30
C GLY D 296 -28.21 20.85 4.03
N ARG D 297 -27.57 20.26 3.01
CA ARG D 297 -27.31 21.03 1.78
C ARG D 297 -28.56 21.21 0.93
N ASN D 298 -29.73 20.83 1.45
CA ASN D 298 -31.01 21.23 0.89
C ASN D 298 -31.73 22.21 1.81
N GLY D 299 -30.98 22.95 2.64
CA GLY D 299 -31.61 23.71 3.70
C GLY D 299 -32.36 22.78 4.63
N ILE D 300 -33.56 23.19 5.03
CA ILE D 300 -34.36 22.38 5.94
C ILE D 300 -34.95 21.21 5.17
N SER D 301 -34.84 20.00 5.74
CA SER D 301 -35.41 18.81 5.14
C SER D 301 -36.61 18.26 5.91
N GLU D 302 -36.73 18.58 7.20
CA GLU D 302 -37.95 18.30 7.95
C GLU D 302 -37.87 19.02 9.28
N VAL D 303 -39.04 19.23 9.89
CA VAL D 303 -39.17 19.91 11.17
C VAL D 303 -39.94 19.00 12.11
N PHE D 304 -39.59 19.06 13.40
CA PHE D 304 -40.21 18.20 14.39
C PHE D 304 -41.55 18.76 14.83
N LYS D 305 -42.49 17.84 15.10
CA LYS D 305 -43.81 18.19 15.63
C LYS D 305 -43.89 17.77 17.08
N PRO D 306 -43.12 18.39 17.98
CA PRO D 306 -43.14 17.96 19.38
C PRO D 306 -44.49 18.23 20.03
N LYS D 307 -44.89 17.33 20.92
CA LYS D 307 -46.12 17.45 21.69
C LYS D 307 -45.70 17.63 23.15
N LEU D 308 -45.60 18.88 23.57
CA LEU D 308 -45.05 19.25 24.87
C LEU D 308 -46.17 19.48 25.89
N THR D 309 -45.80 19.98 27.06
CA THR D 309 -46.77 20.31 28.10
C THR D 309 -47.54 21.58 27.74
N VAL D 310 -48.67 21.78 28.41
CA VAL D 310 -49.52 22.94 28.10
C VAL D 310 -48.76 24.23 28.33
N GLU D 311 -48.05 24.34 29.44
CA GLU D 311 -47.26 25.53 29.72
C GLU D 311 -46.34 25.87 28.55
N GLU D 312 -45.70 24.85 27.98
CA GLU D 312 -44.74 25.08 26.90
C GLU D 312 -45.44 25.44 25.60
N GLU D 313 -46.44 24.65 25.21
CA GLU D 313 -47.12 24.91 23.93
C GLU D 313 -47.85 26.24 23.94
N GLN D 314 -48.40 26.64 25.09
CA GLN D 314 -49.05 27.94 25.20
C GLN D 314 -48.03 29.07 25.07
N GLN D 315 -46.94 29.00 25.84
CA GLN D 315 -45.91 30.02 25.76
C GLN D 315 -45.39 30.18 24.33
N LEU D 316 -45.66 29.23 23.44
CA LEU D 316 -45.26 29.36 22.05
C LEU D 316 -46.25 30.19 21.26
N LYS D 317 -47.56 30.01 21.51
CA LYS D 317 -48.54 30.93 20.95
C LYS D 317 -48.39 32.31 21.57
N ASN D 318 -48.35 32.38 22.90
CA ASN D 318 -48.07 33.64 23.58
C ASN D 318 -46.82 34.29 23.01
N SER D 319 -45.82 33.49 22.64
CA SER D 319 -44.61 34.02 22.02
C SER D 319 -44.84 34.37 20.56
N ALA D 320 -45.78 33.69 19.89
CA ALA D 320 -46.16 34.06 18.54
C ALA D 320 -47.10 35.26 18.53
N GLU D 321 -48.03 35.30 19.49
CA GLU D 321 -48.85 36.49 19.68
C GLU D 321 -47.98 37.73 19.83
N THR D 322 -46.94 37.63 20.67
CA THR D 322 -45.98 38.72 20.79
C THR D 322 -45.33 39.06 19.45
N ILE D 323 -45.25 38.08 18.54
CA ILE D 323 -44.65 38.31 17.23
C ILE D 323 -45.66 38.94 16.28
N TRP D 324 -46.89 38.41 16.25
CA TRP D 324 -47.93 38.91 15.36
C TRP D 324 -48.14 40.41 15.49
N ASN D 325 -47.64 41.02 16.58
CA ASN D 325 -47.73 42.46 16.80
C ASN D 325 -47.23 43.24 15.59
N THR D 326 -45.94 43.13 15.28
CA THR D 326 -45.31 43.99 14.29
C THR D 326 -45.38 43.46 12.86
N GLN D 327 -45.84 42.22 12.66
CA GLN D 327 -46.04 41.71 11.31
C GLN D 327 -47.43 42.00 10.78
N LYS D 328 -48.39 42.30 11.67
CA LYS D 328 -49.63 42.93 11.26
C LYS D 328 -49.39 44.31 10.66
N ASP D 329 -48.21 44.89 10.89
CA ASP D 329 -48.01 46.33 10.84
C ASP D 329 -47.53 46.85 9.49
N ILE D 330 -46.53 46.21 8.88
CA ILE D 330 -46.03 46.62 7.58
C ILE D 330 -46.25 45.47 6.60
N GLN D 331 -46.46 45.83 5.34
CA GLN D 331 -46.90 44.89 4.31
C GLN D 331 -45.92 44.89 3.14
N LEU D 332 -46.14 43.95 2.23
CA LEU D 332 -45.31 43.80 1.04
C LEU D 332 -46.04 44.29 -0.20
N ASN E 21 -2.41 28.50 31.94
CA ASN E 21 -2.48 29.07 30.60
C ASN E 21 -3.39 30.30 30.56
N LYS E 22 -2.91 31.38 31.17
CA LYS E 22 -3.65 32.65 31.22
C LYS E 22 -3.08 33.59 30.16
N ILE E 23 -3.96 34.11 29.31
CA ILE E 23 -3.57 34.98 28.20
C ILE E 23 -4.33 36.30 28.33
N THR E 24 -3.62 37.40 28.11
CA THR E 24 -4.17 38.74 28.28
C THR E 24 -3.96 39.53 26.99
N VAL E 25 -5.04 40.13 26.49
CA VAL E 25 -4.99 41.06 25.37
C VAL E 25 -5.42 42.42 25.89
N ILE E 26 -4.80 43.47 25.36
CA ILE E 26 -5.02 44.83 25.85
C ILE E 26 -5.42 45.71 24.66
N GLY E 27 -6.71 46.03 24.58
CA GLY E 27 -7.18 47.14 23.76
C GLY E 27 -7.69 46.74 22.38
N ALA E 30 -9.47 47.17 18.32
CA ALA E 30 -10.09 46.35 17.29
C ALA E 30 -9.11 45.37 16.66
N VAL E 31 -7.85 45.78 16.49
CA VAL E 31 -6.78 44.82 16.25
C VAL E 31 -6.76 43.79 17.36
N GLY E 32 -6.92 44.24 18.61
CA GLY E 32 -6.83 43.34 19.75
C GLY E 32 -8.01 42.41 19.92
N MET E 33 -9.16 42.76 19.33
CA MET E 33 -10.32 41.89 19.40
C MET E 33 -10.32 40.83 18.30
N ALA E 34 -9.62 41.08 17.20
CA ALA E 34 -9.36 40.01 16.24
C ALA E 34 -8.25 39.10 16.72
N CYS E 35 -7.30 39.64 17.51
CA CYS E 35 -6.32 38.79 18.18
C CYS E 35 -7.00 37.89 19.21
N ALA E 36 -7.84 38.48 20.06
CA ALA E 36 -8.56 37.70 21.06
C ALA E 36 -9.42 36.63 20.40
N PHE E 37 -10.29 37.04 19.47
CA PHE E 37 -11.17 36.09 18.80
C PHE E 37 -10.36 35.00 18.09
N SER E 38 -9.22 35.38 17.51
CA SER E 38 -8.37 34.39 16.86
C SER E 38 -7.67 33.50 17.88
N ILE E 39 -7.36 34.05 19.06
CA ILE E 39 -6.77 33.24 20.12
C ILE E 39 -7.81 32.36 20.80
N LEU E 40 -9.10 32.64 20.60
CA LEU E 40 -10.15 31.77 21.12
C LEU E 40 -10.52 30.65 20.16
N ASN E 41 -10.32 30.85 18.86
CA ASN E 41 -10.62 29.80 17.90
C ASN E 41 -9.51 28.76 17.83
N LYS E 42 -8.26 29.16 18.02
CA LYS E 42 -7.19 28.20 18.19
C LYS E 42 -7.22 27.56 19.58
N GLU E 43 -8.12 28.02 20.45
CA GLU E 43 -8.44 27.33 21.70
C GLU E 43 -7.18 27.11 22.53
N LEU E 44 -6.48 28.21 22.82
CA LEU E 44 -5.21 28.17 23.53
C LEU E 44 -5.35 28.49 25.01
N ALA E 45 -6.36 29.25 25.40
CA ALA E 45 -6.48 29.74 26.77
C ALA E 45 -7.40 28.85 27.59
N ASP E 46 -7.09 28.78 28.88
CA ASP E 46 -8.07 28.42 29.90
C ASP E 46 -8.61 29.67 30.59
N GLU E 47 -8.10 30.85 30.24
CA GLU E 47 -8.54 32.11 30.82
C GLU E 47 -8.00 33.28 30.02
N LEU E 48 -8.89 33.99 29.34
CA LEU E 48 -8.53 35.17 28.54
C LEU E 48 -8.97 36.42 29.26
N VAL E 49 -8.12 37.44 29.27
CA VAL E 49 -8.35 38.69 29.98
C VAL E 49 -8.21 39.85 29.00
N LEU E 50 -9.24 40.68 28.90
CA LEU E 50 -9.23 41.90 28.11
C LEU E 50 -9.03 43.09 29.05
N ILE E 51 -8.26 44.05 28.60
CA ILE E 51 -7.97 45.17 29.41
C ILE E 51 -8.00 46.44 28.65
N ASP E 52 -8.73 47.38 29.19
CA ASP E 52 -8.83 48.70 28.62
C ASP E 52 -9.40 49.68 29.60
N VAL E 53 -9.87 50.81 29.11
CA VAL E 53 -10.25 51.92 29.95
C VAL E 53 -11.63 52.43 30.38
N ASP E 56 -17.11 50.28 29.50
CA ASP E 56 -18.43 50.01 28.96
C ASP E 56 -18.28 49.11 27.78
N LYS E 57 -17.40 49.48 26.88
CA LYS E 57 -17.15 48.67 25.72
C LYS E 57 -16.61 47.38 26.25
N LEU E 58 -15.51 47.48 26.94
CA LEU E 58 -14.93 46.25 27.47
C LEU E 58 -16.00 45.25 27.86
N LYS E 59 -16.80 45.58 28.87
CA LYS E 59 -17.82 44.64 29.34
C LYS E 59 -18.69 44.17 28.18
N GLY E 60 -18.99 45.06 27.24
CA GLY E 60 -19.79 44.66 26.10
C GLY E 60 -19.15 43.56 25.30
N GLU E 61 -17.84 43.65 25.05
CA GLU E 61 -17.14 42.60 24.32
C GLU E 61 -16.99 41.36 25.18
N MET E 62 -16.66 41.53 26.47
CA MET E 62 -16.58 40.38 27.37
C MET E 62 -17.90 39.62 27.40
N MET E 63 -19.02 40.35 27.33
CA MET E 63 -20.33 39.69 27.36
C MET E 63 -20.67 39.05 26.02
N ASP E 64 -20.24 39.65 24.92
CA ASP E 64 -20.50 39.05 23.61
C ASP E 64 -19.74 37.75 23.44
N LEU E 65 -18.42 37.78 23.64
CA LEU E 65 -17.64 36.55 23.64
C LEU E 65 -18.31 35.47 24.48
N GLN E 66 -18.67 35.81 25.71
CA GLN E 66 -19.28 34.83 26.63
C GLN E 66 -20.60 34.30 26.11
N GLN E 67 -21.27 35.01 25.20
CA GLN E 67 -22.58 34.58 24.75
C GLN E 67 -22.51 33.40 23.79
N GLY E 68 -21.37 33.20 23.11
CA GLY E 68 -21.18 32.05 22.27
C GLY E 68 -20.12 31.12 22.83
N SER E 69 -20.07 31.03 24.17
CA SER E 69 -19.03 30.24 24.83
C SER E 69 -19.05 28.79 24.38
N LEU E 70 -20.22 28.26 24.01
CA LEU E 70 -20.30 26.86 23.59
C LEU E 70 -19.47 26.62 22.33
N PHE E 71 -19.54 27.55 21.37
CA PHE E 71 -18.84 27.38 20.10
C PHE E 71 -17.32 27.57 20.23
N LEU E 72 -16.80 27.79 21.43
CA LEU E 72 -15.37 27.94 21.66
C LEU E 72 -14.96 26.98 22.76
N LYS E 73 -13.66 26.97 23.07
CA LYS E 73 -13.12 26.09 24.10
C LYS E 73 -13.10 26.77 25.46
N THR E 74 -12.46 27.94 25.55
CA THR E 74 -12.23 28.63 26.81
C THR E 74 -13.49 28.75 27.66
N ASN E 76 -13.38 30.96 30.65
CA ASN E 76 -13.16 32.16 31.45
C ASN E 76 -12.75 33.35 30.59
N ILE E 77 -13.53 34.42 30.65
CA ILE E 77 -13.21 35.68 29.98
C ILE E 77 -13.57 36.81 30.92
N ILE E 78 -12.61 37.72 31.15
CA ILE E 78 -12.78 38.82 32.10
C ILE E 78 -12.22 40.09 31.47
N ALA E 79 -12.79 41.23 31.85
CA ALA E 79 -12.34 42.52 31.34
C ALA E 79 -12.36 43.56 32.45
N GLY E 80 -11.65 44.66 32.20
CA GLY E 80 -11.53 45.74 33.15
C GLY E 80 -10.29 46.56 32.84
N LYS E 81 -10.14 47.66 33.58
CA LYS E 81 -8.92 48.46 33.48
C LYS E 81 -7.89 48.09 34.54
N ASP E 82 -8.31 47.48 35.64
CA ASP E 82 -7.41 47.14 36.74
C ASP E 82 -6.49 46.01 36.31
N TYR E 83 -5.20 46.32 36.13
CA TYR E 83 -4.22 45.35 35.67
C TYR E 83 -4.01 44.20 36.65
N GLU E 84 -4.68 44.25 37.80
CA GLU E 84 -4.63 43.12 38.73
C GLU E 84 -5.32 41.88 38.20
N LEU E 85 -6.14 42.02 37.14
CA LEU E 85 -6.78 40.86 36.53
C LEU E 85 -5.85 40.11 35.58
N THR E 86 -4.75 40.74 35.17
CA THR E 86 -3.81 40.13 34.22
C THR E 86 -2.68 39.39 34.94
N ALA E 87 -2.88 39.02 36.20
CA ALA E 87 -1.79 38.53 37.03
C ALA E 87 -1.44 37.09 36.67
N ASN E 88 -0.14 36.82 36.51
CA ASN E 88 0.35 35.48 36.20
C ASN E 88 -0.17 35.00 34.85
N SER E 89 -0.01 35.86 33.84
CA SER E 89 -0.30 35.49 32.47
C SER E 89 0.94 34.92 31.81
N LYS E 90 0.77 33.85 31.04
CA LYS E 90 1.90 33.27 30.32
C LYS E 90 2.22 34.09 29.07
N LEU E 91 1.20 34.63 28.42
CA LEU E 91 1.35 35.49 27.25
C LEU E 91 0.51 36.74 27.45
N VAL E 92 1.04 37.87 26.99
CA VAL E 92 0.28 39.12 26.96
C VAL E 92 0.49 39.76 25.60
N VAL E 93 -0.61 40.09 24.93
CA VAL E 93 -0.57 40.67 23.59
C VAL E 93 -0.94 42.14 23.71
N VAL E 94 0.04 43.01 23.48
CA VAL E 94 -0.18 44.46 23.54
C VAL E 94 -0.67 44.93 22.18
N THR E 95 -1.88 45.48 22.14
CA THR E 95 -2.47 46.00 20.91
C THR E 95 -3.10 47.36 21.17
N ALA E 96 -2.48 48.17 22.02
CA ALA E 96 -3.00 49.49 22.34
C ALA E 96 -2.41 50.54 21.39
N GLY E 97 -3.19 51.60 21.18
CA GLY E 97 -2.79 52.66 20.27
C GLY E 97 -3.97 53.48 19.78
N PRO E 122 4.68 48.17 32.60
CA PRO E 122 4.99 47.89 34.01
C PRO E 122 3.79 47.36 34.77
N ASN E 123 2.62 47.95 34.54
CA ASN E 123 1.39 47.38 35.07
C ASN E 123 1.27 45.92 34.65
N VAL E 124 1.66 45.61 33.41
CA VAL E 124 1.74 44.23 32.96
C VAL E 124 2.81 43.49 33.76
N VAL E 125 4.04 44.02 33.78
CA VAL E 125 5.16 43.33 34.38
C VAL E 125 4.96 43.16 35.89
N LYS E 126 4.27 44.10 36.53
CA LYS E 126 4.03 43.97 37.97
C LYS E 126 3.27 42.69 38.28
N TYR E 127 2.06 42.57 37.73
CA TYR E 127 1.17 41.47 38.11
C TYR E 127 1.51 40.17 37.41
N SER E 128 2.20 40.21 36.27
CA SER E 128 2.65 39.02 35.55
C SER E 128 4.13 39.16 35.26
N PRO E 129 4.99 38.98 36.28
CA PRO E 129 6.43 39.17 36.06
C PRO E 129 7.08 38.05 35.27
N ASP E 130 6.44 36.87 35.19
CA ASP E 130 7.02 35.69 34.56
C ASP E 130 6.55 35.50 33.13
N CYS E 131 5.95 36.52 32.51
CA CYS E 131 5.18 36.32 31.29
C CYS E 131 6.04 36.54 30.05
N ILE E 132 5.46 36.20 28.90
CA ILE E 132 6.02 36.48 27.59
C ILE E 132 5.30 37.72 27.04
N LEU E 133 6.05 38.59 26.37
CA LEU E 133 5.52 39.85 25.85
C LEU E 133 5.51 39.79 24.32
N LEU E 134 4.34 39.50 23.75
CA LEU E 134 4.13 39.57 22.31
C LEU E 134 3.58 40.94 21.97
N ILE E 135 4.34 41.71 21.19
CA ILE E 135 4.01 43.10 20.89
C ILE E 135 3.47 43.16 19.47
N VAL E 136 2.22 43.59 19.33
CA VAL E 136 1.60 43.76 18.02
C VAL E 136 1.43 45.23 17.68
N SER E 137 1.26 46.11 18.67
CA SER E 137 1.18 47.55 18.42
C SER E 137 2.36 47.98 17.55
N ASN E 138 2.06 48.71 16.48
CA ASN E 138 3.09 49.11 15.54
C ASN E 138 3.38 50.60 15.63
N PRO E 139 4.57 51.05 15.18
CA PRO E 139 5.66 50.27 14.55
C PRO E 139 6.24 49.16 15.44
N VAL E 140 6.11 47.92 14.98
CA VAL E 140 6.40 46.77 15.82
C VAL E 140 7.90 46.68 16.09
N ASP E 141 8.70 46.75 15.02
CA ASP E 141 10.15 46.63 15.16
C ASP E 141 10.70 47.61 16.18
N ILE E 142 10.10 48.79 16.30
CA ILE E 142 10.58 49.81 17.23
C ILE E 142 9.98 49.63 18.61
N LEU E 143 8.66 49.41 18.69
CA LEU E 143 7.98 49.32 19.98
C LEU E 143 8.23 48.01 20.71
N THR E 144 9.13 47.17 20.22
CA THR E 144 9.65 46.05 21.00
C THR E 144 10.97 46.37 21.67
N TYR E 145 11.76 47.27 21.10
CA TYR E 145 12.85 47.88 21.84
C TYR E 145 12.33 48.57 23.09
N VAL E 146 11.22 49.30 22.96
CA VAL E 146 10.63 50.01 24.09
C VAL E 146 10.18 49.01 25.15
N ALA E 147 9.45 47.98 24.74
CA ALA E 147 8.95 46.98 25.68
C ALA E 147 10.10 46.38 26.49
N TRP E 148 11.20 46.03 25.82
CA TRP E 148 12.31 45.37 26.49
C TRP E 148 13.05 46.35 27.42
N LYS E 149 13.29 47.57 26.96
CA LYS E 149 14.00 48.54 27.82
C LYS E 149 13.15 48.95 29.01
N LEU E 150 11.83 49.04 28.83
CA LEU E 150 10.98 49.48 29.93
C LEU E 150 10.60 48.34 30.86
N SER E 151 10.80 47.09 30.46
CA SER E 151 10.50 45.93 31.30
C SER E 151 11.73 45.25 31.87
N GLY E 152 12.87 45.31 31.17
CA GLY E 152 14.05 44.62 31.63
C GLY E 152 13.93 43.11 31.60
N PHE E 153 12.94 42.58 30.87
CA PHE E 153 12.78 41.14 30.76
C PHE E 153 13.95 40.54 29.97
N PRO E 154 14.30 39.29 30.23
CA PRO E 154 15.21 38.58 29.33
C PRO E 154 14.71 38.69 27.90
N LEU E 155 15.65 38.69 26.95
CA LEU E 155 15.28 38.92 25.55
C LEU E 155 14.30 37.88 25.05
N ASN E 156 14.30 36.68 25.63
CA ASN E 156 13.39 35.63 25.17
C ASN E 156 11.93 36.02 25.37
N ARG E 157 11.63 36.89 26.34
CA ARG E 157 10.25 37.14 26.75
C ARG E 157 9.72 38.48 26.25
N VAL E 158 10.36 39.07 25.24
CA VAL E 158 9.85 40.27 24.59
C VAL E 158 9.90 40.01 23.08
N ILE E 159 8.73 39.88 22.46
CA ILE E 159 8.61 39.44 21.08
C ILE E 159 7.68 40.39 20.35
N GLY E 160 7.96 40.59 19.07
CA GLY E 160 7.12 41.43 18.23
C GLY E 160 6.58 40.67 17.03
N SER E 161 5.28 40.81 16.77
CA SER E 161 4.64 40.18 15.61
C SER E 161 5.51 40.32 14.36
N GLY E 162 5.80 41.57 13.98
CA GLY E 162 6.77 41.81 12.94
C GLY E 162 6.33 41.25 11.60
N CYS E 163 7.19 40.43 11.01
CA CYS E 163 7.03 39.98 9.63
C CYS E 163 6.47 38.57 9.53
N ASN E 164 5.88 38.05 10.61
CA ASN E 164 5.28 36.72 10.54
C ASN E 164 4.13 36.70 9.55
N LEU E 165 3.22 37.67 9.63
CA LEU E 165 2.15 37.77 8.66
C LEU E 165 2.68 38.12 7.27
N ASP E 166 3.62 39.06 7.20
CA ASP E 166 4.13 39.49 5.91
C ASP E 166 4.81 38.34 5.20
N SER E 167 5.59 37.53 5.93
CA SER E 167 6.09 36.28 5.36
C SER E 167 4.94 35.33 5.04
N ALA E 168 3.95 35.24 5.93
CA ALA E 168 2.80 34.40 5.67
C ALA E 168 2.13 34.78 4.36
N ARG E 169 1.84 36.06 4.17
CA ARG E 169 1.20 36.49 2.92
C ARG E 169 2.13 36.29 1.73
N PHE E 170 3.40 36.67 1.87
CA PHE E 170 4.34 36.51 0.77
C PHE E 170 4.32 35.08 0.25
N ARG E 171 4.45 34.10 1.14
CA ARG E 171 4.49 32.70 0.73
C ARG E 171 3.23 32.32 -0.04
N TYR E 172 2.06 32.71 0.47
CA TYR E 172 0.82 32.35 -0.20
C TYR E 172 0.82 32.83 -1.64
N LEU E 173 1.21 34.09 -1.86
CA LEU E 173 1.21 34.64 -3.21
C LEU E 173 2.13 33.86 -4.13
N VAL E 174 3.32 33.50 -3.65
CA VAL E 174 4.25 32.76 -4.48
C VAL E 174 3.69 31.38 -4.82
N SER E 175 3.12 30.71 -3.81
CA SER E 175 2.58 29.37 -4.04
C SER E 175 1.38 29.40 -4.99
N GLU E 176 0.59 30.47 -4.96
CA GLU E 176 -0.54 30.59 -5.87
C GLU E 176 -0.10 30.69 -7.32
N MET E 177 1.02 31.36 -7.57
CA MET E 177 1.49 31.51 -8.95
C MET E 177 2.10 30.21 -9.49
N ILE E 178 2.75 29.43 -8.62
CA ILE E 178 3.36 28.18 -9.07
C ILE E 178 2.33 27.08 -9.25
N GLY E 179 1.16 27.19 -8.62
CA GLY E 179 0.19 26.12 -8.65
C GLY E 179 0.54 25.05 -7.64
N ILE E 180 0.79 25.49 -6.41
CA ILE E 180 1.34 24.65 -5.35
C ILE E 180 0.67 25.03 -4.05
N HIS E 181 0.39 24.03 -3.22
CA HIS E 181 -0.27 24.30 -1.96
C HIS E 181 0.68 25.10 -1.07
N PRO E 182 0.19 26.15 -0.38
CA PRO E 182 1.14 27.05 0.32
C PRO E 182 2.00 26.36 1.36
N SER E 183 1.51 25.27 1.97
CA SER E 183 2.29 24.59 2.98
C SER E 183 3.55 23.94 2.43
N ASN E 184 3.69 23.81 1.12
CA ASN E 184 4.85 23.17 0.51
C ASN E 184 5.78 24.16 -0.20
N PHE E 185 5.57 25.46 -0.02
CA PHE E 185 6.53 26.47 -0.45
C PHE E 185 6.97 27.25 0.79
N HIS E 186 8.28 27.45 0.94
CA HIS E 186 8.84 28.05 2.14
C HIS E 186 9.77 29.19 1.76
N GLY E 187 9.65 30.29 2.51
CA GLY E 187 10.39 31.50 2.24
C GLY E 187 9.91 32.60 3.16
N CYS E 188 10.82 33.47 3.59
CA CYS E 188 10.51 34.47 4.60
C CYS E 188 10.84 35.86 4.07
N ILE E 189 10.37 36.86 4.81
CA ILE E 189 10.72 38.25 4.58
C ILE E 189 11.12 38.84 5.93
N LEU E 190 12.26 39.49 5.97
CA LEU E 190 12.86 39.96 7.22
C LEU E 190 12.95 41.47 7.21
N GLY E 191 12.79 42.06 8.40
CA GLY E 191 12.83 43.50 8.54
C GLY E 191 11.47 44.16 8.41
N GLY E 194 7.65 46.69 7.85
CA GLY E 194 7.16 47.69 6.92
C GLY E 194 7.76 47.56 5.53
N ASP E 195 7.72 48.64 4.76
CA ASP E 195 8.16 48.59 3.37
C ASP E 195 9.65 48.31 3.24
N SER E 196 10.44 48.59 4.28
CA SER E 196 11.85 48.21 4.25
C SER E 196 12.07 46.72 4.39
N SER E 197 11.01 45.93 4.52
CA SER E 197 11.15 44.49 4.62
C SER E 197 11.90 43.92 3.42
N VAL E 198 12.95 43.15 3.71
CA VAL E 198 13.78 42.54 2.67
C VAL E 198 13.40 41.07 2.57
N PRO E 199 12.95 40.58 1.42
CA PRO E 199 12.77 39.13 1.25
C PRO E 199 14.10 38.41 1.10
N ILE E 200 14.10 37.14 1.49
CA ILE E 200 15.28 36.29 1.44
C ILE E 200 15.07 35.27 0.34
N LEU E 201 15.87 35.37 -0.72
CA LEU E 201 15.70 34.55 -1.91
C LEU E 201 16.57 33.31 -1.90
N SER E 202 17.75 33.37 -1.30
CA SER E 202 18.65 32.21 -1.30
C SER E 202 18.03 31.00 -0.62
N GLY E 203 16.97 31.19 0.16
CA GLY E 203 16.33 30.10 0.87
C GLY E 203 14.90 29.83 0.42
N LEU E 204 14.59 30.08 -0.85
CA LEU E 204 13.29 29.73 -1.39
C LEU E 204 13.29 28.25 -1.74
N ASN E 205 12.22 27.56 -1.36
CA ASN E 205 12.21 26.11 -1.37
C ASN E 205 10.81 25.59 -1.62
N ILE E 206 10.72 24.41 -2.23
CA ILE E 206 9.46 23.70 -2.40
C ILE E 206 9.72 22.25 -2.00
N ALA E 207 9.34 21.89 -0.77
CA ALA E 207 9.38 20.50 -0.31
C ALA E 207 10.79 19.91 -0.45
N GLY E 208 11.80 20.71 -0.10
CA GLY E 208 13.17 20.24 -0.08
C GLY E 208 13.89 20.41 -1.41
N MET E 209 13.77 21.57 -2.03
CA MET E 209 14.42 21.83 -3.31
C MET E 209 14.73 23.30 -3.45
N SER E 210 15.98 23.61 -3.79
CA SER E 210 16.40 24.95 -4.18
C SER E 210 15.30 25.71 -4.93
N THR E 248 -5.85 46.69 9.39
CA THR E 248 -5.86 45.26 9.64
C THR E 248 -6.53 44.91 10.96
N SER E 249 -7.74 44.36 10.90
CA SER E 249 -8.33 43.70 12.05
C SER E 249 -8.06 42.19 11.99
N TRP E 250 -8.47 41.57 10.88
CA TRP E 250 -8.51 40.11 10.80
C TRP E 250 -7.15 39.51 10.49
N ALA E 251 -6.42 40.11 9.54
CA ALA E 251 -5.14 39.54 9.12
C ALA E 251 -4.17 39.42 10.28
N ILE E 252 -4.16 40.41 11.18
CA ILE E 252 -3.20 40.38 12.28
C ILE E 252 -3.71 39.50 13.42
N GLY E 253 -5.03 39.37 13.56
CA GLY E 253 -5.56 38.43 14.53
C GLY E 253 -5.11 37.01 14.24
N LEU E 254 -5.14 36.62 12.96
CA LEU E 254 -4.70 35.29 12.58
C LEU E 254 -3.21 35.11 12.85
N SER E 255 -2.39 36.05 12.39
CA SER E 255 -0.94 35.95 12.59
C SER E 255 -0.56 35.98 14.07
N VAL E 256 -1.40 36.55 14.92
CA VAL E 256 -1.13 36.52 16.35
C VAL E 256 -1.56 35.18 16.95
N GLY E 257 -2.62 34.57 16.41
CA GLY E 257 -2.96 33.22 16.81
C GLY E 257 -1.89 32.21 16.40
N ASP E 258 -1.36 32.35 15.18
CA ASP E 258 -0.31 31.46 14.72
C ASP E 258 0.92 31.53 15.64
N LEU E 259 1.30 32.75 16.05
CA LEU E 259 2.42 32.90 16.97
C LEU E 259 2.05 32.40 18.36
N SER E 260 0.87 32.78 18.85
CA SER E 260 0.45 32.35 20.17
C SER E 260 0.42 30.83 20.27
N CYS E 261 0.06 30.13 19.20
CA CYS E 261 0.01 28.67 19.25
C CYS E 261 1.36 28.09 19.63
N SER E 262 2.41 28.46 18.90
CA SER E 262 3.75 27.96 19.20
C SER E 262 4.15 28.32 20.63
N LEU E 263 3.98 29.58 21.01
CA LEU E 263 4.36 30.01 22.34
C LEU E 263 3.67 29.20 23.41
N ILE E 264 2.39 28.90 23.23
CA ILE E 264 1.61 28.23 24.27
C ILE E 264 1.86 26.72 24.23
N LYS E 265 1.55 26.09 23.10
CA LYS E 265 1.73 24.64 22.95
C LYS E 265 3.20 24.25 22.84
N ASN E 266 4.12 25.20 22.89
CA ASN E 266 5.56 24.91 22.91
C ASN E 266 5.98 24.13 21.68
N LEU E 267 5.53 24.58 20.51
CA LEU E 267 5.82 23.86 19.28
C LEU E 267 7.28 24.01 18.86
N ARG E 268 7.93 25.10 19.26
CA ARG E 268 9.29 25.40 18.83
C ARG E 268 9.36 25.58 17.31
N LYS E 269 8.34 26.22 16.75
CA LYS E 269 8.34 26.57 15.33
C LYS E 269 9.21 27.79 15.10
N VAL E 270 9.69 27.93 13.86
CA VAL E 270 10.58 29.02 13.47
C VAL E 270 9.73 30.11 12.83
N HIS E 271 9.56 31.23 13.54
CA HIS E 271 8.79 32.36 13.02
C HIS E 271 9.68 33.58 12.83
N PRO E 272 9.54 34.30 11.71
CA PRO E 272 10.23 35.59 11.58
C PRO E 272 9.57 36.65 12.45
N VAL E 273 10.17 36.95 13.61
CA VAL E 273 9.57 37.87 14.57
C VAL E 273 10.63 38.85 15.06
N SER E 274 10.16 40.00 15.54
CA SER E 274 11.04 41.13 15.84
C SER E 274 11.76 40.92 17.16
N THR E 275 13.10 40.90 17.10
CA THR E 275 13.92 40.86 18.31
C THR E 275 15.26 41.50 18.00
N LEU E 276 16.11 41.61 19.01
CA LEU E 276 17.38 42.32 18.89
C LEU E 276 18.30 41.63 17.89
N VAL E 277 19.20 42.41 17.29
CA VAL E 277 20.12 41.89 16.28
C VAL E 277 21.45 42.64 16.29
N LYS E 278 21.85 43.19 17.44
CA LYS E 278 23.18 43.79 17.50
C LYS E 278 24.22 42.72 17.24
N GLY E 279 24.82 42.73 16.05
CA GLY E 279 25.80 41.74 15.69
C GLY E 279 25.58 41.20 14.29
N GLN E 280 24.32 40.95 13.94
CA GLN E 280 23.99 40.37 12.64
C GLN E 280 24.02 41.43 11.55
N PHE E 281 24.52 41.04 10.38
CA PHE E 281 24.49 41.89 9.19
C PHE E 281 25.21 43.22 9.42
N GLY E 282 26.26 43.21 10.23
CA GLY E 282 27.01 44.42 10.54
C GLY E 282 26.13 45.56 11.00
N ILE E 283 25.02 45.23 11.67
CA ILE E 283 24.13 46.26 12.22
C ILE E 283 24.75 46.75 13.52
N ASP E 284 24.91 48.08 13.63
CA ASP E 284 25.79 48.68 14.62
C ASP E 284 25.09 49.11 15.90
N ASN E 285 23.80 48.83 16.07
CA ASN E 285 23.06 49.38 17.21
C ASN E 285 22.09 48.34 17.77
N GLU E 286 21.47 48.71 18.89
CA GLU E 286 20.43 47.90 19.50
C GLU E 286 19.10 48.09 18.76
N VAL E 287 19.10 47.68 17.50
CA VAL E 287 17.95 47.78 16.63
C VAL E 287 17.25 46.43 16.58
N PHE E 288 15.94 46.45 16.39
CA PHE E 288 15.12 45.25 16.36
C PHE E 288 14.54 45.06 14.97
N LEU E 289 14.64 43.83 14.46
CA LEU E 289 14.02 43.44 13.20
C LEU E 289 13.57 42.00 13.31
N SER E 290 12.85 41.55 12.29
CA SER E 290 12.36 40.18 12.26
C SER E 290 13.46 39.26 11.73
N VAL E 291 13.89 38.33 12.56
CA VAL E 291 14.82 37.28 12.17
C VAL E 291 14.17 35.94 12.48
N PRO E 292 14.54 34.88 11.75
CA PRO E 292 13.95 33.56 12.05
C PRO E 292 14.23 33.15 13.48
N CYS E 293 13.16 33.05 14.27
CA CYS E 293 13.25 32.77 15.70
C CYS E 293 12.47 31.52 16.05
N VAL E 294 12.93 30.83 17.09
CA VAL E 294 12.33 29.58 17.55
C VAL E 294 11.46 29.91 18.75
N LEU E 295 10.14 29.82 18.57
CA LEU E 295 9.18 30.24 19.58
C LEU E 295 8.65 29.02 20.34
N GLY E 296 8.74 29.08 21.67
CA GLY E 296 8.22 28.03 22.53
C GLY E 296 7.63 28.58 23.82
N ARG E 297 7.45 27.72 24.82
CA ARG E 297 6.84 28.14 26.07
C ARG E 297 7.73 29.06 26.88
N ASN E 298 9.03 29.14 26.57
CA ASN E 298 9.95 30.02 27.27
C ASN E 298 10.22 31.31 26.51
N GLY E 299 9.44 31.59 25.47
CA GLY E 299 9.67 32.77 24.65
C GLY E 299 10.42 32.42 23.38
N ILE E 300 11.57 33.05 23.17
CA ILE E 300 12.43 32.75 22.03
C ILE E 300 13.57 31.87 22.53
N SER E 301 13.67 30.65 21.98
CA SER E 301 14.68 29.71 22.44
C SER E 301 16.05 30.03 21.85
N GLU E 302 16.09 30.32 20.54
CA GLU E 302 17.34 30.74 19.90
C GLU E 302 16.99 31.49 18.63
N VAL E 303 17.96 32.25 18.14
CA VAL E 303 17.82 33.03 16.91
C VAL E 303 18.74 32.43 15.85
N PHE E 304 18.27 32.40 14.61
CA PHE E 304 19.09 31.93 13.49
C PHE E 304 19.98 33.07 12.99
N LYS E 305 21.26 32.78 12.85
CA LYS E 305 22.25 33.75 12.37
C LYS E 305 22.72 33.35 10.97
N PRO E 306 21.90 33.57 9.94
CA PRO E 306 22.27 33.08 8.60
C PRO E 306 23.32 33.95 7.94
N LYS E 307 23.96 33.36 6.93
CA LYS E 307 24.95 34.04 6.10
C LYS E 307 24.38 34.08 4.67
N LEU E 308 23.80 35.21 4.30
CA LEU E 308 23.11 35.36 3.03
C LEU E 308 24.00 36.07 2.01
N THR E 309 23.44 36.33 0.84
CA THR E 309 24.13 37.11 -0.18
C THR E 309 24.24 38.57 0.26
N VAL E 310 25.31 39.23 -0.18
CA VAL E 310 25.56 40.62 0.24
C VAL E 310 24.34 41.48 -0.03
N GLU E 311 23.69 41.28 -1.18
CA GLU E 311 22.48 42.03 -1.49
C GLU E 311 21.48 41.94 -0.35
N GLU E 312 21.10 40.72 0.02
CA GLU E 312 20.12 40.51 1.09
C GLU E 312 20.61 41.07 2.41
N GLU E 313 21.91 40.95 2.68
CA GLU E 313 22.44 41.44 3.96
C GLU E 313 22.46 42.97 4.01
N GLN E 314 22.95 43.60 2.93
CA GLN E 314 22.98 45.06 2.87
C GLN E 314 21.58 45.64 3.09
N GLN E 315 20.57 45.00 2.51
CA GLN E 315 19.19 45.47 2.66
C GLN E 315 18.69 45.33 4.10
N LEU E 316 19.29 44.44 4.89
CA LEU E 316 18.99 44.39 6.32
C LEU E 316 19.64 45.55 7.05
N LYS E 317 20.81 45.99 6.60
CA LYS E 317 21.41 47.22 7.13
C LYS E 317 20.59 48.43 6.71
N ASN E 318 20.23 48.50 5.43
CA ASN E 318 19.39 49.60 4.94
C ASN E 318 18.04 49.60 5.64
N SER E 319 17.48 48.42 5.91
CA SER E 319 16.22 48.33 6.64
C SER E 319 16.39 48.57 8.13
N ALA E 320 17.55 48.19 8.68
CA ALA E 320 17.84 48.47 10.09
C ALA E 320 18.18 49.93 10.29
N GLU E 321 18.94 50.53 9.37
CA GLU E 321 19.21 51.96 9.44
C GLU E 321 17.93 52.77 9.28
N THR E 322 17.05 52.35 8.36
CA THR E 322 15.74 52.98 8.25
C THR E 322 15.01 52.96 9.58
N ILE E 323 15.19 51.90 10.37
CA ILE E 323 14.56 51.82 11.68
C ILE E 323 15.16 52.84 12.63
N TRP E 324 16.47 53.09 12.51
CA TRP E 324 17.16 53.93 13.47
C TRP E 324 16.80 55.41 13.28
N ASN E 325 16.64 55.84 12.03
CA ASN E 325 16.21 57.20 11.70
C ASN E 325 15.07 57.65 12.61
N THR E 326 14.11 56.77 12.86
CA THR E 326 12.93 57.11 13.64
C THR E 326 13.02 56.70 15.09
N GLN E 327 14.06 55.96 15.48
CA GLN E 327 14.17 55.45 16.85
C GLN E 327 15.06 56.32 17.74
N LYS E 328 15.95 57.13 17.16
CA LYS E 328 16.77 58.03 17.96
C LYS E 328 15.98 59.18 18.55
N ASP E 329 14.70 59.34 18.16
CA ASP E 329 13.91 60.50 18.52
C ASP E 329 12.81 60.18 19.53
N ILE E 330 12.97 59.12 20.32
CA ILE E 330 12.06 58.82 21.42
C ILE E 330 12.89 58.76 22.70
N GLN E 331 12.29 59.19 23.80
CA GLN E 331 12.98 59.26 25.08
C GLN E 331 12.34 58.30 26.07
N LEU E 332 13.19 57.62 26.83
CA LEU E 332 12.75 56.61 27.79
C LEU E 332 13.11 57.04 29.21
N ASN F 21 34.89 -54.57 -17.93
CA ASN F 21 33.57 -53.99 -18.17
C ASN F 21 32.48 -54.98 -17.74
N LYS F 22 32.76 -55.70 -16.67
CA LYS F 22 31.88 -56.77 -16.19
C LYS F 22 30.70 -56.18 -15.43
N ILE F 23 29.52 -56.76 -15.66
CA ILE F 23 28.28 -56.33 -15.00
C ILE F 23 27.63 -57.56 -14.35
N THR F 24 27.03 -57.35 -13.19
CA THR F 24 26.37 -58.42 -12.44
C THR F 24 24.95 -57.99 -12.10
N VAL F 25 24.00 -58.91 -12.28
CA VAL F 25 22.62 -58.74 -11.82
C VAL F 25 22.30 -59.94 -10.94
N ILE F 26 22.02 -59.66 -9.69
CA ILE F 26 21.70 -60.71 -8.79
C ILE F 26 20.22 -60.84 -8.64
N GLY F 27 19.73 -62.03 -8.89
CA GLY F 27 18.34 -62.30 -8.75
C GLY F 27 17.60 -62.45 -10.00
N VAL F 28 17.60 -63.63 -10.56
CA VAL F 28 16.93 -63.86 -11.78
C VAL F 28 15.43 -63.92 -11.68
N GLY F 29 14.85 -63.02 -10.94
CA GLY F 29 13.41 -62.96 -10.85
C GLY F 29 12.94 -62.48 -12.17
N ALA F 30 11.74 -61.95 -12.23
CA ALA F 30 11.25 -61.42 -13.46
C ALA F 30 11.80 -60.07 -13.67
N VAL F 31 12.34 -59.47 -12.66
CA VAL F 31 12.90 -58.17 -12.77
C VAL F 31 14.31 -58.39 -13.18
N GLY F 32 15.04 -59.04 -12.35
CA GLY F 32 16.45 -59.20 -12.62
C GLY F 32 16.74 -59.61 -14.05
N MET F 33 15.77 -60.23 -14.71
CA MET F 33 15.92 -60.62 -16.10
C MET F 33 15.52 -59.50 -17.06
N ALA F 34 14.41 -58.82 -16.80
CA ALA F 34 14.11 -57.62 -17.56
C ALA F 34 15.26 -56.64 -17.49
N CYS F 35 15.84 -56.46 -16.30
CA CYS F 35 17.06 -55.67 -16.17
C CYS F 35 18.19 -56.28 -16.99
N ALA F 36 18.35 -57.61 -16.94
CA ALA F 36 19.39 -58.27 -17.73
C ALA F 36 19.15 -58.06 -19.21
N PHE F 37 17.94 -58.39 -19.68
CA PHE F 37 17.65 -58.29 -21.11
C PHE F 37 17.77 -56.85 -21.61
N SER F 38 17.46 -55.87 -20.75
CA SER F 38 17.57 -54.47 -21.16
C SER F 38 19.02 -53.99 -21.13
N ILE F 39 19.83 -54.51 -20.20
CA ILE F 39 21.25 -54.16 -20.17
C ILE F 39 22.01 -54.82 -21.31
N LEU F 40 21.49 -55.91 -21.87
CA LEU F 40 22.11 -56.54 -23.02
C LEU F 40 21.68 -55.92 -24.35
N ASN F 41 20.46 -55.37 -24.41
CA ASN F 41 20.02 -54.73 -25.64
C ASN F 41 20.69 -53.38 -25.84
N LYS F 42 21.03 -52.70 -24.75
CA LYS F 42 21.83 -51.49 -24.84
C LYS F 42 23.31 -51.78 -25.04
N GLU F 43 23.70 -53.06 -25.11
CA GLU F 43 25.03 -53.46 -25.53
C GLU F 43 26.09 -52.81 -24.66
N LEU F 44 25.91 -52.96 -23.34
CA LEU F 44 26.80 -52.37 -22.35
C LEU F 44 27.81 -53.34 -21.77
N ALA F 45 27.52 -54.63 -21.79
CA ALA F 45 28.29 -55.62 -21.04
C ALA F 45 29.26 -56.35 -21.94
N ASP F 46 30.53 -56.39 -21.51
CA ASP F 46 31.46 -57.38 -22.02
C ASP F 46 31.26 -58.73 -21.35
N GLU F 47 30.63 -58.75 -20.17
CA GLU F 47 30.48 -59.97 -19.40
C GLU F 47 29.34 -59.74 -18.41
N LEU F 48 28.19 -60.34 -18.66
CA LEU F 48 27.03 -60.25 -17.76
C LEU F 48 26.98 -61.50 -16.88
N VAL F 49 26.66 -61.29 -15.61
CA VAL F 49 26.69 -62.35 -14.62
C VAL F 49 25.36 -62.37 -13.88
N LEU F 50 24.75 -63.55 -13.78
CA LEU F 50 23.47 -63.75 -13.10
C LEU F 50 23.68 -64.69 -11.93
N ILE F 51 23.38 -64.22 -10.72
CA ILE F 51 23.48 -65.04 -9.51
C ILE F 51 22.13 -65.09 -8.82
N ASP F 52 21.87 -66.23 -8.18
CA ASP F 52 20.65 -66.47 -7.42
C ASP F 52 20.83 -67.84 -6.75
N VAL F 53 19.83 -68.24 -5.96
CA VAL F 53 19.98 -69.44 -5.15
C VAL F 53 19.50 -70.69 -5.89
N VAL F 54 18.31 -70.68 -6.46
CA VAL F 54 17.84 -71.82 -7.25
C VAL F 54 18.65 -71.89 -8.53
N GLU F 55 19.23 -73.05 -8.81
CA GLU F 55 20.17 -73.17 -9.92
C GLU F 55 19.51 -73.59 -11.22
N ASP F 56 18.55 -74.51 -11.18
CA ASP F 56 17.98 -75.05 -12.41
C ASP F 56 17.36 -73.95 -13.26
N LYS F 57 16.84 -72.90 -12.63
CA LYS F 57 16.45 -71.71 -13.38
C LYS F 57 17.69 -70.96 -13.87
N LEU F 58 18.59 -70.63 -12.94
CA LEU F 58 19.81 -69.92 -13.26
C LEU F 58 20.50 -70.49 -14.49
N LYS F 59 20.93 -71.75 -14.43
CA LYS F 59 21.58 -72.36 -15.58
C LYS F 59 20.66 -72.25 -16.79
N GLU F 61 18.52 -69.75 -17.49
CA GLU F 61 18.27 -68.46 -18.10
C GLU F 61 19.54 -67.97 -18.77
N MET F 62 20.67 -68.50 -18.30
CA MET F 62 21.94 -68.26 -18.95
C MET F 62 21.92 -68.78 -20.39
N MET F 63 21.36 -69.97 -20.59
CA MET F 63 21.42 -70.63 -21.90
C MET F 63 20.47 -70.04 -22.92
N ASP F 64 19.38 -69.40 -22.49
CA ASP F 64 18.52 -68.70 -23.44
C ASP F 64 19.21 -67.45 -23.95
N LEU F 65 19.52 -66.52 -23.05
CA LEU F 65 20.32 -65.37 -23.44
C LEU F 65 21.54 -65.79 -24.26
N GLN F 66 22.19 -66.89 -23.87
CA GLN F 66 23.35 -67.39 -24.62
C GLN F 66 22.98 -67.96 -25.98
N GLN F 67 21.70 -68.05 -26.33
CA GLN F 67 21.30 -68.66 -27.59
C GLN F 67 20.87 -67.66 -28.65
N GLY F 68 20.41 -66.47 -28.26
CA GLY F 68 20.20 -65.40 -29.20
C GLY F 68 21.39 -64.46 -29.19
N SER F 69 22.54 -64.98 -28.77
CA SER F 69 23.77 -64.19 -28.69
C SER F 69 23.98 -63.32 -29.92
N LEU F 70 23.84 -63.91 -31.11
CA LEU F 70 24.08 -63.16 -32.33
C LEU F 70 23.23 -61.90 -32.39
N PHE F 71 21.98 -61.99 -31.93
CA PHE F 71 21.10 -60.83 -31.91
C PHE F 71 21.45 -59.84 -30.80
N LEU F 72 22.41 -60.18 -29.95
CA LEU F 72 22.91 -59.29 -28.90
C LEU F 72 24.34 -58.88 -29.24
N LYS F 73 25.00 -58.24 -28.29
CA LYS F 73 26.35 -57.72 -28.50
C LYS F 73 27.18 -57.86 -27.22
N THR F 74 27.15 -59.05 -26.62
CA THR F 74 27.91 -59.31 -25.40
C THR F 74 28.45 -60.73 -25.45
N PRO F 75 29.78 -60.92 -25.50
CA PRO F 75 30.32 -62.27 -25.75
C PRO F 75 30.09 -63.24 -24.61
N ASN F 76 29.87 -62.76 -23.39
CA ASN F 76 29.90 -63.61 -22.21
C ASN F 76 28.64 -63.44 -21.40
N ILE F 77 28.04 -64.57 -21.01
CA ILE F 77 26.89 -64.60 -20.12
C ILE F 77 27.07 -65.80 -19.20
N ILE F 78 27.21 -65.53 -17.90
CA ILE F 78 27.59 -66.55 -16.93
C ILE F 78 26.61 -66.50 -15.76
N ALA F 79 26.15 -67.67 -15.32
CA ALA F 79 25.27 -67.77 -14.18
C ALA F 79 25.76 -68.87 -13.24
N GLY F 80 25.35 -68.77 -11.98
CA GLY F 80 25.77 -69.71 -10.98
C GLY F 80 25.54 -69.16 -9.58
N LYS F 81 26.25 -69.73 -8.62
CA LYS F 81 26.14 -69.32 -7.23
C LYS F 81 27.44 -68.69 -6.73
N GLU F 84 31.23 -65.38 -6.23
CA GLU F 84 32.65 -65.44 -6.54
C GLU F 84 32.86 -65.25 -8.04
N LEU F 85 31.80 -65.40 -8.82
CA LEU F 85 31.84 -65.12 -10.25
C LEU F 85 31.65 -63.64 -10.55
N THR F 86 31.34 -62.81 -9.53
CA THR F 86 31.11 -61.40 -9.70
C THR F 86 32.38 -60.57 -9.50
N ALA F 87 33.55 -61.17 -9.73
CA ALA F 87 34.79 -60.51 -9.36
C ALA F 87 35.12 -59.38 -10.32
N ASN F 88 35.62 -58.27 -9.77
CA ASN F 88 36.08 -57.13 -10.56
C ASN F 88 34.97 -56.57 -11.44
N SER F 89 33.72 -56.72 -11.01
CA SER F 89 32.60 -56.11 -11.71
C SER F 89 32.57 -54.61 -11.45
N LYS F 90 32.16 -53.86 -12.48
CA LYS F 90 32.06 -52.41 -12.37
C LYS F 90 30.66 -51.93 -12.00
N LEU F 91 29.66 -52.80 -12.07
CA LEU F 91 28.30 -52.42 -11.70
C LEU F 91 27.58 -53.65 -11.17
N VAL F 92 26.78 -53.46 -10.13
CA VAL F 92 26.01 -54.53 -9.50
C VAL F 92 24.57 -54.06 -9.36
N VAL F 93 23.65 -54.76 -10.00
CA VAL F 93 22.23 -54.46 -9.91
C VAL F 93 21.61 -55.49 -8.99
N VAL F 94 21.12 -55.04 -7.83
CA VAL F 94 20.48 -55.92 -6.85
C VAL F 94 18.98 -55.85 -7.07
N THR F 95 18.36 -57.00 -7.33
CA THR F 95 16.94 -57.08 -7.62
C THR F 95 16.18 -58.06 -6.75
N ALA F 96 16.85 -58.98 -6.08
CA ALA F 96 16.17 -59.95 -5.21
C ALA F 96 15.42 -59.23 -4.10
N GLY F 97 14.39 -59.87 -3.56
CA GLY F 97 13.95 -61.20 -3.99
C GLY F 97 12.82 -61.74 -3.15
N ILE F 120 23.35 -60.76 0.91
CA ILE F 120 23.64 -60.62 -0.51
C ILE F 120 24.89 -59.77 -0.71
N ILE F 121 24.96 -58.67 0.02
CA ILE F 121 25.87 -57.57 -0.33
C ILE F 121 27.30 -57.90 0.10
N PRO F 122 27.55 -58.33 1.35
CA PRO F 122 28.95 -58.54 1.78
C PRO F 122 29.73 -59.48 0.86
N ASN F 123 29.01 -60.27 0.07
CA ASN F 123 29.65 -61.16 -0.90
C ASN F 123 29.83 -60.50 -2.25
N VAL F 124 28.96 -59.54 -2.60
CA VAL F 124 29.23 -58.66 -3.74
C VAL F 124 30.54 -57.91 -3.50
N VAL F 125 30.66 -57.29 -2.33
CA VAL F 125 31.84 -56.50 -1.99
C VAL F 125 33.05 -57.41 -1.79
N LYS F 126 32.83 -58.66 -1.39
CA LYS F 126 33.94 -59.58 -1.16
C LYS F 126 34.75 -59.81 -2.43
N TYR F 127 34.07 -59.64 -3.54
CA TYR F 127 34.69 -59.80 -4.81
C TYR F 127 34.50 -58.61 -5.71
N SER F 128 33.59 -57.72 -5.37
CA SER F 128 33.34 -56.57 -6.20
C SER F 128 33.41 -55.30 -5.43
N PRO F 129 34.66 -54.98 -4.93
CA PRO F 129 34.71 -53.77 -4.11
C PRO F 129 34.82 -52.46 -4.84
N CYS F 131 33.32 -51.16 -6.73
CA CYS F 131 32.32 -51.24 -7.72
C CYS F 131 31.17 -50.37 -7.42
N ILE F 132 30.28 -50.23 -8.40
CA ILE F 132 29.07 -49.45 -8.20
C ILE F 132 27.92 -50.43 -7.98
N LEU F 133 27.17 -50.26 -6.89
CA LEU F 133 26.01 -51.10 -6.62
C LEU F 133 24.75 -50.25 -6.74
N LEU F 134 23.85 -50.68 -7.62
CA LEU F 134 22.60 -49.98 -7.91
C LEU F 134 21.46 -50.84 -7.39
N ILE F 135 20.76 -50.36 -6.36
CA ILE F 135 19.72 -51.13 -5.70
C ILE F 135 18.41 -50.91 -6.43
N VAL F 136 17.84 -52.00 -6.95
CA VAL F 136 16.53 -51.95 -7.60
C VAL F 136 15.43 -52.50 -6.70
N SER F 137 15.77 -53.32 -5.71
CA SER F 137 14.77 -53.93 -4.85
C SER F 137 13.95 -52.87 -4.11
N ASN F 138 12.73 -53.24 -3.72
CA ASN F 138 11.81 -52.30 -3.12
C ASN F 138 11.64 -52.57 -1.62
N PRO F 139 11.36 -51.52 -0.82
CA PRO F 139 11.36 -50.11 -1.23
C PRO F 139 12.77 -49.56 -1.40
N VAL F 140 13.01 -48.94 -2.56
CA VAL F 140 14.37 -48.55 -2.95
C VAL F 140 14.95 -47.52 -2.00
N ASP F 141 14.13 -46.56 -1.55
CA ASP F 141 14.63 -45.51 -0.69
C ASP F 141 15.26 -46.06 0.58
N ILE F 142 14.76 -47.19 1.08
CA ILE F 142 15.22 -47.73 2.35
C ILE F 142 16.31 -48.78 2.14
N LEU F 143 16.16 -49.66 1.15
CA LEU F 143 17.19 -50.67 0.92
C LEU F 143 18.45 -50.12 0.29
N THR F 144 18.54 -48.81 0.06
CA THR F 144 19.79 -48.18 -0.30
C THR F 144 20.53 -47.63 0.91
N TYR F 145 19.79 -47.25 1.96
CA TYR F 145 20.41 -47.02 3.26
C TYR F 145 21.12 -48.29 3.74
N VAL F 146 20.46 -49.43 3.61
CA VAL F 146 21.03 -50.71 4.04
C VAL F 146 22.26 -51.04 3.20
N ALA F 147 22.18 -50.78 1.89
CA ALA F 147 23.26 -51.19 0.99
C ALA F 147 24.57 -50.48 1.33
N TRP F 148 24.48 -49.22 1.76
CA TRP F 148 25.68 -48.43 2.02
C TRP F 148 26.25 -48.68 3.40
N LYS F 149 25.38 -48.85 4.41
CA LYS F 149 25.86 -49.20 5.74
C LYS F 149 26.49 -50.59 5.75
N LEU F 150 25.84 -51.56 5.10
CA LEU F 150 26.33 -52.93 5.13
C LEU F 150 27.57 -53.14 4.26
N SER F 151 27.91 -52.18 3.41
CA SER F 151 29.05 -52.30 2.50
C SER F 151 30.22 -51.40 2.86
N GLY F 152 29.96 -50.24 3.44
CA GLY F 152 31.01 -49.27 3.71
C GLY F 152 31.46 -48.47 2.51
N PHE F 153 30.83 -48.66 1.36
CA PHE F 153 31.18 -47.88 0.19
C PHE F 153 30.93 -46.39 0.46
N PRO F 154 31.66 -45.51 -0.21
CA PRO F 154 31.27 -44.10 -0.19
C PRO F 154 29.91 -43.91 -0.84
N LEU F 155 29.41 -42.68 -0.88
CA LEU F 155 28.06 -42.45 -1.35
C LEU F 155 27.96 -42.47 -2.87
N ASN F 156 29.07 -42.21 -3.58
CA ASN F 156 29.03 -42.24 -5.03
C ASN F 156 28.80 -43.63 -5.60
N ARG F 157 29.14 -44.68 -4.85
CA ARG F 157 29.06 -46.05 -5.36
C ARG F 157 27.87 -46.81 -4.77
N VAL F 158 26.84 -46.10 -4.32
CA VAL F 158 25.63 -46.72 -3.77
C VAL F 158 24.45 -45.93 -4.29
N ILE F 159 23.67 -46.52 -5.21
CA ILE F 159 22.60 -45.82 -5.91
C ILE F 159 21.36 -46.72 -5.89
N GLY F 160 20.20 -46.09 -6.02
CA GLY F 160 18.94 -46.80 -6.13
C GLY F 160 18.13 -46.30 -7.30
N SER F 161 17.39 -47.23 -7.92
CA SER F 161 16.56 -46.89 -9.06
C SER F 161 15.70 -45.66 -8.75
N GLY F 162 14.95 -45.72 -7.65
CA GLY F 162 14.23 -44.53 -7.19
C GLY F 162 13.19 -44.08 -8.19
N CYS F 163 13.15 -42.77 -8.43
CA CYS F 163 12.12 -42.16 -9.27
C CYS F 163 12.60 -41.93 -10.70
N ASN F 164 13.67 -42.59 -11.12
CA ASN F 164 14.11 -42.48 -12.50
C ASN F 164 13.02 -42.97 -13.45
N LEU F 165 12.42 -44.13 -13.14
CA LEU F 165 11.29 -44.60 -13.92
C LEU F 165 10.08 -43.70 -13.73
N ASP F 166 9.80 -43.30 -12.49
CA ASP F 166 8.63 -42.46 -12.23
C ASP F 166 8.74 -41.13 -12.96
N SER F 167 9.94 -40.56 -13.02
CA SER F 167 10.13 -39.30 -13.74
C SER F 167 9.98 -39.50 -15.24
N ALA F 168 10.47 -40.63 -15.76
CA ALA F 168 10.35 -40.91 -17.19
C ALA F 168 8.89 -41.01 -17.61
N ARG F 169 8.11 -41.81 -16.88
CA ARG F 169 6.70 -41.99 -17.23
C ARG F 169 5.94 -40.67 -17.08
N PHE F 170 6.14 -39.97 -15.97
CA PHE F 170 5.49 -38.67 -15.78
C PHE F 170 5.76 -37.76 -16.98
N ARG F 171 7.03 -37.68 -17.41
CA ARG F 171 7.38 -36.79 -18.51
C ARG F 171 6.61 -37.15 -19.78
N TYR F 172 6.51 -38.45 -20.08
CA TYR F 172 5.81 -38.87 -21.29
C TYR F 172 4.37 -38.35 -21.29
N LEU F 173 3.64 -38.59 -20.21
CA LEU F 173 2.22 -38.28 -20.19
C LEU F 173 1.98 -36.78 -20.40
N VAL F 174 2.76 -35.94 -19.71
CA VAL F 174 2.65 -34.51 -19.94
C VAL F 174 2.93 -34.19 -21.40
N SER F 175 3.86 -34.92 -22.01
CA SER F 175 4.20 -34.68 -23.41
C SER F 175 3.10 -35.17 -24.34
N GLU F 176 2.61 -36.39 -24.10
CA GLU F 176 1.47 -36.90 -24.85
C GLU F 176 0.25 -36.01 -24.69
N MET F 177 0.25 -35.15 -23.69
CA MET F 177 -0.87 -34.27 -23.37
C MET F 177 -0.76 -32.92 -24.09
N ILE F 178 0.45 -32.36 -24.14
CA ILE F 178 0.67 -31.12 -24.87
C ILE F 178 0.67 -31.37 -26.37
N GLY F 179 1.19 -32.52 -26.81
CA GLY F 179 1.25 -32.85 -28.23
C GLY F 179 2.62 -32.61 -28.82
N ILE F 180 3.67 -32.87 -28.03
CA ILE F 180 5.04 -32.67 -28.45
C ILE F 180 5.85 -33.90 -28.05
N HIS F 181 6.99 -34.07 -28.70
CA HIS F 181 7.80 -35.26 -28.47
C HIS F 181 8.33 -35.24 -27.03
N PRO F 182 8.36 -36.39 -26.34
CA PRO F 182 8.73 -36.38 -24.92
C PRO F 182 10.15 -35.90 -24.65
N SER F 183 11.05 -35.99 -25.62
CA SER F 183 12.42 -35.53 -25.39
C SER F 183 12.51 -34.03 -25.18
N ASN F 184 11.48 -33.28 -25.59
CA ASN F 184 11.52 -31.82 -25.50
C ASN F 184 10.83 -31.26 -24.28
N PHE F 185 10.10 -32.08 -23.52
CA PHE F 185 9.51 -31.66 -22.25
C PHE F 185 10.33 -32.25 -21.11
N HIS F 186 10.63 -31.42 -20.12
CA HIS F 186 11.55 -31.81 -19.05
C HIS F 186 10.94 -31.51 -17.70
N GLY F 187 10.97 -32.50 -16.82
CA GLY F 187 10.43 -32.38 -15.48
C GLY F 187 10.69 -33.66 -14.71
N CYS F 188 10.87 -33.56 -13.41
CA CYS F 188 11.18 -34.72 -12.58
C CYS F 188 10.23 -34.78 -11.40
N ILE F 189 10.04 -36.00 -10.90
CA ILE F 189 9.35 -36.22 -9.63
C ILE F 189 10.37 -36.80 -8.67
N LEU F 190 10.57 -36.13 -7.54
CA LEU F 190 11.57 -36.52 -6.56
C LEU F 190 10.92 -37.10 -5.32
N GLY F 191 11.76 -37.60 -4.42
CA GLY F 191 11.28 -38.14 -3.16
C GLY F 191 11.26 -39.65 -3.11
N GLU F 192 10.19 -40.20 -2.54
CA GLU F 192 10.07 -41.63 -2.33
C GLU F 192 9.51 -42.30 -3.58
N HIS F 193 10.03 -43.48 -3.90
CA HIS F 193 9.43 -44.28 -4.96
C HIS F 193 8.11 -44.85 -4.45
N GLY F 194 7.05 -44.07 -4.59
CA GLY F 194 5.75 -44.47 -4.06
C GLY F 194 4.76 -43.33 -4.18
N ASP F 195 3.67 -43.44 -3.43
CA ASP F 195 2.59 -42.46 -3.52
C ASP F 195 2.93 -41.13 -2.87
N SER F 196 4.09 -40.99 -2.24
CA SER F 196 4.47 -39.74 -1.58
C SER F 196 5.45 -38.92 -2.41
N SER F 197 5.84 -39.39 -3.58
CA SER F 197 6.77 -38.65 -4.43
C SER F 197 6.25 -37.25 -4.70
N VAL F 198 7.13 -36.34 -5.09
CA VAL F 198 6.82 -34.92 -5.22
C VAL F 198 6.99 -34.52 -6.67
N PRO F 199 6.05 -33.81 -7.29
CA PRO F 199 6.32 -33.19 -8.57
C PRO F 199 6.99 -31.84 -8.40
N ILE F 200 7.88 -31.51 -9.33
CA ILE F 200 8.59 -30.25 -9.27
C ILE F 200 8.04 -29.33 -10.36
N LEU F 201 6.83 -28.79 -10.13
CA LEU F 201 6.25 -27.88 -11.09
C LEU F 201 7.06 -26.61 -11.26
N SER F 202 7.96 -26.30 -10.33
CA SER F 202 8.78 -25.11 -10.42
C SER F 202 9.89 -25.23 -11.46
N GLY F 203 9.93 -26.31 -12.23
CA GLY F 203 10.97 -26.48 -13.23
C GLY F 203 10.52 -27.28 -14.45
N LEU F 204 9.21 -27.40 -14.66
CA LEU F 204 8.73 -27.91 -15.92
C LEU F 204 9.24 -27.03 -17.05
N ASN F 205 9.55 -27.65 -18.18
CA ASN F 205 10.21 -26.92 -19.26
C ASN F 205 9.97 -27.62 -20.58
N ILE F 206 9.70 -26.83 -21.62
CA ILE F 206 9.60 -27.32 -22.99
C ILE F 206 10.73 -26.66 -23.78
N ALA F 207 11.90 -27.28 -23.77
CA ALA F 207 13.03 -26.86 -24.60
C ALA F 207 13.39 -25.41 -24.33
N GLY F 208 13.65 -25.11 -23.05
CA GLY F 208 14.06 -23.79 -22.63
C GLY F 208 12.90 -22.82 -22.47
N MET F 209 11.86 -23.25 -21.75
CA MET F 209 10.65 -22.45 -21.58
C MET F 209 10.13 -22.55 -20.16
N SER F 210 8.83 -22.33 -19.96
CA SER F 210 8.25 -22.28 -18.63
C SER F 210 6.74 -22.59 -18.68
N ASP F 229 -1.92 -34.31 -10.44
CA ASP F 229 -2.97 -35.21 -10.94
C ASP F 229 -2.41 -36.13 -12.00
N VAL F 230 -1.78 -35.54 -13.01
CA VAL F 230 -0.92 -36.32 -13.90
C VAL F 230 0.07 -37.10 -13.05
N HIS F 231 0.51 -36.49 -11.95
CA HIS F 231 1.36 -37.15 -10.97
C HIS F 231 0.66 -38.39 -10.39
N LYS F 232 -0.50 -38.18 -9.77
CA LYS F 232 -1.20 -39.29 -9.13
C LYS F 232 -1.55 -40.39 -10.12
N LYS F 233 -1.71 -40.04 -11.40
CA LYS F 233 -1.93 -41.06 -12.42
C LYS F 233 -0.73 -41.98 -12.58
N VAL F 234 0.47 -41.51 -12.21
CA VAL F 234 1.67 -42.33 -12.33
C VAL F 234 1.85 -43.24 -11.13
N THR F 235 1.57 -42.73 -9.92
CA THR F 235 1.72 -43.56 -8.73
C THR F 235 0.57 -44.55 -8.59
N GLU F 236 -0.65 -44.13 -8.92
CA GLU F 236 -1.78 -45.05 -8.94
C GLU F 236 -1.56 -46.17 -9.96
N SER F 237 -1.15 -45.79 -11.17
CA SER F 237 -0.93 -46.77 -12.22
C SER F 237 0.19 -47.75 -11.87
N ALA F 238 1.04 -47.41 -10.91
CA ALA F 238 2.03 -48.37 -10.43
C ALA F 238 1.38 -49.43 -9.55
N TYR F 239 0.40 -49.03 -8.73
CA TYR F 239 -0.34 -49.99 -7.92
C TYR F 239 -1.00 -51.05 -8.80
N GLU F 240 -1.88 -50.62 -9.71
CA GLU F 240 -2.62 -51.57 -10.54
C GLU F 240 -1.70 -52.61 -11.18
N ILE F 241 -0.44 -52.25 -11.42
CA ILE F 241 0.49 -53.18 -12.05
C ILE F 241 0.95 -54.24 -11.05
N ILE F 242 1.03 -53.91 -9.77
CA ILE F 242 1.37 -54.91 -8.76
C ILE F 242 0.19 -55.84 -8.54
N LYS F 243 -1.00 -55.27 -8.34
CA LYS F 243 -2.20 -56.08 -8.14
C LYS F 243 -2.43 -57.01 -9.31
N LEU F 244 -2.59 -56.45 -10.52
CA LEU F 244 -2.89 -57.24 -11.70
C LEU F 244 -1.78 -58.22 -12.08
N LYS F 245 -0.60 -58.11 -11.46
CA LYS F 245 0.52 -58.99 -11.80
C LYS F 245 1.19 -59.58 -10.58
N GLY F 246 1.54 -58.72 -9.63
CA GLY F 246 2.39 -59.12 -8.52
C GLY F 246 3.75 -58.47 -8.62
N TYR F 247 4.39 -58.62 -9.79
CA TYR F 247 5.70 -58.04 -10.03
C TYR F 247 5.67 -57.12 -11.24
N THR F 248 6.64 -56.21 -11.28
CA THR F 248 6.82 -55.27 -12.38
C THR F 248 8.18 -55.55 -13.00
N SER F 249 8.19 -56.10 -14.22
CA SER F 249 9.41 -56.58 -14.85
C SER F 249 9.87 -55.68 -15.99
N TRP F 250 9.04 -55.52 -17.03
CA TRP F 250 9.51 -54.90 -18.26
C TRP F 250 9.91 -53.43 -18.03
N ALA F 251 9.10 -52.69 -17.26
CA ALA F 251 9.33 -51.25 -17.16
C ALA F 251 10.56 -50.92 -16.33
N ILE F 252 10.77 -51.66 -15.24
CA ILE F 252 11.92 -51.35 -14.39
C ILE F 252 13.21 -51.74 -15.08
N GLY F 253 13.16 -52.73 -15.98
CA GLY F 253 14.34 -53.10 -16.73
C GLY F 253 14.83 -52.00 -17.65
N LEU F 254 13.90 -51.22 -18.22
CA LEU F 254 14.26 -50.08 -19.04
C LEU F 254 14.94 -49.01 -18.21
N SER F 255 14.25 -48.52 -17.17
CA SER F 255 14.83 -47.52 -16.29
C SER F 255 16.20 -47.95 -15.76
N VAL F 256 16.39 -49.24 -15.53
CA VAL F 256 17.69 -49.73 -15.09
C VAL F 256 18.67 -49.78 -16.26
N GLY F 257 18.18 -50.01 -17.47
CA GLY F 257 19.02 -49.86 -18.64
C GLY F 257 19.43 -48.41 -18.86
N ASP F 258 18.47 -47.49 -18.75
CA ASP F 258 18.76 -46.07 -18.88
C ASP F 258 19.84 -45.64 -17.91
N LEU F 259 19.73 -46.07 -16.64
CA LEU F 259 20.73 -45.71 -15.65
C LEU F 259 22.06 -46.40 -15.94
N SER F 260 22.03 -47.71 -16.18
CA SER F 260 23.27 -48.45 -16.42
C SER F 260 24.08 -47.86 -17.56
N CYS F 261 23.43 -47.19 -18.52
CA CYS F 261 24.16 -46.59 -19.63
C CYS F 261 25.05 -45.46 -19.15
N SER F 262 24.46 -44.43 -18.56
CA SER F 262 25.23 -43.30 -18.07
C SER F 262 26.37 -43.76 -17.16
N LEU F 263 26.10 -44.72 -16.29
CA LEU F 263 27.12 -45.24 -15.38
C LEU F 263 28.28 -45.85 -16.15
N ILE F 264 27.98 -46.73 -17.10
CA ILE F 264 29.02 -47.50 -17.77
C ILE F 264 29.77 -46.66 -18.78
N LYS F 265 29.05 -45.85 -19.55
CA LYS F 265 29.65 -45.03 -20.59
C LYS F 265 30.00 -43.62 -20.12
N ASN F 266 29.85 -43.34 -18.82
CA ASN F 266 30.26 -42.07 -18.23
C ASN F 266 29.61 -40.89 -18.97
N LEU F 267 28.33 -41.02 -19.26
CA LEU F 267 27.62 -39.93 -19.94
C LEU F 267 27.50 -38.70 -19.05
N ARG F 268 27.61 -38.87 -17.74
CA ARG F 268 27.42 -37.76 -16.80
C ARG F 268 26.05 -37.12 -16.98
N LYS F 269 25.04 -37.96 -17.22
CA LYS F 269 23.66 -37.51 -17.33
C LYS F 269 23.05 -37.36 -15.93
N VAL F 270 21.95 -36.62 -15.89
CA VAL F 270 21.27 -36.30 -14.63
C VAL F 270 20.04 -37.17 -14.51
N HIS F 271 19.98 -37.97 -13.45
CA HIS F 271 18.84 -38.83 -13.17
C HIS F 271 18.38 -38.64 -11.73
N PRO F 272 17.06 -38.57 -11.48
CA PRO F 272 16.58 -38.60 -10.10
C PRO F 272 16.71 -39.99 -9.49
N VAL F 273 17.71 -40.21 -8.65
CA VAL F 273 17.98 -41.52 -8.07
C VAL F 273 18.30 -41.37 -6.58
N SER F 274 18.23 -42.50 -5.88
CA SER F 274 18.23 -42.50 -4.42
C SER F 274 19.66 -42.40 -3.87
N THR F 275 19.89 -41.38 -3.05
CA THR F 275 21.12 -41.28 -2.27
C THR F 275 20.84 -40.39 -1.07
N LEU F 276 21.88 -40.12 -0.28
CA LEU F 276 21.75 -39.31 0.92
C LEU F 276 21.18 -37.93 0.59
N VAL F 277 20.20 -37.49 1.38
CA VAL F 277 19.59 -36.19 1.20
C VAL F 277 19.51 -35.38 2.48
N LYS F 278 19.91 -35.93 3.62
CA LYS F 278 19.92 -35.14 4.85
C LYS F 278 20.83 -33.93 4.66
N GLY F 279 20.30 -32.76 4.99
CA GLY F 279 20.93 -31.49 4.69
C GLY F 279 20.16 -30.66 3.70
N GLN F 280 19.27 -31.28 2.91
CA GLN F 280 18.46 -30.58 1.94
C GLN F 280 17.02 -30.54 2.41
N PHE F 281 16.38 -29.38 2.26
CA PHE F 281 14.95 -29.22 2.48
C PHE F 281 14.53 -29.41 3.93
N GLY F 282 15.44 -29.20 4.88
CA GLY F 282 15.09 -29.27 6.29
C GLY F 282 14.89 -30.68 6.82
N ILE F 283 15.54 -31.67 6.22
CA ILE F 283 15.52 -33.02 6.78
C ILE F 283 16.61 -33.11 7.84
N ASP F 284 16.39 -33.99 8.83
CA ASP F 284 17.29 -34.07 9.98
C ASP F 284 17.78 -35.48 10.27
N ASN F 285 17.58 -36.44 9.38
CA ASN F 285 18.03 -37.80 9.64
C ASN F 285 18.46 -38.45 8.32
N GLU F 286 19.21 -39.54 8.46
CA GLU F 286 19.85 -40.20 7.32
C GLU F 286 18.84 -40.93 6.43
N VAL F 287 18.08 -40.18 5.65
CA VAL F 287 17.14 -40.73 4.69
C VAL F 287 17.76 -40.65 3.30
N PHE F 288 17.49 -41.66 2.48
CA PHE F 288 17.89 -41.67 1.06
C PHE F 288 16.62 -41.61 0.23
N LEU F 289 16.44 -40.52 -0.52
CA LEU F 289 15.38 -40.43 -1.52
C LEU F 289 15.99 -40.00 -2.85
N SER F 290 15.13 -39.86 -3.86
CA SER F 290 15.58 -39.53 -5.20
C SER F 290 15.88 -38.05 -5.33
N VAL F 291 17.15 -37.72 -5.57
CA VAL F 291 17.55 -36.36 -5.91
C VAL F 291 18.21 -36.39 -7.29
N PRO F 292 18.16 -35.31 -8.07
CA PRO F 292 18.78 -35.34 -9.41
C PRO F 292 20.29 -35.49 -9.29
N CYS F 293 20.81 -36.61 -9.79
CA CYS F 293 22.20 -36.98 -9.60
C CYS F 293 22.92 -37.09 -10.93
N VAL F 294 24.21 -36.74 -10.92
CA VAL F 294 25.06 -36.80 -12.10
C VAL F 294 25.76 -38.15 -12.08
N LEU F 295 25.27 -39.09 -12.88
CA LEU F 295 25.73 -40.46 -12.86
C LEU F 295 26.80 -40.68 -13.93
N GLY F 296 27.85 -41.42 -13.57
CA GLY F 296 28.92 -41.65 -14.51
C GLY F 296 29.82 -42.79 -14.10
N ARG F 297 30.94 -42.90 -14.81
CA ARG F 297 31.96 -43.93 -14.61
C ARG F 297 32.20 -44.28 -13.14
N ASN F 298 32.07 -43.29 -12.25
CA ASN F 298 32.37 -43.45 -10.84
C ASN F 298 31.12 -43.44 -9.97
N GLY F 299 29.97 -43.78 -10.54
CA GLY F 299 28.72 -43.71 -9.81
C GLY F 299 28.23 -42.28 -9.79
N ILE F 300 27.84 -41.79 -8.61
CA ILE F 300 27.38 -40.42 -8.48
C ILE F 300 28.58 -39.50 -8.36
N SER F 301 28.51 -38.35 -9.02
CA SER F 301 29.60 -37.38 -9.08
C SER F 301 29.25 -36.05 -8.45
N GLU F 302 28.03 -35.58 -8.63
CA GLU F 302 27.53 -34.39 -7.95
C GLU F 302 26.07 -34.60 -7.60
N VAL F 303 25.61 -33.88 -6.59
CA VAL F 303 24.21 -33.93 -6.15
C VAL F 303 23.65 -32.51 -6.22
N PHE F 304 22.53 -32.36 -6.91
CA PHE F 304 21.90 -31.05 -7.06
C PHE F 304 21.09 -30.72 -5.81
N LYS F 305 21.43 -29.60 -5.17
CA LYS F 305 20.77 -29.20 -3.93
C LYS F 305 19.88 -27.98 -4.17
N LYS F 307 16.92 -26.20 -4.49
CA LYS F 307 16.22 -25.34 -3.53
C LYS F 307 15.03 -24.66 -4.21
N LEU F 308 13.83 -25.17 -3.93
CA LEU F 308 12.63 -24.80 -4.65
C LEU F 308 11.56 -24.27 -3.69
N THR F 309 10.35 -24.10 -4.22
CA THR F 309 9.26 -23.50 -3.46
C THR F 309 9.09 -24.20 -2.13
N VAL F 310 8.64 -23.44 -1.13
CA VAL F 310 8.38 -24.02 0.20
C VAL F 310 7.25 -25.03 0.10
N GLU F 311 6.21 -24.70 -0.64
CA GLU F 311 5.10 -25.61 -0.93
C GLU F 311 5.60 -27.00 -1.27
N GLU F 312 6.79 -27.08 -1.88
CA GLU F 312 7.36 -28.35 -2.34
C GLU F 312 8.50 -28.85 -1.47
N GLU F 313 9.28 -27.96 -0.85
CA GLU F 313 10.37 -28.43 0.01
C GLU F 313 9.84 -29.11 1.27
N GLN F 314 8.74 -28.61 1.81
CA GLN F 314 8.10 -29.30 2.93
C GLN F 314 7.44 -30.59 2.46
N GLN F 315 6.92 -30.61 1.23
CA GLN F 315 6.48 -31.86 0.63
C GLN F 315 7.61 -32.89 0.61
N LEU F 316 8.86 -32.42 0.54
CA LEU F 316 9.99 -33.33 0.52
C LEU F 316 10.30 -33.90 1.89
N LYS F 317 10.03 -33.16 2.97
CA LYS F 317 10.15 -33.73 4.30
C LYS F 317 8.97 -34.65 4.62
N ASN F 318 7.75 -34.22 4.27
CA ASN F 318 6.59 -35.09 4.40
C ASN F 318 6.85 -36.43 3.72
N SER F 319 7.51 -36.41 2.55
CA SER F 319 7.86 -37.66 1.89
C SER F 319 8.99 -38.37 2.62
N ALA F 320 9.88 -37.61 3.27
CA ALA F 320 10.88 -38.23 4.13
C ALA F 320 10.28 -38.64 5.46
N GLU F 321 9.34 -37.85 5.98
CA GLU F 321 8.58 -38.25 7.15
C GLU F 321 7.89 -39.58 6.93
N THR F 322 7.08 -39.67 5.86
CA THR F 322 6.53 -40.95 5.45
C THR F 322 7.59 -42.03 5.39
N ILE F 323 8.84 -41.65 5.09
CA ILE F 323 9.96 -42.56 5.15
C ILE F 323 10.50 -42.60 6.57
N THR F 326 9.40 -46.52 9.10
CA THR F 326 9.89 -47.80 8.60
C THR F 326 11.42 -47.87 8.64
N GLN F 327 12.06 -46.70 8.68
CA GLN F 327 13.52 -46.64 8.75
C GLN F 327 14.03 -47.29 10.03
N LYS F 328 13.64 -46.73 11.18
CA LYS F 328 14.17 -47.13 12.47
C LYS F 328 13.53 -48.39 13.03
N ASP F 329 12.90 -49.21 12.19
CA ASP F 329 12.18 -50.40 12.64
C ASP F 329 12.78 -51.68 12.07
N ILE F 330 14.11 -51.72 11.94
CA ILE F 330 14.81 -52.93 11.55
C ILE F 330 16.26 -52.80 12.00
N GLN F 331 16.92 -53.95 12.20
CA GLN F 331 18.17 -54.01 12.94
C GLN F 331 19.37 -54.07 12.01
N LEU F 332 20.34 -53.19 12.26
CA LEU F 332 21.60 -53.20 11.53
C LEU F 332 22.67 -53.94 12.33
#